data_2P14
# 
_entry.id   2P14 
# 
_audit_conform.dict_name       mmcif_pdbx.dic 
_audit_conform.dict_version    5.377 
_audit_conform.dict_location   http://mmcif.pdb.org/dictionaries/ascii/mmcif_pdbx.dic 
# 
loop_
_database_2.database_id 
_database_2.database_code 
_database_2.pdbx_database_accession 
_database_2.pdbx_DOI 
PDB   2P14         pdb_00002p14 10.2210/pdb2p14/pdb 
RCSB  RCSB041835   ?            ?                   
WWPDB D_1000041835 ?            ?                   
# 
_pdbx_database_related.db_name        PDB 
_pdbx_database_related.db_id          2ewf 
_pdbx_database_related.details        
;Crystal structure of the site-specific DNA nickase N.BspD6I (large subunit (R.BspD6I2) of the heterodimeric restriction endonuclease R.BspD6I )
;
_pdbx_database_related.content_type   unspecified 
# 
_pdbx_database_status.entry_id                        2P14 
_pdbx_database_status.deposit_site                    RCSB 
_pdbx_database_status.process_site                    RCSB 
_pdbx_database_status.recvd_initial_deposition_date   2007-03-02 
_pdbx_database_status.status_code                     REL 
_pdbx_database_status.status_code_sf                  REL 
_pdbx_database_status.status_code_mr                  ? 
_pdbx_database_status.SG_entry                        ? 
_pdbx_database_status.pdb_format_compatible           Y 
_pdbx_database_status.status_code_cs                  ? 
_pdbx_database_status.status_code_nmr_data            ? 
_pdbx_database_status.methods_development_category    ? 
# 
loop_
_audit_author.name 
_audit_author.pdbx_ordinal 
'Kachalova, G.S.'  1 
'Bartunik, H.D.'   2 
'Artyukh, R.I.'    3 
'Rogulin, E.A.'    4 
'Yunusova, A.K.'   5 
'Zheleznaya, L.A.' 6 
'Matvienko, N.I.'  7 
# 
_citation.id                        primary 
_citation.title                     
;Structural analysis of the heterodimeric type IIS restriction endonuclease R.BspD6I acting as a complex between a monomeric site-specific nickase and a catalytic subunit.
;
_citation.journal_abbrev            J.Mol.Biol. 
_citation.journal_volume            384 
_citation.page_first                489 
_citation.page_last                 502 
_citation.year                      2008 
_citation.journal_id_ASTM           JMOBAK 
_citation.country                   UK 
_citation.journal_id_ISSN           0022-2836 
_citation.journal_id_CSD            0070 
_citation.book_publisher            ? 
_citation.pdbx_database_id_PubMed   18835275 
_citation.pdbx_database_id_DOI      10.1016/j.jmb.2008.09.033 
# 
loop_
_citation_author.citation_id 
_citation_author.name 
_citation_author.ordinal 
_citation_author.identifier_ORCID 
primary 'Kachalova, G.S.'   1 ? 
primary 'Rogulin, E.A.'     2 ? 
primary 'Yunusova, A.K.'    3 ? 
primary 'Artyukh, R.I.'     4 ? 
primary 'Perevyazova, T.A.' 5 ? 
primary 'Matvienko, N.I.'   6 ? 
primary 'Zheleznaya, L.A.'  7 ? 
primary 'Bartunik, H.D.'    8 ? 
# 
_cell.length_a           38.429 
_cell.length_b           38.360 
_cell.length_c           61.995 
_cell.angle_alpha        90.000 
_cell.angle_beta         101.470 
_cell.angle_gamma        90.000 
_cell.entry_id           2P14 
_cell.pdbx_unique_axis   ? 
_cell.Z_PDB              2 
_cell.length_a_esd       ? 
_cell.length_b_esd       ? 
_cell.length_c_esd       ? 
_cell.angle_alpha_esd    ? 
_cell.angle_beta_esd     ? 
_cell.angle_gamma_esd    ? 
# 
_symmetry.space_group_name_H-M             'P 1 21 1' 
_symmetry.entry_id                         2P14 
_symmetry.pdbx_full_space_group_name_H-M   ? 
_symmetry.Int_Tables_number                4 
_symmetry.cell_setting                     ? 
_symmetry.space_group_name_Hall            ? 
# 
loop_
_entity.id 
_entity.type 
_entity.src_method 
_entity.pdbx_description 
_entity.formula_weight 
_entity.pdbx_number_of_molecules 
_entity.pdbx_ec 
_entity.pdbx_mutation 
_entity.pdbx_fragment 
_entity.details 
1 polymer     man 'Heterodimeric restriction endonuclease R.BspD6I small subunit' 22508.512 1   3.1.21.4 ? ? ? 
2 non-polymer syn 'SULFATE ION'                                                   96.063    2   ?        ? ? ? 
3 non-polymer syn GLYCEROL                                                        92.094    1   ?        ? ? ? 
4 water       nat water                                                           18.015    159 ?        ? ? ? 
# 
_entity_poly.entity_id                      1 
_entity_poly.type                           'polypeptide(L)' 
_entity_poly.nstd_linkage                   no 
_entity_poly.nstd_monomer                   no 
_entity_poly.pdbx_seq_one_letter_code       
;MQDILDFYEEVEKTINPPNYFEWNTYRVFKKLGSYKNLVPNFKLDDSGHPIGNAIPGVEDILVEYEHFSILIECSLTIGE
KQLDYEGDSVVRHLQEYKKKGIEAYTLFLGKSIDLSFARHIGFNKESEPVIPLTVDQFKKLVTQLKGDGEHFNPNKLKEI
LIKLLRSDLGYDQAEEWLTFIEYNLKHHHHHH
;
_entity_poly.pdbx_seq_one_letter_code_can   
;MQDILDFYEEVEKTINPPNYFEWNTYRVFKKLGSYKNLVPNFKLDDSGHPIGNAIPGVEDILVEYEHFSILIECSLTIGE
KQLDYEGDSVVRHLQEYKKKGIEAYTLFLGKSIDLSFARHIGFNKESEPVIPLTVDQFKKLVTQLKGDGEHFNPNKLKEI
LIKLLRSDLGYDQAEEWLTFIEYNLKHHHHHH
;
_entity_poly.pdbx_strand_id                 A 
_entity_poly.pdbx_target_identifier         ? 
# 
loop_
_entity_poly_seq.entity_id 
_entity_poly_seq.num 
_entity_poly_seq.mon_id 
_entity_poly_seq.hetero 
1 1   MET n 
1 2   GLN n 
1 3   ASP n 
1 4   ILE n 
1 5   LEU n 
1 6   ASP n 
1 7   PHE n 
1 8   TYR n 
1 9   GLU n 
1 10  GLU n 
1 11  VAL n 
1 12  GLU n 
1 13  LYS n 
1 14  THR n 
1 15  ILE n 
1 16  ASN n 
1 17  PRO n 
1 18  PRO n 
1 19  ASN n 
1 20  TYR n 
1 21  PHE n 
1 22  GLU n 
1 23  TRP n 
1 24  ASN n 
1 25  THR n 
1 26  TYR n 
1 27  ARG n 
1 28  VAL n 
1 29  PHE n 
1 30  LYS n 
1 31  LYS n 
1 32  LEU n 
1 33  GLY n 
1 34  SER n 
1 35  TYR n 
1 36  LYS n 
1 37  ASN n 
1 38  LEU n 
1 39  VAL n 
1 40  PRO n 
1 41  ASN n 
1 42  PHE n 
1 43  LYS n 
1 44  LEU n 
1 45  ASP n 
1 46  ASP n 
1 47  SER n 
1 48  GLY n 
1 49  HIS n 
1 50  PRO n 
1 51  ILE n 
1 52  GLY n 
1 53  ASN n 
1 54  ALA n 
1 55  ILE n 
1 56  PRO n 
1 57  GLY n 
1 58  VAL n 
1 59  GLU n 
1 60  ASP n 
1 61  ILE n 
1 62  LEU n 
1 63  VAL n 
1 64  GLU n 
1 65  TYR n 
1 66  GLU n 
1 67  HIS n 
1 68  PHE n 
1 69  SER n 
1 70  ILE n 
1 71  LEU n 
1 72  ILE n 
1 73  GLU n 
1 74  CYS n 
1 75  SER n 
1 76  LEU n 
1 77  THR n 
1 78  ILE n 
1 79  GLY n 
1 80  GLU n 
1 81  LYS n 
1 82  GLN n 
1 83  LEU n 
1 84  ASP n 
1 85  TYR n 
1 86  GLU n 
1 87  GLY n 
1 88  ASP n 
1 89  SER n 
1 90  VAL n 
1 91  VAL n 
1 92  ARG n 
1 93  HIS n 
1 94  LEU n 
1 95  GLN n 
1 96  GLU n 
1 97  TYR n 
1 98  LYS n 
1 99  LYS n 
1 100 LYS n 
1 101 GLY n 
1 102 ILE n 
1 103 GLU n 
1 104 ALA n 
1 105 TYR n 
1 106 THR n 
1 107 LEU n 
1 108 PHE n 
1 109 LEU n 
1 110 GLY n 
1 111 LYS n 
1 112 SER n 
1 113 ILE n 
1 114 ASP n 
1 115 LEU n 
1 116 SER n 
1 117 PHE n 
1 118 ALA n 
1 119 ARG n 
1 120 HIS n 
1 121 ILE n 
1 122 GLY n 
1 123 PHE n 
1 124 ASN n 
1 125 LYS n 
1 126 GLU n 
1 127 SER n 
1 128 GLU n 
1 129 PRO n 
1 130 VAL n 
1 131 ILE n 
1 132 PRO n 
1 133 LEU n 
1 134 THR n 
1 135 VAL n 
1 136 ASP n 
1 137 GLN n 
1 138 PHE n 
1 139 LYS n 
1 140 LYS n 
1 141 LEU n 
1 142 VAL n 
1 143 THR n 
1 144 GLN n 
1 145 LEU n 
1 146 LYS n 
1 147 GLY n 
1 148 ASP n 
1 149 GLY n 
1 150 GLU n 
1 151 HIS n 
1 152 PHE n 
1 153 ASN n 
1 154 PRO n 
1 155 ASN n 
1 156 LYS n 
1 157 LEU n 
1 158 LYS n 
1 159 GLU n 
1 160 ILE n 
1 161 LEU n 
1 162 ILE n 
1 163 LYS n 
1 164 LEU n 
1 165 LEU n 
1 166 ARG n 
1 167 SER n 
1 168 ASP n 
1 169 LEU n 
1 170 GLY n 
1 171 TYR n 
1 172 ASP n 
1 173 GLN n 
1 174 ALA n 
1 175 GLU n 
1 176 GLU n 
1 177 TRP n 
1 178 LEU n 
1 179 THR n 
1 180 PHE n 
1 181 ILE n 
1 182 GLU n 
1 183 TYR n 
1 184 ASN n 
1 185 LEU n 
1 186 LYS n 
1 187 HIS n 
1 188 HIS n 
1 189 HIS n 
1 190 HIS n 
1 191 HIS n 
1 192 HIS n 
# 
_entity_src_gen.entity_id                          1 
_entity_src_gen.pdbx_src_id                        1 
_entity_src_gen.pdbx_alt_source_flag               sample 
_entity_src_gen.pdbx_seq_type                      ? 
_entity_src_gen.pdbx_beg_seq_num                   ? 
_entity_src_gen.pdbx_end_seq_num                   ? 
_entity_src_gen.gene_src_common_name               ? 
_entity_src_gen.gene_src_genus                     Bacillus 
_entity_src_gen.pdbx_gene_src_gene                 bspD6IR2 
_entity_src_gen.gene_src_species                   ? 
_entity_src_gen.gene_src_strain                    D6 
_entity_src_gen.gene_src_tissue                    ? 
_entity_src_gen.gene_src_tissue_fraction           ? 
_entity_src_gen.gene_src_details                   ? 
_entity_src_gen.pdbx_gene_src_fragment             ? 
_entity_src_gen.pdbx_gene_src_scientific_name      'Bacillus sp.' 
_entity_src_gen.pdbx_gene_src_ncbi_taxonomy_id     127889 
_entity_src_gen.pdbx_gene_src_variant              ? 
_entity_src_gen.pdbx_gene_src_cell_line            ? 
_entity_src_gen.pdbx_gene_src_atcc                 ? 
_entity_src_gen.pdbx_gene_src_organ                ? 
_entity_src_gen.pdbx_gene_src_organelle            ? 
_entity_src_gen.pdbx_gene_src_cell                 ? 
_entity_src_gen.pdbx_gene_src_cellular_location    ? 
_entity_src_gen.host_org_common_name               ? 
_entity_src_gen.pdbx_host_org_scientific_name      'Escherichia coli BL21(DE3)' 
_entity_src_gen.pdbx_host_org_ncbi_taxonomy_id     469008 
_entity_src_gen.host_org_genus                     Escherichia 
_entity_src_gen.pdbx_host_org_gene                 ? 
_entity_src_gen.pdbx_host_org_organ                ? 
_entity_src_gen.host_org_species                   'Escherichia coli' 
_entity_src_gen.pdbx_host_org_tissue               ? 
_entity_src_gen.pdbx_host_org_tissue_fraction      ? 
_entity_src_gen.pdbx_host_org_strain               'BL21(DE3)' 
_entity_src_gen.pdbx_host_org_variant              ? 
_entity_src_gen.pdbx_host_org_cell_line            ? 
_entity_src_gen.pdbx_host_org_atcc                 ? 
_entity_src_gen.pdbx_host_org_culture_collection   ? 
_entity_src_gen.pdbx_host_org_cell                 ? 
_entity_src_gen.pdbx_host_org_organelle            ? 
_entity_src_gen.pdbx_host_org_cellular_location    ? 
_entity_src_gen.pdbx_host_org_vector_type          plasmid 
_entity_src_gen.pdbx_host_org_vector               ? 
_entity_src_gen.host_org_details                   ? 
_entity_src_gen.expression_system_id               ? 
_entity_src_gen.plasmid_name                       pET28c 
_entity_src_gen.plasmid_details                    ? 
_entity_src_gen.pdbx_description                   ? 
# 
_struct_ref.id                         1 
_struct_ref.db_name                    UNP 
_struct_ref.db_code                    A3FEV8_9BACI 
_struct_ref.pdbx_db_accession          A3FEV8 
_struct_ref.entity_id                  1 
_struct_ref.pdbx_seq_one_letter_code   
;MQDILDFYEEVEKTINPPNYFEWNTYRVFKKLGSYKNLVPNFKLDDSGHPIGNAIPGVEDILVEYEHFSILIECSLTIGE
KQLDYEGDSVVRHLQEYKKKGIEAYTLFLGKSIDLSFARHIGFNKESEPVIPLTVDQFKKLVTQLKGDGEHFNPNKLKEI
LIKLLRSDLGYDQAEEWLTFIEYNLK
;
_struct_ref.pdbx_align_begin           1 
_struct_ref.pdbx_db_isoform            ? 
# 
_struct_ref_seq.align_id                      1 
_struct_ref_seq.ref_id                        1 
_struct_ref_seq.pdbx_PDB_id_code              2P14 
_struct_ref_seq.pdbx_strand_id                A 
_struct_ref_seq.seq_align_beg                 1 
_struct_ref_seq.pdbx_seq_align_beg_ins_code   ? 
_struct_ref_seq.seq_align_end                 186 
_struct_ref_seq.pdbx_seq_align_end_ins_code   ? 
_struct_ref_seq.pdbx_db_accession             A3FEV8 
_struct_ref_seq.db_align_beg                  1 
_struct_ref_seq.pdbx_db_align_beg_ins_code    ? 
_struct_ref_seq.db_align_end                  186 
_struct_ref_seq.pdbx_db_align_end_ins_code    ? 
_struct_ref_seq.pdbx_auth_seq_align_beg       1 
_struct_ref_seq.pdbx_auth_seq_align_end       186 
# 
loop_
_struct_ref_seq_dif.align_id 
_struct_ref_seq_dif.pdbx_pdb_id_code 
_struct_ref_seq_dif.mon_id 
_struct_ref_seq_dif.pdbx_pdb_strand_id 
_struct_ref_seq_dif.seq_num 
_struct_ref_seq_dif.pdbx_pdb_ins_code 
_struct_ref_seq_dif.pdbx_seq_db_name 
_struct_ref_seq_dif.pdbx_seq_db_accession_code 
_struct_ref_seq_dif.db_mon_id 
_struct_ref_seq_dif.pdbx_seq_db_seq_num 
_struct_ref_seq_dif.details 
_struct_ref_seq_dif.pdbx_auth_seq_num 
_struct_ref_seq_dif.pdbx_ordinal 
1 2P14 HIS A 187 ? UNP A3FEV8 ? ? 'expression tag' 187 1 
1 2P14 HIS A 188 ? UNP A3FEV8 ? ? 'expression tag' 188 2 
1 2P14 HIS A 189 ? UNP A3FEV8 ? ? 'expression tag' 189 3 
1 2P14 HIS A 190 ? UNP A3FEV8 ? ? 'expression tag' 190 4 
1 2P14 HIS A 191 ? UNP A3FEV8 ? ? 'expression tag' 191 5 
1 2P14 HIS A 192 ? UNP A3FEV8 ? ? 'expression tag' 192 6 
# 
loop_
_chem_comp.id 
_chem_comp.type 
_chem_comp.mon_nstd_flag 
_chem_comp.name 
_chem_comp.pdbx_synonyms 
_chem_comp.formula 
_chem_comp.formula_weight 
ALA 'L-peptide linking' y ALANINE         ?                               'C3 H7 N O2'     89.093  
ARG 'L-peptide linking' y ARGININE        ?                               'C6 H15 N4 O2 1' 175.209 
ASN 'L-peptide linking' y ASPARAGINE      ?                               'C4 H8 N2 O3'    132.118 
ASP 'L-peptide linking' y 'ASPARTIC ACID' ?                               'C4 H7 N O4'     133.103 
CYS 'L-peptide linking' y CYSTEINE        ?                               'C3 H7 N O2 S'   121.158 
GLN 'L-peptide linking' y GLUTAMINE       ?                               'C5 H10 N2 O3'   146.144 
GLU 'L-peptide linking' y 'GLUTAMIC ACID' ?                               'C5 H9 N O4'     147.129 
GLY 'peptide linking'   y GLYCINE         ?                               'C2 H5 N O2'     75.067  
GOL non-polymer         . GLYCEROL        'GLYCERIN; PROPANE-1,2,3-TRIOL' 'C3 H8 O3'       92.094  
HIS 'L-peptide linking' y HISTIDINE       ?                               'C6 H10 N3 O2 1' 156.162 
HOH non-polymer         . WATER           ?                               'H2 O'           18.015  
ILE 'L-peptide linking' y ISOLEUCINE      ?                               'C6 H13 N O2'    131.173 
LEU 'L-peptide linking' y LEUCINE         ?                               'C6 H13 N O2'    131.173 
LYS 'L-peptide linking' y LYSINE          ?                               'C6 H15 N2 O2 1' 147.195 
MET 'L-peptide linking' y METHIONINE      ?                               'C5 H11 N O2 S'  149.211 
PHE 'L-peptide linking' y PHENYLALANINE   ?                               'C9 H11 N O2'    165.189 
PRO 'L-peptide linking' y PROLINE         ?                               'C5 H9 N O2'     115.130 
SER 'L-peptide linking' y SERINE          ?                               'C3 H7 N O3'     105.093 
SO4 non-polymer         . 'SULFATE ION'   ?                               'O4 S -2'        96.063  
THR 'L-peptide linking' y THREONINE       ?                               'C4 H9 N O3'     119.119 
TRP 'L-peptide linking' y TRYPTOPHAN      ?                               'C11 H12 N2 O2'  204.225 
TYR 'L-peptide linking' y TYROSINE        ?                               'C9 H11 N O3'    181.189 
VAL 'L-peptide linking' y VALINE          ?                               'C5 H11 N O2'    117.146 
# 
_exptl.crystals_number   1 
_exptl.entry_id          2P14 
_exptl.method            'X-RAY DIFFRACTION' 
# 
_exptl_crystal.id                    1 
_exptl_crystal.density_Matthews      1.99 
_exptl_crystal.density_meas          ? 
_exptl_crystal.density_percent_sol   38.18 
_exptl_crystal.description           ? 
_exptl_crystal.F_000                 ? 
_exptl_crystal.preparation           ? 
# 
_exptl_crystal_grow.crystal_id      1 
_exptl_crystal_grow.method          'VAPOR DIFFUSION, SITTING DROP' 
_exptl_crystal_grow.pH              10.5 
_exptl_crystal_grow.temp            298.0 
_exptl_crystal_grow.temp_details    ? 
_exptl_crystal_grow.pdbx_details    '2.0 M (NH4)2SO4, 0.2 M Li2SO4, pH 10.5, VAPOR DIFFUSION, SITTING DROP, temperature 298.0K' 
_exptl_crystal_grow.pdbx_pH_range   . 
# 
_diffrn.id                     1 
_diffrn.ambient_temp           100.0 
_diffrn.ambient_temp_details   ? 
_diffrn.crystal_id             1 
# 
_diffrn_detector.diffrn_id              1 
_diffrn_detector.detector               CCD 
_diffrn_detector.type                   'MAR CCD 165 mm' 
_diffrn_detector.pdbx_collection_date   2006-12-17 
_diffrn_detector.details                'AU-COATED PLANAR and TOROIDAL MIRRORS' 
# 
_diffrn_radiation.diffrn_id                        1 
_diffrn_radiation.wavelength_id                    1 
_diffrn_radiation.pdbx_diffrn_protocol             'SINGLE WAVELENGTH' 
_diffrn_radiation.monochromator                    SI111 
_diffrn_radiation.pdbx_monochromatic_or_laue_m_l   M 
_diffrn_radiation.pdbx_scattering_type             x-ray 
# 
_diffrn_radiation_wavelength.id           1 
_diffrn_radiation_wavelength.wavelength   1.05 
_diffrn_radiation_wavelength.wt           1.0 
# 
_diffrn_source.diffrn_id                   1 
_diffrn_source.source                      SYNCHROTRON 
_diffrn_source.type                        'MPG/DESY, HAMBURG BEAMLINE BW6' 
_diffrn_source.pdbx_wavelength             ? 
_diffrn_source.pdbx_wavelength_list        1.05 
_diffrn_source.pdbx_synchrotron_site       'MPG/DESY, HAMBURG' 
_diffrn_source.pdbx_synchrotron_beamline   BW6 
# 
_reflns.entry_id                     2P14 
_reflns.observed_criterion_sigma_F   ? 
_reflns.observed_criterion_sigma_I   2.0 
_reflns.d_resolution_high            1.5 
_reflns.d_resolution_low             20.0 
_reflns.number_all                   29298 
_reflns.number_obs                   28430 
_reflns.percent_possible_obs         99.3 
_reflns.pdbx_Rmerge_I_obs            0.054 
_reflns.pdbx_Rsym_value              ? 
_reflns.pdbx_netI_over_sigmaI        21.2 
_reflns.B_iso_Wilson_estimate        18.66 
_reflns.pdbx_redundancy              2.91 
_reflns.R_free_details               ? 
_reflns.limit_h_max                  ? 
_reflns.limit_h_min                  ? 
_reflns.limit_k_max                  ? 
_reflns.limit_k_min                  ? 
_reflns.limit_l_max                  ? 
_reflns.limit_l_min                  ? 
_reflns.observed_criterion_F_max     ? 
_reflns.observed_criterion_F_min     ? 
_reflns.pdbx_chi_squared             ? 
_reflns.pdbx_scaling_rejects         ? 
_reflns.pdbx_ordinal                 1 
_reflns.pdbx_diffrn_id               1 
# 
_reflns_shell.d_res_high             1.50 
_reflns_shell.d_res_low              1.53 
_reflns_shell.percent_possible_obs   ? 
_reflns_shell.percent_possible_all   ? 
_reflns_shell.Rmerge_I_obs           0.47 
_reflns_shell.meanI_over_sigI_obs    2.24 
_reflns_shell.pdbx_Rsym_value        ? 
_reflns_shell.pdbx_redundancy        2.87 
_reflns_shell.number_unique_all      1428 
_reflns_shell.number_measured_all    ? 
_reflns_shell.number_measured_obs    ? 
_reflns_shell.number_unique_obs      ? 
_reflns_shell.pdbx_chi_squared       ? 
_reflns_shell.pdbx_ordinal           1 
_reflns_shell.pdbx_diffrn_id         1 
# 
_refine.entry_id                                 2P14 
_refine.ls_d_res_high                            1.500 
_refine.ls_d_res_low                             10.750 
_refine.pdbx_ls_sigma_F                          0.00 
_refine.ls_percent_reflns_obs                    99.370 
_refine.ls_number_reflns_obs                     28355 
_refine.pdbx_ls_cross_valid_method               THROUGHOUT 
_refine.pdbx_R_Free_selection_details            RANDOM 
_refine.ls_R_factor_obs                          0.179 
_refine.ls_R_factor_R_work                       0.177 
_refine.ls_R_factor_R_free                       0.211 
_refine.ls_percent_reflns_R_free                 5.000 
_refine.ls_number_reflns_R_free                  1428 
_refine.B_iso_mean                               18.891 
_refine.aniso_B[1][1]                            0.330 
_refine.aniso_B[2][2]                            -0.890 
_refine.aniso_B[3][3]                            0.420 
_refine.aniso_B[1][2]                            0.000 
_refine.aniso_B[1][3]                            -0.360 
_refine.aniso_B[2][3]                            0.000 
_refine.correlation_coeff_Fo_to_Fc               0.965 
_refine.correlation_coeff_Fo_to_Fc_free          0.955 
_refine.pdbx_overall_ESU_R                       0.081 
_refine.pdbx_overall_ESU_R_Free                  0.083 
_refine.overall_SU_ML                            0.053 
_refine.overall_SU_B                             1.399 
_refine.solvent_model_details                    MASK 
_refine.pdbx_solvent_vdw_probe_radii             1.200 
_refine.pdbx_solvent_ion_probe_radii             0.800 
_refine.pdbx_solvent_shrinkage_radii             0.800 
_refine.pdbx_stereochemistry_target_values       'MAXIMUM LIKELIHOOD' 
_refine.pdbx_ls_sigma_I                          ? 
_refine.ls_number_reflns_all                     ? 
_refine.ls_R_factor_all                          ? 
_refine.ls_redundancy_reflns_obs                 ? 
_refine.pdbx_data_cutoff_high_absF               ? 
_refine.pdbx_data_cutoff_low_absF                ? 
_refine.ls_number_parameters                     ? 
_refine.ls_number_restraints                     ? 
_refine.ls_R_factor_R_free_error                 ? 
_refine.ls_R_factor_R_free_error_details         ? 
_refine.pdbx_method_to_determine_struct          'MOLECULAR REPLACEMENT' 
_refine.pdbx_starting_model                      'PDB ENTRY 2ewf' 
_refine.pdbx_stereochem_target_val_spec_case     ? 
_refine.solvent_model_param_bsol                 ? 
_refine.solvent_model_param_ksol                 ? 
_refine.occupancy_max                            ? 
_refine.occupancy_min                            ? 
_refine.pdbx_isotropic_thermal_model             ? 
_refine.details                                  ? 
_refine.B_iso_min                                ? 
_refine.B_iso_max                                ? 
_refine.overall_SU_R_Cruickshank_DPI             ? 
_refine.overall_SU_R_free                        ? 
_refine.pdbx_data_cutoff_high_rms_absF           ? 
_refine.ls_wR_factor_R_free                      ? 
_refine.ls_wR_factor_R_work                      ? 
_refine.overall_FOM_free_R_set                   ? 
_refine.overall_FOM_work_R_set                   ? 
_refine.pdbx_overall_phase_error                 ? 
_refine.pdbx_refine_id                           'X-RAY DIFFRACTION' 
_refine.pdbx_diffrn_id                           1 
_refine.pdbx_TLS_residual_ADP_flag               ? 
_refine.pdbx_overall_SU_R_free_Cruickshank_DPI   ? 
_refine.pdbx_overall_SU_R_Blow_DPI               ? 
_refine.pdbx_overall_SU_R_free_Blow_DPI          ? 
# 
_refine_hist.pdbx_refine_id                   'X-RAY DIFFRACTION' 
_refine_hist.cycle_id                         LAST 
_refine_hist.pdbx_number_atoms_protein        1533 
_refine_hist.pdbx_number_atoms_nucleic_acid   0 
_refine_hist.pdbx_number_atoms_ligand         16 
_refine_hist.number_atoms_solvent             159 
_refine_hist.number_atoms_total               1708 
_refine_hist.d_res_high                       1.500 
_refine_hist.d_res_low                        10.750 
# 
loop_
_refine_ls_restr.type 
_refine_ls_restr.number 
_refine_ls_restr.dev_ideal 
_refine_ls_restr.dev_ideal_target 
_refine_ls_restr.weight 
_refine_ls_restr.pdbx_refine_id 
_refine_ls_restr.pdbx_restraint_function 
r_bond_refined_d         1655 0.013  0.022  ? 'X-RAY DIFFRACTION' ? 
r_angle_refined_deg      2257 1.421  1.985  ? 'X-RAY DIFFRACTION' ? 
r_dihedral_angle_1_deg   209  4.694  5.000  ? 'X-RAY DIFFRACTION' ? 
r_dihedral_angle_2_deg   85   36.515 25.765 ? 'X-RAY DIFFRACTION' ? 
r_dihedral_angle_3_deg   306  14.078 15.000 ? 'X-RAY DIFFRACTION' ? 
r_dihedral_angle_4_deg   4    15.856 15.000 ? 'X-RAY DIFFRACTION' ? 
r_chiral_restr           242  0.097  0.200  ? 'X-RAY DIFFRACTION' ? 
r_gen_planes_refined     1271 0.006  0.020  ? 'X-RAY DIFFRACTION' ? 
r_nbd_refined            810  0.208  0.200  ? 'X-RAY DIFFRACTION' ? 
r_nbtor_refined          1161 0.315  0.200  ? 'X-RAY DIFFRACTION' ? 
r_xyhbond_nbd_refined    137  0.186  0.200  ? 'X-RAY DIFFRACTION' ? 
r_symmetry_vdw_refined   59   0.209  0.200  ? 'X-RAY DIFFRACTION' ? 
r_symmetry_hbond_refined 22   0.262  0.200  ? 'X-RAY DIFFRACTION' ? 
r_mcbond_it              992  0.986  1.500  ? 'X-RAY DIFFRACTION' ? 
r_mcangle_it             1582 1.541  2.000  ? 'X-RAY DIFFRACTION' ? 
r_scbond_it              746  2.579  3.000  ? 'X-RAY DIFFRACTION' ? 
r_scangle_it             664  4.003  4.500  ? 'X-RAY DIFFRACTION' ? 
# 
_refine_ls_shell.d_res_high                       1.500 
_refine_ls_shell.d_res_low                        1.538 
_refine_ls_shell.pdbx_total_number_of_bins_used   20 
_refine_ls_shell.percent_reflns_obs               99.670 
_refine_ls_shell.number_reflns_R_work             1976 
_refine_ls_shell.R_factor_all                     ? 
_refine_ls_shell.R_factor_R_work                  0.255 
_refine_ls_shell.R_factor_R_free                  0.296 
_refine_ls_shell.percent_reflns_R_free            ? 
_refine_ls_shell.number_reflns_R_free             115 
_refine_ls_shell.R_factor_R_free_error            ? 
_refine_ls_shell.number_reflns_all                ? 
_refine_ls_shell.number_reflns_obs                2091 
_refine_ls_shell.redundancy_reflns_obs            ? 
_refine_ls_shell.pdbx_refine_id                   'X-RAY DIFFRACTION' 
# 
_struct.entry_id                  2P14 
_struct.title                     
'Crystal structure of small subunit (R.BspD6I2) of the heterodimeric restriction endonuclease R.BspD6I' 
_struct.pdbx_model_details        ? 
_struct.pdbx_CASP_flag            N 
_struct.pdbx_model_type_details   ? 
# 
_struct_keywords.entry_id        2P14 
_struct_keywords.pdbx_keywords   HYDROLASE 
_struct_keywords.text            'heterodimeric restriction endonuclease, HYDROLASE' 
# 
loop_
_struct_asym.id 
_struct_asym.pdbx_blank_PDB_chainid_flag 
_struct_asym.pdbx_modified 
_struct_asym.entity_id 
_struct_asym.details 
A N N 1 ? 
B N N 2 ? 
C N N 2 ? 
D N N 3 ? 
E N N 4 ? 
# 
_struct_biol.id        1 
_struct_biol.details   ? 
# 
loop_
_struct_conf.conf_type_id 
_struct_conf.id 
_struct_conf.pdbx_PDB_helix_id 
_struct_conf.beg_label_comp_id 
_struct_conf.beg_label_asym_id 
_struct_conf.beg_label_seq_id 
_struct_conf.pdbx_beg_PDB_ins_code 
_struct_conf.end_label_comp_id 
_struct_conf.end_label_asym_id 
_struct_conf.end_label_seq_id 
_struct_conf.pdbx_end_PDB_ins_code 
_struct_conf.beg_auth_comp_id 
_struct_conf.beg_auth_asym_id 
_struct_conf.beg_auth_seq_id 
_struct_conf.end_auth_comp_id 
_struct_conf.end_auth_asym_id 
_struct_conf.end_auth_seq_id 
_struct_conf.pdbx_PDB_helix_class 
_struct_conf.details 
_struct_conf.pdbx_PDB_helix_length 
HELX_P HELX_P1 1 MET A 1   ? TYR A 8   ? MET A 1   TYR A 8   1 ? 8  
HELX_P HELX_P2 2 GLU A 9   ? THR A 14  ? GLU A 9   THR A 14  5 ? 6  
HELX_P HELX_P3 3 ASN A 16  ? GLY A 33  ? ASN A 16  GLY A 33  1 ? 18 
HELX_P HELX_P4 4 GLY A 79  ? LYS A 99  ? GLY A 79  LYS A 99  1 ? 21 
HELX_P HELX_P5 5 ASP A 114 ? GLY A 122 ? ASP A 114 GLY A 122 1 ? 9  
HELX_P HELX_P6 6 VAL A 135 ? GLY A 147 ? VAL A 135 GLY A 147 1 ? 13 
HELX_P HELX_P7 7 ASN A 153 ? ARG A 166 ? ASN A 153 ARG A 166 1 ? 14 
HELX_P HELX_P8 8 GLY A 170 ? ASP A 172 ? GLY A 170 ASP A 172 5 ? 3  
HELX_P HELX_P9 9 GLN A 173 ? LEU A 185 ? GLN A 173 LEU A 185 1 ? 13 
# 
_struct_conf_type.id          HELX_P 
_struct_conf_type.criteria    ? 
_struct_conf_type.reference   ? 
# 
loop_
_struct_sheet.id 
_struct_sheet.type 
_struct_sheet.number_strands 
_struct_sheet.details 
A ? 5 ? 
B ? 2 ? 
# 
loop_
_struct_sheet_order.sheet_id 
_struct_sheet_order.range_id_1 
_struct_sheet_order.range_id_2 
_struct_sheet_order.offset 
_struct_sheet_order.sense 
A 1 2 ? anti-parallel 
A 2 3 ? anti-parallel 
A 3 4 ? parallel      
A 4 5 ? parallel      
B 1 2 ? anti-parallel 
# 
loop_
_struct_sheet_range.sheet_id 
_struct_sheet_range.id 
_struct_sheet_range.beg_label_comp_id 
_struct_sheet_range.beg_label_asym_id 
_struct_sheet_range.beg_label_seq_id 
_struct_sheet_range.pdbx_beg_PDB_ins_code 
_struct_sheet_range.end_label_comp_id 
_struct_sheet_range.end_label_asym_id 
_struct_sheet_range.end_label_seq_id 
_struct_sheet_range.pdbx_end_PDB_ins_code 
_struct_sheet_range.beg_auth_comp_id 
_struct_sheet_range.beg_auth_asym_id 
_struct_sheet_range.beg_auth_seq_id 
_struct_sheet_range.end_auth_comp_id 
_struct_sheet_range.end_auth_asym_id 
_struct_sheet_range.end_auth_seq_id 
A 1 ASN A 37  ? PRO A 40  ? ASN A 37  PRO A 40  
A 2 ILE A 61  ? GLU A 64  ? ILE A 61  GLU A 64  
A 3 SER A 69  ? SER A 75  ? SER A 69  SER A 75  
A 4 ALA A 104 ? GLY A 110 ? ALA A 104 GLY A 110 
A 5 VAL A 130 ? THR A 134 ? VAL A 130 THR A 134 
B 1 LYS A 43  ? LEU A 44  ? LYS A 43  LEU A 44  
B 2 PRO A 50  ? GLY A 52  ? PRO A 50  GLY A 52  
# 
loop_
_pdbx_struct_sheet_hbond.sheet_id 
_pdbx_struct_sheet_hbond.range_id_1 
_pdbx_struct_sheet_hbond.range_id_2 
_pdbx_struct_sheet_hbond.range_1_label_atom_id 
_pdbx_struct_sheet_hbond.range_1_label_comp_id 
_pdbx_struct_sheet_hbond.range_1_label_asym_id 
_pdbx_struct_sheet_hbond.range_1_label_seq_id 
_pdbx_struct_sheet_hbond.range_1_PDB_ins_code 
_pdbx_struct_sheet_hbond.range_1_auth_atom_id 
_pdbx_struct_sheet_hbond.range_1_auth_comp_id 
_pdbx_struct_sheet_hbond.range_1_auth_asym_id 
_pdbx_struct_sheet_hbond.range_1_auth_seq_id 
_pdbx_struct_sheet_hbond.range_2_label_atom_id 
_pdbx_struct_sheet_hbond.range_2_label_comp_id 
_pdbx_struct_sheet_hbond.range_2_label_asym_id 
_pdbx_struct_sheet_hbond.range_2_label_seq_id 
_pdbx_struct_sheet_hbond.range_2_PDB_ins_code 
_pdbx_struct_sheet_hbond.range_2_auth_atom_id 
_pdbx_struct_sheet_hbond.range_2_auth_comp_id 
_pdbx_struct_sheet_hbond.range_2_auth_asym_id 
_pdbx_struct_sheet_hbond.range_2_auth_seq_id 
A 1 2 N VAL A 39  ? N VAL A 39  O LEU A 62  ? O LEU A 62  
A 2 3 N ILE A 61  ? N ILE A 61  O ILE A 72  ? O ILE A 72  
A 3 4 N LEU A 71  ? N LEU A 71  O LEU A 107 ? O LEU A 107 
A 4 5 N THR A 106 ? N THR A 106 O ILE A 131 ? O ILE A 131 
B 1 2 N LYS A 43  ? N LYS A 43  O ILE A 51  ? O ILE A 51  
# 
loop_
_struct_site.id 
_struct_site.pdbx_evidence_code 
_struct_site.pdbx_auth_asym_id 
_struct_site.pdbx_auth_comp_id 
_struct_site.pdbx_auth_seq_id 
_struct_site.pdbx_auth_ins_code 
_struct_site.pdbx_num_residues 
_struct_site.details 
AC1 Software A SO4 193 ? 5 'BINDING SITE FOR RESIDUE SO4 A 193' 
AC2 Software A SO4 194 ? 5 'BINDING SITE FOR RESIDUE SO4 A 194' 
AC3 Software A GOL 195 ? 3 'BINDING SITE FOR RESIDUE GOL A 195' 
# 
loop_
_struct_site_gen.id 
_struct_site_gen.site_id 
_struct_site_gen.pdbx_num_res 
_struct_site_gen.label_comp_id 
_struct_site_gen.label_asym_id 
_struct_site_gen.label_seq_id 
_struct_site_gen.pdbx_auth_ins_code 
_struct_site_gen.auth_comp_id 
_struct_site_gen.auth_asym_id 
_struct_site_gen.auth_seq_id 
_struct_site_gen.label_atom_id 
_struct_site_gen.label_alt_id 
_struct_site_gen.symmetry 
_struct_site_gen.details 
1  AC1 5 GLY A 52 ? GLY A 52  . ? 1_555 ? 
2  AC1 5 ASN A 53 ? ASN A 53  . ? 1_555 ? 
3  AC1 5 ALA A 54 ? ALA A 54  . ? 1_555 ? 
4  AC1 5 HOH E .  ? HOH A 281 . ? 1_555 ? 
5  AC1 5 HOH E .  ? HOH A 323 . ? 1_555 ? 
6  AC2 5 PRO A 56 ? PRO A 56  . ? 1_555 ? 
7  AC2 5 GLY A 57 ? GLY A 57  . ? 1_555 ? 
8  AC2 5 SER A 89 ? SER A 89  . ? 1_555 ? 
9  AC2 5 ARG A 92 ? ARG A 92  . ? 1_555 ? 
10 AC2 5 HIS A 93 ? HIS A 93  . ? 1_555 ? 
11 AC3 3 TYR A 26 ? TYR A 26  . ? 1_555 ? 
12 AC3 3 LEU A 38 ? LEU A 38  . ? 1_555 ? 
13 AC3 3 HOH E .  ? HOH A 256 . ? 1_555 ? 
# 
_atom_sites.entry_id                    2P14 
_atom_sites.fract_transf_matrix[1][1]   -0.01465710 
_atom_sites.fract_transf_matrix[1][2]   0.00924345 
_atom_sites.fract_transf_matrix[1][3]   -0.02011816 
_atom_sites.fract_transf_matrix[2][1]   -0.01599642 
_atom_sites.fract_transf_matrix[2][2]   0.01161787 
_atom_sites.fract_transf_matrix[2][3]   0.01699213 
_atom_sites.fract_transf_matrix[3][1]   0.00730059 
_atom_sites.fract_transf_matrix[3][2]   0.01444260 
_atom_sites.fract_transf_matrix[3][3]   -0.00300192 
_atom_sites.fract_transf_vector[1]      0.731325 
_atom_sites.fract_transf_vector[2]      0.002927 
_atom_sites.fract_transf_vector[3]      0.268920 
# 
loop_
_atom_type.symbol 
C 
N 
O 
S 
# 
loop_
_atom_site.group_PDB 
_atom_site.id 
_atom_site.type_symbol 
_atom_site.label_atom_id 
_atom_site.label_alt_id 
_atom_site.label_comp_id 
_atom_site.label_asym_id 
_atom_site.label_entity_id 
_atom_site.label_seq_id 
_atom_site.pdbx_PDB_ins_code 
_atom_site.Cartn_x 
_atom_site.Cartn_y 
_atom_site.Cartn_z 
_atom_site.occupancy 
_atom_site.B_iso_or_equiv 
_atom_site.pdbx_formal_charge 
_atom_site.auth_seq_id 
_atom_site.auth_comp_id 
_atom_site.auth_asym_id 
_atom_site.auth_atom_id 
_atom_site.pdbx_PDB_model_num 
ATOM   1    N N   . MET A 1 1   ? -11.854 9.291   10.454  1.00 19.32 ? 1   MET A N   1 
ATOM   2    C CA  . MET A 1 1   ? -11.185 8.774   9.236   1.00 18.69 ? 1   MET A CA  1 
ATOM   3    C C   . MET A 1 1   ? -11.088 9.780   8.084   1.00 18.95 ? 1   MET A C   1 
ATOM   4    O O   . MET A 1 1   ? -10.064 9.869   7.399   1.00 18.80 ? 1   MET A O   1 
ATOM   5    C CB  . MET A 1 1   ? -11.861 7.487   8.753   1.00 18.96 ? 1   MET A CB  1 
ATOM   6    C CG  . MET A 1 1   ? -11.164 6.888   7.538   1.00 18.39 ? 1   MET A CG  1 
ATOM   7    S SD  . MET A 1 1   ? -9.506  6.239   7.917   1.00 17.26 ? 1   MET A SD  1 
ATOM   8    C CE  . MET A 1 1   ? -9.955  4.594   8.475   1.00 21.01 ? 1   MET A CE  1 
ATOM   9    N N   . GLN A 1 2   ? -12.150 10.552  7.855   1.00 18.40 ? 2   GLN A N   1 
ATOM   10   C CA  . GLN A 1 2   ? -12.130 11.562  6.819   1.00 18.85 ? 2   GLN A CA  1 
ATOM   11   C C   . GLN A 1 2   ? -11.011 12.587  7.068   1.00 18.48 ? 2   GLN A C   1 
ATOM   12   O O   . GLN A 1 2   ? -10.419 13.095  6.112   1.00 19.45 ? 2   GLN A O   1 
ATOM   13   C CB  . GLN A 1 2   ? -13.488 12.275  6.720   1.00 20.06 ? 2   GLN A CB  1 
ATOM   14   C CG  . GLN A 1 2   ? -13.571 13.169  5.481   1.00 21.48 ? 2   GLN A CG  1 
ATOM   15   C CD  . GLN A 1 2   ? -13.452 12.382  4.170   1.00 25.05 ? 2   GLN A CD  1 
ATOM   16   O OE1 . GLN A 1 2   ? -14.175 11.396  3.955   1.00 28.97 ? 2   GLN A OE1 1 
ATOM   17   N NE2 . GLN A 1 2   ? -12.527 12.806  3.293   1.00 25.53 ? 2   GLN A NE2 1 
ATOM   18   N N   . ASP A 1 3   ? -10.733 12.846  8.349   1.00 18.97 ? 3   ASP A N   1 
ATOM   19   C CA  . ASP A 1 3   ? -9.637  13.755  8.744   1.00 18.58 ? 3   ASP A CA  1 
ATOM   20   C C   . ASP A 1 3   ? -8.298  13.215  8.259   1.00 17.84 ? 3   ASP A C   1 
ATOM   21   O O   . ASP A 1 3   ? -7.455  13.980  7.772   1.00 18.22 ? 3   ASP A O   1 
ATOM   22   C CB  . ASP A 1 3   ? -9.640  14.022  10.276  1.00 18.51 ? 3   ASP A CB  1 
ATOM   23   C CG  . ASP A 1 3   ? -9.215  12.815  11.122  1.00 20.93 ? 3   ASP A CG  1 
ATOM   24   O OD1 . ASP A 1 3   ? -8.526  13.027  12.150  1.00 25.40 ? 3   ASP A OD1 1 
ATOM   25   O OD2 . ASP A 1 3   ? -9.543  11.636  10.798  1.00 22.55 ? 3   ASP A OD2 1 
ATOM   26   N N   . ILE A 1 4   ? -8.130  11.900  8.362   1.00 16.66 ? 4   ILE A N   1 
ATOM   27   C CA  . ILE A 1 4   ? -6.861  11.276  7.977   1.00 16.11 ? 4   ILE A CA  1 
ATOM   28   C C   . ILE A 1 4   ? -6.760  11.344  6.450   1.00 15.30 ? 4   ILE A C   1 
ATOM   29   O O   . ILE A 1 4   ? -5.709  11.699  5.897   1.00 14.25 ? 4   ILE A O   1 
ATOM   30   C CB  . ILE A 1 4   ? -6.753  9.825   8.482   1.00 16.19 ? 4   ILE A CB  1 
ATOM   31   C CG1 . ILE A 1 4   ? -6.753  9.782   10.011  1.00 18.88 ? 4   ILE A CG1 1 
ATOM   32   C CG2 . ILE A 1 4   ? -5.470  9.171   7.933   1.00 17.40 ? 4   ILE A CG2 1 
ATOM   33   C CD1 . ILE A 1 4   ? -6.967  8.416   10.604  1.00 21.31 ? 4   ILE A CD1 1 
ATOM   34   N N   . LEU A 1 5   ? -7.846  10.988  5.764   1.00 15.70 ? 5   LEU A N   1 
ATOM   35   C CA  . LEU A 1 5   ? -7.833  11.033  4.301   1.00 15.77 ? 5   LEU A CA  1 
ATOM   36   C C   . LEU A 1 5   ? -7.538  12.426  3.770   1.00 16.17 ? 5   LEU A C   1 
ATOM   37   O O   . LEU A 1 5   ? -6.734  12.586  2.839   1.00 15.95 ? 5   LEU A O   1 
ATOM   38   C CB  . LEU A 1 5   ? -9.134  10.458  3.704   1.00 15.45 ? 5   LEU A CB  1 
ATOM   39   C CG  . LEU A 1 5   ? -9.443  9.016   4.114   1.00 15.97 ? 5   LEU A CG  1 
ATOM   40   C CD1 . LEU A 1 5   ? -10.708 8.536   3.396   1.00 18.24 ? 5   LEU A CD1 1 
ATOM   41   C CD2 . LEU A 1 5   ? -8.259  8.072   3.818   1.00 15.60 ? 5   LEU A CD2 1 
ATOM   42   N N   . ASP A 1 6   ? -8.178  13.441  4.365   1.00 16.77 ? 6   ASP A N   1 
ATOM   43   C CA  . ASP A 1 6   ? -7.952  14.840  3.958   1.00 17.25 ? 6   ASP A CA  1 
ATOM   44   C C   . ASP A 1 6   ? -6.510  15.260  4.225   1.00 16.02 ? 6   ASP A C   1 
ATOM   45   O O   . ASP A 1 6   ? -5.974  16.104  3.507   1.00 16.38 ? 6   ASP A O   1 
ATOM   46   C CB  . ASP A 1 6   ? -8.903  15.806  4.695   1.00 18.44 ? 6   ASP A CB  1 
ATOM   47   C CG  . ASP A 1 6   ? -10.363 15.610  4.328   1.00 22.01 ? 6   ASP A CG  1 
ATOM   48   O OD1 . ASP A 1 6   ? -10.654 15.025  3.267   1.00 23.32 ? 6   ASP A OD1 1 
ATOM   49   O OD2 . ASP A 1 6   ? -11.212 16.057  5.139   1.00 26.36 ? 6   ASP A OD2 1 
ATOM   50   N N   . PHE A 1 7   ? -5.897  14.694  5.270   1.00 15.10 ? 7   PHE A N   1 
ATOM   51   C CA  . PHE A 1 7   ? -4.513  15.085  5.599   1.00 15.13 ? 7   PHE A CA  1 
ATOM   52   C C   . PHE A 1 7   ? -3.526  14.724  4.482   1.00 14.85 ? 7   PHE A C   1 
ATOM   53   O O   . PHE A 1 7   ? -2.476  15.353  4.340   1.00 14.34 ? 7   PHE A O   1 
ATOM   54   C CB  . PHE A 1 7   ? -4.039  14.557  6.961   1.00 16.05 ? 7   PHE A CB  1 
ATOM   55   C CG  . PHE A 1 7   ? -2.679  15.095  7.373   1.00 15.52 ? 7   PHE A CG  1 
ATOM   56   C CD1 . PHE A 1 7   ? -2.554  16.367  7.915   1.00 19.81 ? 7   PHE A CD1 1 
ATOM   57   C CD2 . PHE A 1 7   ? -1.546  14.302  7.227   1.00 17.68 ? 7   PHE A CD2 1 
ATOM   58   C CE1 . PHE A 1 7   ? -1.290  16.871  8.288   1.00 20.21 ? 7   PHE A CE1 1 
ATOM   59   C CE2 . PHE A 1 7   ? -0.276  14.795  7.583   1.00 16.94 ? 7   PHE A CE2 1 
ATOM   60   C CZ  . PHE A 1 7   ? -0.151  16.065  8.115   1.00 18.81 ? 7   PHE A CZ  1 
ATOM   61   N N   . TYR A 1 8   ? -3.837  13.728  3.666   1.00 14.15 ? 8   TYR A N   1 
ATOM   62   C CA  . TYR A 1 8   ? -2.965  13.468  2.506   1.00 14.20 ? 8   TYR A CA  1 
ATOM   63   C C   . TYR A 1 8   ? -2.706  14.703  1.659   1.00 15.35 ? 8   TYR A C   1 
ATOM   64   O O   . TYR A 1 8   ? -1.648  14.817  1.045   1.00 16.30 ? 8   TYR A O   1 
ATOM   65   C CB  . TYR A 1 8   ? -3.538  12.367  1.604   1.00 13.50 ? 8   TYR A CB  1 
ATOM   66   C CG  . TYR A 1 8   ? -3.279  10.961  2.093   1.00 12.76 ? 8   TYR A CG  1 
ATOM   67   C CD1 . TYR A 1 8   ? -4.346  10.113  2.454   1.00 12.36 ? 8   TYR A CD1 1 
ATOM   68   C CD2 . TYR A 1 8   ? -1.973  10.462  2.181   1.00 13.18 ? 8   TYR A CD2 1 
ATOM   69   C CE1 . TYR A 1 8   ? -4.134  8.802   2.863   1.00 12.93 ? 8   TYR A CE1 1 
ATOM   70   C CE2 . TYR A 1 8   ? -1.752  9.143   2.628   1.00 13.44 ? 8   TYR A CE2 1 
ATOM   71   C CZ  . TYR A 1 8   ? -2.831  8.332   2.956   1.00 12.88 ? 8   TYR A CZ  1 
ATOM   72   O OH  . TYR A 1 8   ? -2.603  7.051   3.349   1.00 11.95 ? 8   TYR A OH  1 
ATOM   73   N N   . GLU A 1 9   ? -3.646  15.654  1.660   1.00 17.07 ? 9   GLU A N   1 
ATOM   74   C CA  . GLU A 1 9   ? -3.492  16.856  0.831   1.00 18.18 ? 9   GLU A CA  1 
ATOM   75   C C   . GLU A 1 9   ? -2.605  17.902  1.522   1.00 19.02 ? 9   GLU A C   1 
ATOM   76   O O   . GLU A 1 9   ? -2.287  18.941  0.916   1.00 20.64 ? 9   GLU A O   1 
ATOM   77   C CB  . GLU A 1 9   ? -4.875  17.435  0.447   1.00 19.00 ? 9   GLU A CB  1 
ATOM   78   C CG  . GLU A 1 9   ? -5.824  16.387  -0.156  1.00 20.06 ? 9   GLU A CG  1 
ATOM   79   C CD  . GLU A 1 9   ? -5.157  15.540  -1.245  1.00 23.81 ? 9   GLU A CD  1 
ATOM   80   O OE1 . GLU A 1 9   ? -4.271  16.064  -1.962  1.00 23.38 ? 9   GLU A OE1 1 
ATOM   81   O OE2 . GLU A 1 9   ? -5.485  14.325  -1.361  1.00 24.83 ? 9   GLU A OE2 1 
ATOM   82   N N   . GLU A 1 10  ? -2.195  17.624  2.761   1.00 17.84 ? 10  GLU A N   1 
ATOM   83   C CA  . GLU A 1 10  ? -1.282  18.513  3.519   1.00 16.83 ? 10  GLU A CA  1 
ATOM   84   C C   . GLU A 1 10  ? 0.121   17.932  3.653   1.00 16.95 ? 10  GLU A C   1 
ATOM   85   O O   . GLU A 1 10  ? 1.049   18.625  4.025   1.00 16.39 ? 10  GLU A O   1 
ATOM   86   C CB  . GLU A 1 10  ? -1.825  18.835  4.910   1.00 18.46 ? 10  GLU A CB  1 
ATOM   87   C CG  . GLU A 1 10  ? -3.239  19.367  4.930   1.00 20.29 ? 10  GLU A CG  1 
ATOM   88   C CD  . GLU A 1 10  ? -3.437  20.610  4.037   1.00 23.59 ? 10  GLU A CD  1 
ATOM   89   O OE1 . GLU A 1 10  ? -2.551  21.502  4.023   1.00 23.62 ? 10  GLU A OE1 1 
ATOM   90   O OE2 . GLU A 1 10  ? -4.472  20.691  3.348   1.00 24.73 ? 10  GLU A OE2 1 
ATOM   91   N N   . VAL A 1 11  ? 0.282   16.661  3.321   1.00 16.38 ? 11  VAL A N   1 
ATOM   92   C CA  . VAL A 1 11  ? 1.565   15.967  3.515   1.00 15.81 ? 11  VAL A CA  1 
ATOM   93   C C   . VAL A 1 11  ? 2.725   16.729  2.850   1.00 15.93 ? 11  VAL A C   1 
ATOM   94   O O   . VAL A 1 11  ? 3.830   16.832  3.407   1.00 15.47 ? 11  VAL A O   1 
ATOM   95   C CB  . VAL A 1 11  ? 1.453   14.519  2.986   1.00 15.95 ? 11  VAL A CB  1 
ATOM   96   C CG1 . VAL A 1 11  ? 2.827   13.912  2.645   1.00 17.24 ? 11  VAL A CG1 1 
ATOM   97   C CG2 . VAL A 1 11  ? 0.685   13.664  3.970   1.00 15.27 ? 11  VAL A CG2 1 
ATOM   98   N N   . GLU A 1 12  ? 2.486   17.265  1.647   1.00 15.94 ? 12  GLU A N   1 
ATOM   99   C CA  . GLU A 1 12  ? 3.589   17.894  0.887   1.00 16.88 ? 12  GLU A CA  1 
ATOM   100  C C   . GLU A 1 12  ? 4.039   19.231  1.454   1.00 16.57 ? 12  GLU A C   1 
ATOM   101  O O   . GLU A 1 12  ? 5.076   19.763  1.051   1.00 17.77 ? 12  GLU A O   1 
ATOM   102  C CB  . GLU A 1 12  ? 3.300   17.954  -0.633  1.00 19.10 ? 12  GLU A CB  1 
ATOM   103  C CG  . GLU A 1 12  ? 2.874   16.553  -1.135  1.00 24.03 ? 12  GLU A CG  1 
ATOM   104  C CD  . GLU A 1 12  ? 3.358   16.166  -2.515  1.00 31.47 ? 12  GLU A CD  1 
ATOM   105  O OE1 . GLU A 1 12  ? 2.520   16.134  -3.443  1.00 33.60 ? 12  GLU A OE1 1 
ATOM   106  O OE2 . GLU A 1 12  ? 4.559   15.844  -2.659  1.00 37.03 ? 12  GLU A OE2 1 
ATOM   107  N N   . LYS A 1 13  ? 3.268   19.735  2.411   1.00 15.88 ? 13  LYS A N   1 
ATOM   108  C CA  . LYS A 1 13  ? 3.595   21.008  3.073   1.00 16.91 ? 13  LYS A CA  1 
ATOM   109  C C   . LYS A 1 13  ? 4.195   20.832  4.470   1.00 17.00 ? 13  LYS A C   1 
ATOM   110  O O   . LYS A 1 13  ? 4.455   21.813  5.185   1.00 18.63 ? 13  LYS A O   1 
ATOM   111  C CB  . LYS A 1 13  ? 2.350   21.913  3.106   1.00 17.48 ? 13  LYS A CB  1 
ATOM   112  C CG  . LYS A 1 13  ? 2.032   22.484  1.730   1.00 18.73 ? 13  LYS A CG  1 
ATOM   113  C CD  . LYS A 1 13  ? 0.735   23.246  1.654   1.00 24.32 ? 13  LYS A CD  1 
ATOM   114  C CE  . LYS A 1 13  ? -0.450  22.334  1.616   1.00 24.49 ? 13  LYS A CE  1 
ATOM   115  N NZ  . LYS A 1 13  ? -1.663  23.146  2.028   1.00 25.40 ? 13  LYS A NZ  1 
ATOM   116  N N   . THR A 1 14  ? 4.416   19.582  4.867   1.00 16.73 ? 14  THR A N   1 
ATOM   117  C CA  . THR A 1 14  ? 5.115   19.282  6.124   1.00 15.85 ? 14  THR A CA  1 
ATOM   118  C C   . THR A 1 14  ? 6.627   19.401  5.942   1.00 16.45 ? 14  THR A C   1 
ATOM   119  O O   . THR A 1 14  ? 7.127   19.516  4.825   1.00 15.48 ? 14  THR A O   1 
ATOM   120  C CB  . THR A 1 14  ? 4.749   17.858  6.640   1.00 15.77 ? 14  THR A CB  1 
ATOM   121  O OG1 . THR A 1 14  ? 5.272   16.873  5.739   1.00 15.55 ? 14  THR A OG1 1 
ATOM   122  C CG2 . THR A 1 14  ? 3.206   17.721  6.831   1.00 14.10 ? 14  THR A CG2 1 
ATOM   123  N N   . ILE A 1 15  ? 7.365   19.353  7.048   1.00 16.49 ? 15  ILE A N   1 
ATOM   124  C CA  . ILE A 1 15  ? 8.809   19.518  6.968   1.00 18.17 ? 15  ILE A CA  1 
ATOM   125  C C   . ILE A 1 15  ? 9.520   18.335  6.285   1.00 17.89 ? 15  ILE A C   1 
ATOM   126  O O   . ILE A 1 15  ? 10.608  18.469  5.738   1.00 18.28 ? 15  ILE A O   1 
ATOM   127  C CB  . ILE A 1 15  ? 9.431   19.850  8.350   1.00 18.64 ? 15  ILE A CB  1 
ATOM   128  C CG1 . ILE A 1 15  ? 10.789  20.527  8.155   1.00 21.37 ? 15  ILE A CG1 1 
ATOM   129  C CG2 . ILE A 1 15  ? 9.513   18.629  9.269   1.00 19.22 ? 15  ILE A CG2 1 
ATOM   130  C CD1 . ILE A 1 15  ? 10.692  21.915  7.607   1.00 20.01 ? 15  ILE A CD1 1 
ATOM   131  N N   . ASN A 1 16  ? 8.863   17.183  6.263   1.00 16.85 ? 16  ASN A N   1 
ATOM   132  C CA  . ASN A 1 16  ? 9.457   16.020  5.621   1.00 15.59 ? 16  ASN A CA  1 
ATOM   133  C C   . ASN A 1 16  ? 8.326   15.179  5.035   1.00 14.86 ? 16  ASN A C   1 
ATOM   134  O O   . ASN A 1 16  ? 7.789   14.246  5.693   1.00 14.26 ? 16  ASN A O   1 
ATOM   135  C CB  . ASN A 1 16  ? 10.274  15.219  6.633   1.00 16.57 ? 16  ASN A CB  1 
ATOM   136  C CG  . ASN A 1 16  ? 11.067  14.109  5.994   1.00 18.07 ? 16  ASN A CG  1 
ATOM   137  O OD1 . ASN A 1 16  ? 10.511  13.248  5.291   1.00 20.13 ? 16  ASN A OD1 1 
ATOM   138  N ND2 . ASN A 1 16  ? 12.389  14.111  6.222   1.00 20.48 ? 16  ASN A ND2 1 
ATOM   139  N N   . PRO A 1 17  ? 7.904   15.545  3.816   1.00 13.42 ? 17  PRO A N   1 
ATOM   140  C CA  . PRO A 1 17  ? 6.728   14.841  3.283   1.00 12.95 ? 17  PRO A CA  1 
ATOM   141  C C   . PRO A 1 17  ? 6.783   13.294  3.295   1.00 12.82 ? 17  PRO A C   1 
ATOM   142  O O   . PRO A 1 17  ? 5.779   12.646  3.644   1.00 12.64 ? 17  PRO A O   1 
ATOM   143  C CB  . PRO A 1 17  ? 6.567   15.439  1.879   1.00 12.84 ? 17  PRO A CB  1 
ATOM   144  C CG  . PRO A 1 17  ? 7.136   16.879  2.069   1.00 12.89 ? 17  PRO A CG  1 
ATOM   145  C CD  . PRO A 1 17  ? 8.356   16.636  2.925   1.00 14.06 ? 17  PRO A CD  1 
ATOM   146  N N   . PRO A 1 18  ? 7.916   12.685  2.894   1.00 12.75 ? 18  PRO A N   1 
ATOM   147  C CA  . PRO A 1 18  ? 7.974   11.202  2.988   1.00 12.01 ? 18  PRO A CA  1 
ATOM   148  C C   . PRO A 1 18  ? 7.630   10.632  4.357   1.00 12.31 ? 18  PRO A C   1 
ATOM   149  O O   . PRO A 1 18  ? 6.909   9.616   4.448   1.00 12.81 ? 18  PRO A O   1 
ATOM   150  C CB  . PRO A 1 18  ? 9.436   10.907  2.651   1.00 12.60 ? 18  PRO A CB  1 
ATOM   151  C CG  . PRO A 1 18  ? 9.740   12.022  1.617   1.00 14.18 ? 18  PRO A CG  1 
ATOM   152  C CD  . PRO A 1 18  ? 9.151   13.228  2.286   1.00 12.99 ? 18  PRO A CD  1 
ATOM   153  N N   . ASN A 1 19  ? 8.135   11.238  5.416   1.00 12.35 ? 19  ASN A N   1 
ATOM   154  C CA  . ASN A 1 19  ? 7.871   10.776  6.771   1.00 13.26 ? 19  ASN A CA  1 
ATOM   155  C C   . ASN A 1 19  ? 6.384   10.891  7.113   1.00 12.99 ? 19  ASN A C   1 
ATOM   156  O O   . ASN A 1 19  ? 5.787   10.005  7.742   1.00 13.46 ? 19  ASN A O   1 
ATOM   157  C CB  . ASN A 1 19  ? 8.689   11.592  7.793   1.00 14.05 ? 19  ASN A CB  1 
ATOM   158  C CG  . ASN A 1 19  ? 10.172  11.250  7.786   1.00 16.59 ? 19  ASN A CG  1 
ATOM   159  O OD1 . ASN A 1 19  ? 10.618  10.276  7.185   1.00 17.69 ? 19  ASN A OD1 1 
ATOM   160  N ND2 . ASN A 1 19  ? 10.944  12.075  8.485   1.00 18.62 ? 19  ASN A ND2 1 
ATOM   161  N N   . TYR A 1 20  ? 5.766   12.000  6.702   1.00 11.70 ? 20  TYR A N   1 
ATOM   162  C CA  . TYR A 1 20  ? 4.342   12.202  7.004   1.00 11.75 ? 20  TYR A CA  1 
ATOM   163  C C   . TYR A 1 20  ? 3.425   11.352  6.117   1.00 11.44 ? 20  TYR A C   1 
ATOM   164  O O   . TYR A 1 20  ? 2.343   10.978  6.540   1.00 12.63 ? 20  TYR A O   1 
ATOM   165  C CB  . TYR A 1 20  ? 3.946   13.677  6.933   1.00 13.67 ? 20  TYR A CB  1 
ATOM   166  C CG  . TYR A 1 20  ? 4.467   14.484  8.097   1.00 14.75 ? 20  TYR A CG  1 
ATOM   167  C CD1 . TYR A 1 20  ? 3.647   14.815  9.176   1.00 15.01 ? 20  TYR A CD1 1 
ATOM   168  C CD2 . TYR A 1 20  ? 5.808   14.893  8.123   1.00 16.87 ? 20  TYR A CD2 1 
ATOM   169  C CE1 . TYR A 1 20  ? 4.174   15.587  10.283  1.00 13.76 ? 20  TYR A CE1 1 
ATOM   170  C CE2 . TYR A 1 20  ? 6.322   15.623  9.196   1.00 17.67 ? 20  TYR A CE2 1 
ATOM   171  C CZ  . TYR A 1 20  ? 5.502   15.963  10.247  1.00 16.00 ? 20  TYR A CZ  1 
ATOM   172  O OH  . TYR A 1 20  ? 6.075   16.729  11.269  1.00 20.20 ? 20  TYR A OH  1 
ATOM   173  N N   . PHE A 1 21  ? 3.894   11.014  4.927   1.00 12.02 ? 21  PHE A N   1 
ATOM   174  C CA  . PHE A 1 21  ? 3.099   10.174  4.015   1.00 11.89 ? 21  PHE A CA  1 
ATOM   175  C C   . PHE A 1 21  ? 2.972   8.773   4.578   1.00 12.30 ? 21  PHE A C   1 
ATOM   176  O O   . PHE A 1 21  ? 1.856   8.215   4.660   1.00 12.52 ? 21  PHE A O   1 
ATOM   177  C CB  . PHE A 1 21  ? 3.776   10.176  2.640   1.00 12.12 ? 21  PHE A CB  1 
ATOM   178  C CG  . PHE A 1 21  ? 2.962   9.572   1.541   1.00 14.04 ? 21  PHE A CG  1 
ATOM   179  C CD1 . PHE A 1 21  ? 1.670   10.009  1.280   1.00 13.61 ? 21  PHE A CD1 1 
ATOM   180  C CD2 . PHE A 1 21  ? 3.508   8.576   0.749   1.00 14.25 ? 21  PHE A CD2 1 
ATOM   181  C CE1 . PHE A 1 21  ? 0.932   9.439   0.216   1.00 16.02 ? 21  PHE A CE1 1 
ATOM   182  C CE2 . PHE A 1 21  ? 2.781   7.994   -0.290  1.00 14.41 ? 21  PHE A CE2 1 
ATOM   183  C CZ  . PHE A 1 21  ? 1.507   8.439   -0.574  1.00 13.59 ? 21  PHE A CZ  1 
ATOM   184  N N   . GLU A 1 22  ? 4.088   8.177   5.002   1.00 11.57 ? 22  GLU A N   1 
ATOM   185  C CA  . GLU A 1 22  ? 4.031   6.818   5.587   1.00 12.44 ? 22  GLU A CA  1 
ATOM   186  C C   . GLU A 1 22  ? 3.251   6.849   6.902   1.00 11.80 ? 22  GLU A C   1 
ATOM   187  O O   . GLU A 1 22  ? 2.398   5.984   7.167   1.00 12.00 ? 22  GLU A O   1 
ATOM   188  C CB  . GLU A 1 22  ? 5.434   6.195   5.749   1.00 12.87 ? 22  GLU A CB  1 
ATOM   189  C CG  . GLU A 1 22  ? 6.346   6.844   6.777   1.00 15.04 ? 22  GLU A CG  1 
ATOM   190  C CD  . GLU A 1 22  ? 7.774   6.285   6.737   1.00 14.90 ? 22  GLU A CD  1 
ATOM   191  O OE1 . GLU A 1 22  ? 8.012   5.286   6.033   1.00 16.05 ? 22  GLU A OE1 1 
ATOM   192  O OE2 . GLU A 1 22  ? 8.642   6.855   7.447   1.00 18.40 ? 22  GLU A OE2 1 
ATOM   193  N N   . TRP A 1 23  ? 3.472   7.890   7.702   1.00 11.81 ? 23  TRP A N   1 
ATOM   194  C CA  . TRP A 1 23  ? 2.737   8.016   8.950   1.00 11.90 ? 23  TRP A CA  1 
ATOM   195  C C   . TRP A 1 23  ? 1.227   8.128   8.754   1.00 12.51 ? 23  TRP A C   1 
ATOM   196  O O   . TRP A 1 23  ? 0.446   7.471   9.472   1.00 12.29 ? 23  TRP A O   1 
ATOM   197  C CB  . TRP A 1 23  ? 3.258   9.234   9.717   1.00 12.82 ? 23  TRP A CB  1 
ATOM   198  C CG  . TRP A 1 23  ? 2.466   9.597   10.949  1.00 12.73 ? 23  TRP A CG  1 
ATOM   199  C CD1 . TRP A 1 23  ? 2.469   8.952   12.152  1.00 15.76 ? 23  TRP A CD1 1 
ATOM   200  C CD2 . TRP A 1 23  ? 1.547   10.698  11.086  1.00 13.41 ? 23  TRP A CD2 1 
ATOM   201  N NE1 . TRP A 1 23  ? 1.633   9.602   13.044  1.00 15.74 ? 23  TRP A NE1 1 
ATOM   202  C CE2 . TRP A 1 23  ? 1.053   10.672  12.420  1.00 15.55 ? 23  TRP A CE2 1 
ATOM   203  C CE3 . TRP A 1 23  ? 1.132   11.731  10.227  1.00 15.67 ? 23  TRP A CE3 1 
ATOM   204  C CZ2 . TRP A 1 23  ? 0.148   11.630  12.906  1.00 16.81 ? 23  TRP A CZ2 1 
ATOM   205  C CZ3 . TRP A 1 23  ? 0.224   12.663  10.696  1.00 16.12 ? 23  TRP A CZ3 1 
ATOM   206  C CH2 . TRP A 1 23  ? -0.261  12.611  12.030  1.00 16.71 ? 23  TRP A CH2 1 
ATOM   207  N N   . ASN A 1 24  ? 0.810   8.897   7.750   1.00 11.62 ? 24  ASN A N   1 
ATOM   208  C CA  . ASN A 1 24  ? -0.606  9.096   7.550   1.00 12.14 ? 24  ASN A CA  1 
ATOM   209  C C   . ASN A 1 24  ? -1.267  7.788   7.100   1.00 11.37 ? 24  ASN A C   1 
ATOM   210  O O   . ASN A 1 24  ? -2.422  7.481   7.491   1.00 12.13 ? 24  ASN A O   1 
ATOM   211  C CB  . ASN A 1 24  ? -0.882  10.185  6.535   1.00 13.19 ? 24  ASN A CB  1 
ATOM   212  C CG  . ASN A 1 24  ? -2.265  10.763  6.719   1.00 14.32 ? 24  ASN A CG  1 
ATOM   213  O OD1 . ASN A 1 24  ? -2.658  11.084  7.856   1.00 13.01 ? 24  ASN A OD1 1 
ATOM   214  N ND2 . ASN A 1 24  ? -3.022  10.882  5.633   1.00 13.64 ? 24  ASN A ND2 1 
ATOM   215  N N   . THR A 1 25  ? -0.517  7.021   6.324   1.00 11.90 ? 25  THR A N   1 
ATOM   216  C CA  . THR A 1 25  ? -1.007  5.734   5.853   1.00 11.49 ? 25  THR A CA  1 
ATOM   217  C C   . THR A 1 25  ? -1.152  4.748   7.047   1.00 11.68 ? 25  THR A C   1 
ATOM   218  O O   . THR A 1 25  ? -2.138  4.015   7.178   1.00 13.15 ? 25  THR A O   1 
ATOM   219  C CB  . THR A 1 25  ? -0.092  5.211   4.748   1.00 11.03 ? 25  THR A CB  1 
ATOM   220  O OG1 . THR A 1 25  ? -0.019  6.178   3.696   1.00 11.49 ? 25  THR A OG1 1 
ATOM   221  C CG2 . THR A 1 25  ? -0.662  3.888   4.202   1.00 13.29 ? 25  THR A CG2 1 
ATOM   222  N N   . TYR A 1 26  ? -0.158  4.709   7.924   1.00 12.04 ? 26  TYR A N   1 
ATOM   223  C CA  . TYR A 1 26  ? -0.272  3.986   9.190   1.00 11.60 ? 26  TYR A CA  1 
ATOM   224  C C   . TYR A 1 26  ? -1.525  4.416   9.986   1.00 12.40 ? 26  TYR A C   1 
ATOM   225  O O   . TYR A 1 26  ? -2.233  3.553   10.520  1.00 14.16 ? 26  TYR A O   1 
ATOM   226  C CB  . TYR A 1 26  ? 1.017   4.249   9.977   1.00 13.55 ? 26  TYR A CB  1 
ATOM   227  C CG  . TYR A 1 26  ? 0.923   4.052   11.472  1.00 14.32 ? 26  TYR A CG  1 
ATOM   228  C CD1 . TYR A 1 26  ? 1.007   2.785   12.052  1.00 14.87 ? 26  TYR A CD1 1 
ATOM   229  C CD2 . TYR A 1 26  ? 0.759   5.159   12.305  1.00 16.02 ? 26  TYR A CD2 1 
ATOM   230  C CE1 . TYR A 1 26  ? 0.931   2.621   13.444  1.00 15.74 ? 26  TYR A CE1 1 
ATOM   231  C CE2 . TYR A 1 26  ? 0.690   5.005   13.682  1.00 17.26 ? 26  TYR A CE2 1 
ATOM   232  C CZ  . TYR A 1 26  ? 0.754   3.752   14.238  1.00 17.10 ? 26  TYR A CZ  1 
ATOM   233  O OH  . TYR A 1 26  ? 0.696   3.659   15.618  1.00 22.50 ? 26  TYR A OH  1 
ATOM   234  N N   . ARG A 1 27  ? -1.798  5.717   10.067  1.00 12.88 ? 27  ARG A N   1 
ATOM   235  C CA  . ARG A 1 27  ? -3.019  6.174   10.764  1.00 12.56 ? 27  ARG A CA  1 
ATOM   236  C C   . ARG A 1 27  ? -4.287  5.548   10.173  1.00 13.49 ? 27  ARG A C   1 
ATOM   237  O O   . ARG A 1 27  ? -5.199  5.215   10.918  1.00 14.05 ? 27  ARG A O   1 
ATOM   238  C CB  . ARG A 1 27  ? -3.142  7.703   10.745  1.00 13.88 ? 27  ARG A CB  1 
ATOM   239  C CG  . ARG A 1 27  ? -2.031  8.426   11.527  1.00 13.52 ? 27  ARG A CG  1 
ATOM   240  C CD  . ARG A 1 27  ? -2.551  9.746   12.059  1.00 17.69 ? 27  ARG A CD  1 
ATOM   241  N NE  . ARG A 1 27  ? -2.840  10.666  10.973  1.00 18.23 ? 27  ARG A NE  1 
ATOM   242  C CZ  . ARG A 1 27  ? -3.569  11.780  11.091  1.00 18.81 ? 27  ARG A CZ  1 
ATOM   243  N NH1 . ARG A 1 27  ? -4.117  12.140  12.263  1.00 18.00 ? 27  ARG A NH1 1 
ATOM   244  N NH2 . ARG A 1 27  ? -3.755  12.539  10.042  1.00 16.90 ? 27  ARG A NH2 1 
ATOM   245  N N   . VAL A 1 28  ? -4.341  5.393   8.850   1.00 13.40 ? 28  VAL A N   1 
ATOM   246  C CA  . VAL A 1 28  ? -5.516  4.751   8.217   1.00 14.19 ? 28  VAL A CA  1 
ATOM   247  C C   . VAL A 1 28  ? -5.689  3.322   8.725   1.00 13.90 ? 28  VAL A C   1 
ATOM   248  O O   . VAL A 1 28  ? -6.786  2.920   9.179   1.00 13.91 ? 28  VAL A O   1 
ATOM   249  C CB  . VAL A 1 28  ? -5.389  4.742   6.680   1.00 14.10 ? 28  VAL A CB  1 
ATOM   250  C CG1 . VAL A 1 28  ? -6.545  3.897   6.065   1.00 14.23 ? 28  VAL A CG1 1 
ATOM   251  C CG2 . VAL A 1 28  ? -5.438  6.121   6.140   1.00 14.16 ? 28  VAL A CG2 1 
ATOM   252  N N   . PHE A 1 29  ? -4.611  2.540   8.656   1.00 13.65 ? 29  PHE A N   1 
ATOM   253  C CA  . PHE A 1 29  ? -4.670  1.138   9.092   1.00 13.71 ? 29  PHE A CA  1 
ATOM   254  C C   . PHE A 1 29  ? -4.884  0.962   10.601  1.00 15.14 ? 29  PHE A C   1 
ATOM   255  O O   . PHE A 1 29  ? -5.621  0.081   11.048  1.00 15.16 ? 29  PHE A O   1 
ATOM   256  C CB  . PHE A 1 29  ? -3.459  0.356   8.601   1.00 14.15 ? 29  PHE A CB  1 
ATOM   257  C CG  . PHE A 1 29  ? -3.560  -0.001  7.167   1.00 12.93 ? 29  PHE A CG  1 
ATOM   258  C CD1 . PHE A 1 29  ? -4.247  -1.168  6.776   1.00 13.58 ? 29  PHE A CD1 1 
ATOM   259  C CD2 . PHE A 1 29  ? -3.020  0.828   6.192   1.00 14.49 ? 29  PHE A CD2 1 
ATOM   260  C CE1 . PHE A 1 29  ? -4.381  -1.494  5.431   1.00 14.89 ? 29  PHE A CE1 1 
ATOM   261  C CE2 . PHE A 1 29  ? -3.152  0.500   4.844   1.00 14.99 ? 29  PHE A CE2 1 
ATOM   262  C CZ  . PHE A 1 29  ? -3.826  -0.673  4.475   1.00 14.36 ? 29  PHE A CZ  1 
ATOM   263  N N   . LYS A 1 30  ? -4.314  1.862   11.383  1.00 15.19 ? 30  LYS A N   1 
ATOM   264  C CA  . LYS A 1 30  ? -4.576  1.831   12.825  1.00 16.59 ? 30  LYS A CA  1 
ATOM   265  C C   . LYS A 1 30  ? -6.069  2.085   13.091  1.00 16.28 ? 30  LYS A C   1 
ATOM   266  O O   . LYS A 1 30  ? -6.709  1.398   13.900  1.00 17.08 ? 30  LYS A O   1 
ATOM   267  C CB  . LYS A 1 30  ? -3.710  2.886   13.530  1.00 16.31 ? 30  LYS A CB  1 
ATOM   268  C CG  . LYS A 1 30  ? -3.855  2.885   15.083  1.00 18.62 ? 30  LYS A CG  1 
ATOM   269  C CD  . LYS A 1 30  ? -2.935  3.909   15.718  1.00 20.43 ? 30  LYS A CD  1 
ATOM   270  C CE  . LYS A 1 30  ? -3.160  3.967   17.224  1.00 27.95 ? 30  LYS A CE  1 
ATOM   271  N NZ  . LYS A 1 30  ? -2.656  2.706   17.832  1.00 32.53 ? 30  LYS A NZ  1 
ATOM   272  N N   . LYS A 1 31  ? -6.639  3.062   12.389  1.00 15.55 ? 31  LYS A N   1 
ATOM   273  C CA  . LYS A 1 31  ? -8.054  3.399   12.606  1.00 15.69 ? 31  LYS A CA  1 
ATOM   274  C C   . LYS A 1 31  ? -9.002  2.311   12.079  1.00 15.97 ? 31  LYS A C   1 
ATOM   275  O O   . LYS A 1 31  ? -10.072 2.074   12.665  1.00 16.99 ? 31  LYS A O   1 
ATOM   276  C CB  . LYS A 1 31  ? -8.412  4.742   11.999  1.00 15.76 ? 31  LYS A CB  1 
ATOM   277  C CG  . LYS A 1 31  ? -9.737  5.219   12.543  1.00 18.08 ? 31  LYS A CG  1 
ATOM   278  C CD  . LYS A 1 31  ? -9.896  6.673   12.501  1.00 18.11 ? 31  LYS A CD  1 
ATOM   279  C CE  . LYS A 1 31  ? -11.211 7.081   13.135  1.00 19.56 ? 31  LYS A CE  1 
ATOM   280  N NZ  . LYS A 1 31  ? -11.235 8.530   13.297  1.00 21.69 ? 31  LYS A NZ  1 
ATOM   281  N N   . LEU A 1 32  ? -8.634  1.657   10.987  1.00 15.96 ? 32  LEU A N   1 
ATOM   282  C CA  . LEU A 1 32  ? -9.491  0.565   10.489  1.00 15.52 ? 32  LEU A CA  1 
ATOM   283  C C   . LEU A 1 32  ? -9.593  -0.541  11.518  1.00 16.19 ? 32  LEU A C   1 
ATOM   284  O O   . LEU A 1 32  ? -10.648 -1.199  11.648  1.00 16.98 ? 32  LEU A O   1 
ATOM   285  C CB  . LEU A 1 32  ? -8.942  0.021   9.173   1.00 15.34 ? 32  LEU A CB  1 
ATOM   286  C CG  . LEU A 1 32  ? -9.148  0.881   7.928   1.00 15.18 ? 32  LEU A CG  1 
ATOM   287  C CD1 . LEU A 1 32  ? -8.380  0.302   6.767   1.00 15.71 ? 32  LEU A CD1 1 
ATOM   288  C CD2 . LEU A 1 32  ? -10.629 1.057   7.581   1.00 15.52 ? 32  LEU A CD2 1 
ATOM   289  N N   . GLY A 1 33  ? -8.487  -0.800  12.196  1.00 16.06 ? 33  GLY A N   1 
ATOM   290  C CA  . GLY A 1 33  ? -8.408  -1.757  13.283  1.00 15.79 ? 33  GLY A CA  1 
ATOM   291  C C   . GLY A 1 33  ? -8.535  -3.210  12.821  1.00 16.44 ? 33  GLY A C   1 
ATOM   292  O O   . GLY A 1 33  ? -8.234  -3.530  11.665  1.00 15.71 ? 33  GLY A O   1 
ATOM   293  N N   . SER A 1 34  ? -8.902  -4.084  13.765  1.00 16.94 ? 34  SER A N   1 
ATOM   294  C CA  A SER A 1 34  ? -9.174  -5.495  13.428  0.50 16.52 ? 34  SER A CA  1 
ATOM   295  C CA  B SER A 1 34  ? -9.096  -5.530  13.584  0.50 16.98 ? 34  SER A CA  1 
ATOM   296  C C   . SER A 1 34  ? -7.891  -6.298  13.101  1.00 16.70 ? 34  SER A C   1 
ATOM   297  O O   . SER A 1 34  ? -7.980  -7.365  12.494  1.00 17.50 ? 34  SER A O   1 
ATOM   298  C CB  A SER A 1 34  ? -10.199 -5.638  12.256  0.50 16.47 ? 34  SER A CB  1 
ATOM   299  C CB  B SER A 1 34  ? -10.349 -5.839  12.784  0.50 17.14 ? 34  SER A CB  1 
ATOM   300  O OG  A SER A 1 34  ? -11.475 -5.015  12.478  0.50 15.59 ? 34  SER A OG  1 
ATOM   301  O OG  B SER A 1 34  ? -11.444 -5.462  13.597  0.50 18.60 ? 34  SER A OG  1 
ATOM   302  N N   . TYR A 1 35  ? -6.727  -5.767  13.461  1.00 16.49 ? 35  TYR A N   1 
ATOM   303  C CA  . TYR A 1 35  ? -5.449  -6.442  13.217  1.00 17.44 ? 35  TYR A CA  1 
ATOM   304  C C   . TYR A 1 35  ? -4.937  -7.171  14.432  1.00 17.98 ? 35  TYR A C   1 
ATOM   305  O O   . TYR A 1 35  ? -5.324  -6.853  15.563  1.00 18.66 ? 35  TYR A O   1 
ATOM   306  C CB  . TYR A 1 35  ? -4.360  -5.435  12.797  1.00 17.97 ? 35  TYR A CB  1 
ATOM   307  C CG  . TYR A 1 35  ? -4.210  -4.231  13.704  1.00 16.72 ? 35  TYR A CG  1 
ATOM   308  C CD1 . TYR A 1 35  ? -3.416  -4.285  14.848  1.00 16.83 ? 35  TYR A CD1 1 
ATOM   309  C CD2 . TYR A 1 35  ? -4.839  -3.031  13.391  1.00 17.31 ? 35  TYR A CD2 1 
ATOM   310  C CE1 . TYR A 1 35  ? -3.276  -3.167  15.679  1.00 17.40 ? 35  TYR A CE1 1 
ATOM   311  C CE2 . TYR A 1 35  ? -4.716  -1.926  14.207  1.00 17.62 ? 35  TYR A CE2 1 
ATOM   312  C CZ  . TYR A 1 35  ? -3.947  -2.000  15.339  1.00 18.82 ? 35  TYR A CZ  1 
ATOM   313  O OH  . TYR A 1 35  ? -3.836  -0.863  16.128  1.00 21.56 ? 35  TYR A OH  1 
ATOM   314  N N   . LYS A 1 36  ? -4.058  -8.147  14.204  1.00 17.83 ? 36  LYS A N   1 
ATOM   315  C CA  A LYS A 1 36  ? -3.360  -8.785  15.323  0.50 19.06 ? 36  LYS A CA  1 
ATOM   316  C CA  B LYS A 1 36  ? -3.329  -8.818  15.283  0.50 18.52 ? 36  LYS A CA  1 
ATOM   317  C C   . LYS A 1 36  ? -2.091  -8.027  15.692  1.00 18.81 ? 36  LYS A C   1 
ATOM   318  O O   . LYS A 1 36  ? -1.819  -7.847  16.882  1.00 19.02 ? 36  LYS A O   1 
ATOM   319  C CB  A LYS A 1 36  ? -3.089  -10.279 15.107  0.50 19.47 ? 36  LYS A CB  1 
ATOM   320  C CB  B LYS A 1 36  ? -2.942  -10.227 14.857  0.50 18.84 ? 36  LYS A CB  1 
ATOM   321  C CG  A LYS A 1 36  ? -2.681  -10.712 13.723  0.50 20.84 ? 36  LYS A CG  1 
ATOM   322  C CG  B LYS A 1 36  ? -4.165  -11.119 14.767  0.50 19.72 ? 36  LYS A CG  1 
ATOM   323  C CD  A LYS A 1 36  ? -2.729  -12.230 13.589  0.50 20.68 ? 36  LYS A CD  1 
ATOM   324  C CD  B LYS A 1 36  ? -3.854  -12.598 14.687  0.50 23.69 ? 36  LYS A CD  1 
ATOM   325  C CE  A LYS A 1 36  ? -1.400  -12.864 13.926  0.50 21.99 ? 36  LYS A CE  1 
ATOM   326  C CE  B LYS A 1 36  ? -5.146  -13.383 14.914  0.50 25.89 ? 36  LYS A CE  1 
ATOM   327  N NZ  A LYS A 1 36  ? -1.390  -14.282 13.493  0.50 22.48 ? 36  LYS A NZ  1 
ATOM   328  N NZ  B LYS A 1 36  ? -5.028  -14.830 14.593  0.50 26.67 ? 36  LYS A NZ  1 
ATOM   329  N N   . ASN A 1 37  ? -1.358  -7.552  14.684  1.00 17.89 ? 37  ASN A N   1 
ATOM   330  C CA  . ASN A 1 37  ? -0.183  -6.706  14.900  1.00 17.86 ? 37  ASN A CA  1 
ATOM   331  C C   . ASN A 1 37  ? -0.140  -5.614  13.844  1.00 17.09 ? 37  ASN A C   1 
ATOM   332  O O   . ASN A 1 37  ? -0.543  -5.834  12.702  1.00 16.87 ? 37  ASN A O   1 
ATOM   333  C CB  . ASN A 1 37  ? 1.111   -7.512  14.766  1.00 18.47 ? 37  ASN A CB  1 
ATOM   334  C CG  . ASN A 1 37  ? 1.156   -8.741  15.645  1.00 21.94 ? 37  ASN A CG  1 
ATOM   335  O OD1 . ASN A 1 37  ? 1.293   -9.869  15.150  1.00 28.77 ? 37  ASN A OD1 1 
ATOM   336  N ND2 . ASN A 1 37  ? 1.086   -8.540  16.944  1.00 23.31 ? 37  ASN A ND2 1 
ATOM   337  N N   . LEU A 1 38  ? 0.375   -4.456  14.223  1.00 16.08 ? 38  LEU A N   1 
ATOM   338  C CA  . LEU A 1 38  ? 0.579   -3.350  13.284  1.00 15.63 ? 38  LEU A CA  1 
ATOM   339  C C   . LEU A 1 38  ? 1.934   -2.752  13.623  1.00 15.37 ? 38  LEU A C   1 
ATOM   340  O O   . LEU A 1 38  ? 2.151   -2.302  14.751  1.00 17.55 ? 38  LEU A O   1 
ATOM   341  C CB  . LEU A 1 38  ? -0.521  -2.280  13.404  1.00 14.80 ? 38  LEU A CB  1 
ATOM   342  C CG  . LEU A 1 38  ? -0.409  -1.033  12.521  1.00 16.27 ? 38  LEU A CG  1 
ATOM   343  C CD1 . LEU A 1 38  ? -0.558  -1.381  11.016  1.00 15.00 ? 38  LEU A CD1 1 
ATOM   344  C CD2 . LEU A 1 38  ? -1.468  -0.011  12.917  1.00 16.96 ? 38  LEU A CD2 1 
ATOM   345  N N   . VAL A 1 39  ? 2.855   -2.774  12.669  1.00 15.06 ? 39  VAL A N   1 
ATOM   346  C CA  . VAL A 1 39  ? 4.261   -2.411  12.947  1.00 14.77 ? 39  VAL A CA  1 
ATOM   347  C C   . VAL A 1 39  ? 4.694   -1.301  11.987  1.00 14.30 ? 39  VAL A C   1 
ATOM   348  O O   . VAL A 1 39  ? 4.948   -1.572  10.802  1.00 13.68 ? 39  VAL A O   1 
ATOM   349  C CB  . VAL A 1 39  ? 5.187   -3.637  12.787  1.00 15.16 ? 39  VAL A CB  1 
ATOM   350  C CG1 . VAL A 1 39  ? 6.601   -3.303  13.288  1.00 16.03 ? 39  VAL A CG1 1 
ATOM   351  C CG2 . VAL A 1 39  ? 4.641   -4.816  13.560  1.00 16.89 ? 39  VAL A CG2 1 
ATOM   352  N N   . PRO A 1 40  ? 4.734   -0.043  12.475  1.00 14.24 ? 40  PRO A N   1 
ATOM   353  C CA  . PRO A 1 40  ? 5.279   1.047   11.678  1.00 14.35 ? 40  PRO A CA  1 
ATOM   354  C C   . PRO A 1 40  ? 6.795   1.045   11.747  1.00 13.75 ? 40  PRO A C   1 
ATOM   355  O O   . PRO A 1 40  ? 7.367   1.033   12.846  1.00 13.99 ? 40  PRO A O   1 
ATOM   356  C CB  . PRO A 1 40  ? 4.695   2.297   12.356  1.00 13.97 ? 40  PRO A CB  1 
ATOM   357  C CG  . PRO A 1 40  ? 4.555   1.912   13.807  1.00 15.09 ? 40  PRO A CG  1 
ATOM   358  C CD  . PRO A 1 40  ? 4.240   0.421   13.793  1.00 15.15 ? 40  PRO A CD  1 
ATOM   359  N N   . ASN A 1 41  ? 7.441   1.000   10.585  1.00 13.29 ? 41  ASN A N   1 
ATOM   360  C CA  . ASN A 1 41  ? 8.904   1.079   10.551  1.00 12.74 ? 41  ASN A CA  1 
ATOM   361  C C   . ASN A 1 41  ? 9.390   2.528   10.494  1.00 12.60 ? 41  ASN A C   1 
ATOM   362  O O   . ASN A 1 41  ? 10.014  2.936   9.513   1.00 12.78 ? 41  ASN A O   1 
ATOM   363  C CB  . ASN A 1 41  ? 9.481   0.225   9.413   1.00 12.87 ? 41  ASN A CB  1 
ATOM   364  C CG  . ASN A 1 41  ? 10.987  0.246   9.381   1.00 11.22 ? 41  ASN A CG  1 
ATOM   365  O OD1 . ASN A 1 41  ? 11.603  0.507   10.434  1.00 12.74 ? 41  ASN A OD1 1 
ATOM   366  N ND2 . ASN A 1 41  ? 11.583  -0.048  8.256   1.00 13.38 ? 41  ASN A ND2 1 
ATOM   367  N N   . PHE A 1 42  ? 9.075   3.276   11.537  1.00 12.65 ? 42  PHE A N   1 
ATOM   368  C CA  . PHE A 1 42  ? 9.532   4.660   11.692  1.00 13.81 ? 42  PHE A CA  1 
ATOM   369  C C   . PHE A 1 42  ? 9.222   5.029   13.127  1.00 15.44 ? 42  PHE A C   1 
ATOM   370  O O   . PHE A 1 42  ? 8.515   4.302   13.848  1.00 15.03 ? 42  PHE A O   1 
ATOM   371  C CB  . PHE A 1 42  ? 8.844   5.622   10.685  1.00 14.77 ? 42  PHE A CB  1 
ATOM   372  C CG  . PHE A 1 42  ? 7.323   5.517   10.653  1.00 16.18 ? 42  PHE A CG  1 
ATOM   373  C CD1 . PHE A 1 42  ? 6.537   6.243   11.558  1.00 19.99 ? 42  PHE A CD1 1 
ATOM   374  C CD2 . PHE A 1 42  ? 6.684   4.717   9.705   1.00 18.01 ? 42  PHE A CD2 1 
ATOM   375  C CE1 . PHE A 1 42  ? 5.143   6.150   11.529  1.00 20.51 ? 42  PHE A CE1 1 
ATOM   376  C CE2 . PHE A 1 42  ? 5.284   4.621   9.695   1.00 19.36 ? 42  PHE A CE2 1 
ATOM   377  C CZ  . PHE A 1 42  ? 4.537   5.338   10.584  1.00 18.16 ? 42  PHE A CZ  1 
ATOM   378  N N   . LYS A 1 43  ? 9.760   6.173   13.549  1.00 15.85 ? 43  LYS A N   1 
ATOM   379  C CA  . LYS A 1 43  ? 9.573   6.621   14.926  1.00 18.30 ? 43  LYS A CA  1 
ATOM   380  C C   . LYS A 1 43  ? 8.844   7.946   15.014  1.00 17.92 ? 43  LYS A C   1 
ATOM   381  O O   . LYS A 1 43  ? 8.763   8.700   14.048  1.00 18.41 ? 43  LYS A O   1 
ATOM   382  C CB  . LYS A 1 43  ? 10.929  6.734   15.644  1.00 19.50 ? 43  LYS A CB  1 
ATOM   383  C CG  . LYS A 1 43  ? 11.734  5.442   15.615  1.00 22.66 ? 43  LYS A CG  1 
ATOM   384  C CD  . LYS A 1 43  ? 11.073  4.308   16.433  1.00 27.59 ? 43  LYS A CD  1 
ATOM   385  C CE  . LYS A 1 43  ? 11.266  4.533   17.953  1.00 29.97 ? 43  LYS A CE  1 
ATOM   386  N NZ  . LYS A 1 43  ? 10.684  3.469   18.828  1.00 29.69 ? 43  LYS A NZ  1 
ATOM   387  N N   . LEU A 1 44  ? 8.321   8.228   16.196  1.00 18.18 ? 44  LEU A N   1 
ATOM   388  C CA  . LEU A 1 44  ? 7.699   9.515   16.463  1.00 20.19 ? 44  LEU A CA  1 
ATOM   389  C C   . LEU A 1 44  ? 8.553   10.273  17.448  1.00 21.15 ? 44  LEU A C   1 
ATOM   390  O O   . LEU A 1 44  ? 9.194   9.680   18.330  1.00 22.31 ? 44  LEU A O   1 
ATOM   391  C CB  . LEU A 1 44  ? 6.318   9.331   17.056  1.00 19.89 ? 44  LEU A CB  1 
ATOM   392  C CG  . LEU A 1 44  ? 5.287   8.423   16.392  1.00 20.00 ? 44  LEU A CG  1 
ATOM   393  C CD1 . LEU A 1 44  ? 4.007   8.584   17.167  1.00 24.31 ? 44  LEU A CD1 1 
ATOM   394  C CD2 . LEU A 1 44  ? 5.073   8.812   14.936  1.00 21.27 ? 44  LEU A CD2 1 
ATOM   395  N N   . ASP A 1 45  ? 8.555   11.592  17.311  1.00 21.32 ? 45  ASP A N   1 
ATOM   396  C CA  . ASP A 1 45  ? 9.234   12.433  18.301  1.00 22.59 ? 45  ASP A CA  1 
ATOM   397  C C   . ASP A 1 45  ? 8.332   12.608  19.511  1.00 23.19 ? 45  ASP A C   1 
ATOM   398  O O   . ASP A 1 45  ? 7.282   11.973  19.619  1.00 23.10 ? 45  ASP A O   1 
ATOM   399  C CB  . ASP A 1 45  ? 9.698   13.763  17.701  1.00 22.60 ? 45  ASP A CB  1 
ATOM   400  C CG  . ASP A 1 45  ? 8.543   14.705  17.301  1.00 21.38 ? 45  ASP A CG  1 
ATOM   401  O OD1 . ASP A 1 45  ? 7.375   14.529  17.725  1.00 22.97 ? 45  ASP A OD1 1 
ATOM   402  O OD2 . ASP A 1 45  ? 8.863   15.655  16.567  1.00 24.83 ? 45  ASP A OD2 1 
ATOM   403  N N   . ASP A 1 46  ? 8.726   13.485  20.433  1.00 24.98 ? 46  ASP A N   1 
ATOM   404  C CA  . ASP A 1 46  ? 7.944   13.628  21.660  1.00 26.69 ? 46  ASP A CA  1 
ATOM   405  C C   . ASP A 1 46  ? 6.632   14.394  21.475  1.00 26.70 ? 46  ASP A C   1 
ATOM   406  O O   . ASP A 1 46  ? 5.744   14.326  22.321  1.00 26.92 ? 46  ASP A O   1 
ATOM   407  C CB  . ASP A 1 46  ? 8.830   14.122  22.818  1.00 27.69 ? 46  ASP A CB  1 
ATOM   408  C CG  . ASP A 1 46  ? 9.876   13.069  23.221  1.00 31.18 ? 46  ASP A CG  1 
ATOM   409  O OD1 . ASP A 1 46  ? 9.486   11.885  23.384  1.00 35.29 ? 46  ASP A OD1 1 
ATOM   410  O OD2 . ASP A 1 46  ? 11.082  13.398  23.344  1.00 34.68 ? 46  ASP A OD2 1 
ATOM   411  N N   . SER A 1 47  ? 6.494   15.068  20.333  1.00 26.80 ? 47  SER A N   1 
ATOM   412  C CA  . SER A 1 47  ? 5.243   15.723  19.961  1.00 27.27 ? 47  SER A CA  1 
ATOM   413  C C   . SER A 1 47  ? 4.311   14.823  19.152  1.00 26.67 ? 47  SER A C   1 
ATOM   414  O O   . SER A 1 47  ? 3.254   15.276  18.711  1.00 27.55 ? 47  SER A O   1 
ATOM   415  C CB  . SER A 1 47  ? 5.516   17.002  19.160  1.00 27.32 ? 47  SER A CB  1 
ATOM   416  O OG  . SER A 1 47  ? 6.096   18.011  19.969  1.00 30.50 ? 47  SER A OG  1 
ATOM   417  N N   . GLY A 1 48  ? 4.711   13.566  18.942  1.00 25.20 ? 48  GLY A N   1 
ATOM   418  C CA  . GLY A 1 48  ? 3.894   12.621  18.184  1.00 23.74 ? 48  GLY A CA  1 
ATOM   419  C C   . GLY A 1 48  ? 4.045   12.787  16.674  1.00 22.87 ? 48  GLY A C   1 
ATOM   420  O O   . GLY A 1 48  ? 3.272   12.205  15.916  1.00 24.54 ? 48  GLY A O   1 
ATOM   421  N N   . HIS A 1 49  ? 5.001   13.613  16.249  1.00 21.17 ? 49  HIS A N   1 
ATOM   422  C CA  . HIS A 1 49  ? 5.327   13.804  14.823  1.00 19.82 ? 49  HIS A CA  1 
ATOM   423  C C   . HIS A 1 49  ? 6.207   12.672  14.316  1.00 18.58 ? 49  HIS A C   1 
ATOM   424  O O   . HIS A 1 49  ? 7.154   12.276  14.986  1.00 17.62 ? 49  HIS A O   1 
ATOM   425  C CB  . HIS A 1 49  ? 6.079   15.121  14.602  1.00 20.69 ? 49  HIS A CB  1 
ATOM   426  C CG  . HIS A 1 49  ? 5.188   16.318  14.502  1.00 21.58 ? 49  HIS A CG  1 
ATOM   427  N ND1 . HIS A 1 49  ? 4.375   16.736  15.537  1.00 24.71 ? 49  HIS A ND1 1 
ATOM   428  C CD2 . HIS A 1 49  ? 4.965   17.177  13.478  1.00 22.66 ? 49  HIS A CD2 1 
ATOM   429  C CE1 . HIS A 1 49  ? 3.694   17.804  15.157  1.00 23.61 ? 49  HIS A CE1 1 
ATOM   430  N NE2 . HIS A 1 49  ? 4.038   18.098  13.913  1.00 26.49 ? 49  HIS A NE2 1 
ATOM   431  N N   . PRO A 1 50  ? 5.918   12.171  13.102  1.00 16.87 ? 50  PRO A N   1 
ATOM   432  C CA  . PRO A 1 50  ? 6.778   11.146  12.541  1.00 16.31 ? 50  PRO A CA  1 
ATOM   433  C C   . PRO A 1 50  ? 8.118   11.785  12.197  1.00 16.75 ? 50  PRO A C   1 
ATOM   434  O O   . PRO A 1 50  ? 8.168   12.912  11.677  1.00 17.00 ? 50  PRO A O   1 
ATOM   435  C CB  . PRO A 1 50  ? 6.029   10.720  11.264  1.00 16.20 ? 50  PRO A CB  1 
ATOM   436  C CG  . PRO A 1 50  ? 5.256   11.977  10.871  1.00 16.01 ? 50  PRO A CG  1 
ATOM   437  C CD  . PRO A 1 50  ? 4.821   12.553  12.185  1.00 17.47 ? 50  PRO A CD  1 
ATOM   438  N N   . ILE A 1 51  ? 9.193   11.055  12.491  1.00 17.07 ? 51  ILE A N   1 
ATOM   439  C CA  . ILE A 1 51  ? 10.549  11.546  12.237  1.00 17.96 ? 51  ILE A CA  1 
ATOM   440  C C   . ILE A 1 51  ? 11.440  10.540  11.512  1.00 18.42 ? 51  ILE A C   1 
ATOM   441  O O   . ILE A 1 51  ? 12.647  10.709  11.475  1.00 19.66 ? 51  ILE A O   1 
ATOM   442  C CB  . ILE A 1 51  ? 11.256  12.083  13.538  1.00 19.05 ? 51  ILE A CB  1 
ATOM   443  C CG1 . ILE A 1 51  ? 11.203  11.063  14.682  1.00 19.09 ? 51  ILE A CG1 1 
ATOM   444  C CG2 . ILE A 1 51  ? 10.687  13.430  13.953  1.00 19.95 ? 51  ILE A CG2 1 
ATOM   445  C CD1 . ILE A 1 51  ? 12.155  9.928   14.551  1.00 22.61 ? 51  ILE A CD1 1 
ATOM   446  N N   . GLY A 1 52  ? 10.849  9.510   10.900  1.00 17.58 ? 52  GLY A N   1 
ATOM   447  C CA  . GLY A 1 52  ? 11.614  8.572   10.095  1.00 17.18 ? 52  GLY A CA  1 
ATOM   448  C C   . GLY A 1 52  ? 12.400  7.615   10.975  1.00 17.29 ? 52  GLY A C   1 
ATOM   449  O O   . GLY A 1 52  ? 11.824  6.977   11.867  1.00 16.80 ? 52  GLY A O   1 
ATOM   450  N N   . ASN A 1 53  ? 13.711  7.559   10.776  1.00 18.52 ? 53  ASN A N   1 
ATOM   451  C CA  . ASN A 1 53  ? 14.571  6.629   11.510  1.00 18.95 ? 53  ASN A CA  1 
ATOM   452  C C   . ASN A 1 53  ? 14.150  5.165   11.295  1.00 17.49 ? 53  ASN A C   1 
ATOM   453  O O   . ASN A 1 53  ? 14.103  4.354   12.227  1.00 18.87 ? 53  ASN A O   1 
ATOM   454  C CB  . ASN A 1 53  ? 14.657  6.970   13.007  1.00 20.43 ? 53  ASN A CB  1 
ATOM   455  C CG  . ASN A 1 53  ? 15.560  8.165   13.281  1.00 26.63 ? 53  ASN A CG  1 
ATOM   456  O OD1 . ASN A 1 53  ? 16.267  8.648   12.385  1.00 33.24 ? 53  ASN A OD1 1 
ATOM   457  N ND2 . ASN A 1 53  ? 15.544  8.648   14.513  1.00 31.69 ? 53  ASN A ND2 1 
ATOM   458  N N   . ALA A 1 54  ? 13.875  4.848   10.043  1.00 16.33 ? 54  ALA A N   1 
ATOM   459  C CA  . ALA A 1 54  ? 13.454  3.492   9.672   1.00 15.17 ? 54  ALA A CA  1 
ATOM   460  C C   . ALA A 1 54  ? 14.600  2.497   9.805   1.00 15.91 ? 54  ALA A C   1 
ATOM   461  O O   . ALA A 1 54  ? 15.777  2.837   9.608   1.00 16.33 ? 54  ALA A O   1 
ATOM   462  C CB  . ALA A 1 54  ? 12.956  3.477   8.269   1.00 15.05 ? 54  ALA A CB  1 
ATOM   463  N N   . ILE A 1 55  ? 14.252  1.249   10.086  1.00 14.47 ? 55  ILE A N   1 
ATOM   464  C CA  . ILE A 1 55  ? 15.238  0.172   10.005  1.00 13.69 ? 55  ILE A CA  1 
ATOM   465  C C   . ILE A 1 55  ? 15.486  -0.159  8.511   1.00 14.71 ? 55  ILE A C   1 
ATOM   466  O O   . ILE A 1 55  ? 14.549  -0.470  7.778   1.00 14.23 ? 55  ILE A O   1 
ATOM   467  C CB  . ILE A 1 55  ? 14.697  -1.097  10.713  1.00 14.32 ? 55  ILE A CB  1 
ATOM   468  C CG1 . ILE A 1 55  ? 14.426  -0.800  12.183  1.00 15.38 ? 55  ILE A CG1 1 
ATOM   469  C CG2 . ILE A 1 55  ? 15.687  -2.296  10.522  1.00 15.81 ? 55  ILE A CG2 1 
ATOM   470  C CD1 . ILE A 1 55  ? 13.679  -1.898  12.894  1.00 15.57 ? 55  ILE A CD1 1 
ATOM   471  N N   . PRO A 1 56  ? 16.737  -0.117  8.036   1.00 15.54 ? 56  PRO A N   1 
ATOM   472  C CA  . PRO A 1 56  ? 17.014  -0.575  6.669   1.00 15.86 ? 56  PRO A CA  1 
ATOM   473  C C   . PRO A 1 56  ? 16.558  -2.017  6.411   1.00 14.82 ? 56  PRO A C   1 
ATOM   474  O O   . PRO A 1 56  ? 16.682  -2.866  7.297   1.00 15.78 ? 56  PRO A O   1 
ATOM   475  C CB  . PRO A 1 56  ? 18.544  -0.508  6.565   1.00 17.16 ? 56  PRO A CB  1 
ATOM   476  C CG  . PRO A 1 56  ? 18.919  0.519   7.583   1.00 17.15 ? 56  PRO A CG  1 
ATOM   477  C CD  . PRO A 1 56  ? 17.949  0.387   8.714   1.00 15.60 ? 56  PRO A CD  1 
ATOM   478  N N   . GLY A 1 57  ? 16.052  -2.252  5.209   1.00 15.77 ? 57  GLY A N   1 
ATOM   479  C CA  . GLY A 1 57  ? 15.696  -3.582  4.740   1.00 15.33 ? 57  GLY A CA  1 
ATOM   480  C C   . GLY A 1 57  ? 14.350  -4.110  5.179   1.00 15.42 ? 57  GLY A C   1 
ATOM   481  O O   . GLY A 1 57  ? 14.057  -5.265  4.909   1.00 16.60 ? 57  GLY A O   1 
ATOM   482  N N   . VAL A 1 58  ? 13.542  -3.259  5.815   1.00 14.18 ? 58  VAL A N   1 
ATOM   483  C CA  . VAL A 1 58  ? 12.214  -3.622  6.337   1.00 14.33 ? 58  VAL A CA  1 
ATOM   484  C C   . VAL A 1 58  ? 11.141  -2.717  5.719   1.00 13.86 ? 58  VAL A C   1 
ATOM   485  O O   . VAL A 1 58  ? 11.334  -1.505  5.588   1.00 13.30 ? 58  VAL A O   1 
ATOM   486  C CB  . VAL A 1 58  ? 12.183  -3.513  7.862   1.00 13.95 ? 58  VAL A CB  1 
ATOM   487  C CG1 . VAL A 1 58  ? 10.775  -3.802  8.431   1.00 16.50 ? 58  VAL A CG1 1 
ATOM   488  C CG2 . VAL A 1 58  ? 13.235  -4.502  8.440   1.00 13.30 ? 58  VAL A CG2 1 
ATOM   489  N N   . GLU A 1 59  ? 10.004  -3.328  5.373   1.00 12.78 ? 59  GLU A N   1 
ATOM   490  C CA  . GLU A 1 59  ? 8.848   -2.582  4.844   1.00 12.61 ? 59  GLU A CA  1 
ATOM   491  C C   . GLU A 1 59  ? 8.412   -1.388  5.697   1.00 11.91 ? 59  GLU A C   1 
ATOM   492  O O   . GLU A 1 59  ? 8.570   -1.368  6.928   1.00 12.45 ? 59  GLU A O   1 
ATOM   493  C CB  . GLU A 1 59  ? 7.659   -3.541  4.657   1.00 13.13 ? 59  GLU A CB  1 
ATOM   494  C CG  . GLU A 1 59  ? 7.221   -4.259  5.932   1.00 13.25 ? 59  GLU A CG  1 
ATOM   495  C CD  . GLU A 1 59  ? 7.997   -5.578  6.231   1.00 16.21 ? 59  GLU A CD  1 
ATOM   496  O OE1 . GLU A 1 59  ? 9.018   -5.875  5.553   1.00 14.90 ? 59  GLU A OE1 1 
ATOM   497  O OE2 . GLU A 1 59  ? 7.566   -6.290  7.175   1.00 16.23 ? 59  GLU A OE2 1 
ATOM   498  N N   . ASP A 1 60  ? 7.825   -0.389  5.034   1.00 11.14 ? 60  ASP A N   1 
ATOM   499  C CA  . ASP A 1 60  ? 7.397   0.819   5.757   1.00 11.48 ? 60  ASP A CA  1 
ATOM   500  C C   . ASP A 1 60  ? 6.396   0.547   6.881   1.00 11.79 ? 60  ASP A C   1 
ATOM   501  O O   . ASP A 1 60  ? 6.503   1.118   7.968   1.00 12.90 ? 60  ASP A O   1 
ATOM   502  C CB  . ASP A 1 60  ? 6.774   1.854   4.804   1.00 11.89 ? 60  ASP A CB  1 
ATOM   503  C CG  . ASP A 1 60  ? 7.767   2.400   3.785   1.00 14.05 ? 60  ASP A CG  1 
ATOM   504  O OD1 . ASP A 1 60  ? 8.980   2.250   3.954   1.00 16.63 ? 60  ASP A OD1 1 
ATOM   505  O OD2 . ASP A 1 60  ? 7.320   2.984   2.772   1.00 14.72 ? 60  ASP A OD2 1 
ATOM   506  N N   . ILE A 1 61  ? 5.426   -0.332  6.615   1.00 12.14 ? 61  ILE A N   1 
ATOM   507  C CA  . ILE A 1 61  ? 4.376   -0.688  7.578   1.00 12.24 ? 61  ILE A CA  1 
ATOM   508  C C   . ILE A 1 61  ? 4.029   -2.140  7.330   1.00 12.52 ? 61  ILE A C   1 
ATOM   509  O O   . ILE A 1 61  ? 3.959   -2.568  6.182   1.00 12.62 ? 61  ILE A O   1 
ATOM   510  C CB  . ILE A 1 61  ? 3.074   0.148   7.406   1.00 12.68 ? 61  ILE A CB  1 
ATOM   511  C CG1 . ILE A 1 61  ? 3.386   1.645   7.429   1.00 12.68 ? 61  ILE A CG1 1 
ATOM   512  C CG2 . ILE A 1 61  ? 2.046   -0.171  8.497   1.00 14.52 ? 61  ILE A CG2 1 
ATOM   513  C CD1 . ILE A 1 61  ? 2.337   2.474   6.666   1.00 12.09 ? 61  ILE A CD1 1 
ATOM   514  N N   . LEU A 1 62  ? 3.854   -2.888  8.413   1.00 10.81 ? 62  LEU A N   1 
ATOM   515  C CA  . LEU A 1 62  ? 3.321   -4.252  8.297   1.00 11.06 ? 62  LEU A CA  1 
ATOM   516  C C   . LEU A 1 62  ? 2.037   -4.303  9.100   1.00 11.91 ? 62  LEU A C   1 
ATOM   517  O O   . LEU A 1 62  ? 2.012   -3.864  10.249  1.00 12.62 ? 62  LEU A O   1 
ATOM   518  C CB  . LEU A 1 62  ? 4.295   -5.293  8.868   1.00 11.54 ? 62  LEU A CB  1 
ATOM   519  C CG  . LEU A 1 62  ? 3.780   -6.722  8.996   1.00 12.10 ? 62  LEU A CG  1 
ATOM   520  C CD1 . LEU A 1 62  ? 3.542   -7.349  7.583   1.00 12.66 ? 62  LEU A CD1 1 
ATOM   521  C CD2 . LEU A 1 62  ? 4.798   -7.528  9.848   1.00 12.32 ? 62  LEU A CD2 1 
ATOM   522  N N   . VAL A 1 63  ? 0.966   -4.834  8.486   1.00 12.68 ? 63  VAL A N   1 
ATOM   523  C CA  . VAL A 1 63  ? -0.246  -5.134  9.266   1.00 12.48 ? 63  VAL A CA  1 
ATOM   524  C C   . VAL A 1 63  ? -0.522  -6.647  9.148   1.00 12.80 ? 63  VAL A C   1 
ATOM   525  O O   . VAL A 1 63  ? -0.600  -7.200  8.036   1.00 12.94 ? 63  VAL A O   1 
ATOM   526  C CB  . VAL A 1 63  ? -1.466  -4.279  8.826   1.00 13.18 ? 63  VAL A CB  1 
ATOM   527  C CG1 . VAL A 1 63  ? -1.878  -4.604  7.429   1.00 14.40 ? 63  VAL A CG1 1 
ATOM   528  C CG2 . VAL A 1 63  ? -2.654  -4.441  9.779   1.00 13.64 ? 63  VAL A CG2 1 
ATOM   529  N N   . GLU A 1 64  ? -0.596  -7.309  10.308  1.00 13.12 ? 64  GLU A N   1 
ATOM   530  C CA  . GLU A 1 64  ? -0.867  -8.738  10.317  1.00 13.19 ? 64  GLU A CA  1 
ATOM   531  C C   . GLU A 1 64  ? -2.283  -8.973  10.786  1.00 13.87 ? 64  GLU A C   1 
ATOM   532  O O   . GLU A 1 64  ? -2.644  -8.615  11.886  1.00 14.90 ? 64  GLU A O   1 
ATOM   533  C CB  . GLU A 1 64  ? 0.126   -9.461  11.227  1.00 13.91 ? 64  GLU A CB  1 
ATOM   534  C CG  . GLU A 1 64  ? 1.533   -9.369  10.683  1.00 14.41 ? 64  GLU A CG  1 
ATOM   535  C CD  . GLU A 1 64  ? 2.553   -10.162 11.494  1.00 16.47 ? 64  GLU A CD  1 
ATOM   536  O OE1 . GLU A 1 64  ? 2.451   -10.150 12.758  1.00 19.86 ? 64  GLU A OE1 1 
ATOM   537  O OE2 . GLU A 1 64  ? 3.453   -10.744 10.868  1.00 17.66 ? 64  GLU A OE2 1 
ATOM   538  N N   . TYR A 1 65  ? -3.105  -9.548  9.916   1.00 14.26 ? 65  TYR A N   1 
ATOM   539  C CA  . TYR A 1 65  ? -4.454  -9.922  10.295  1.00 14.63 ? 65  TYR A CA  1 
ATOM   540  C C   . TYR A 1 65  ? -4.455  -11.417 10.563  1.00 15.99 ? 65  TYR A C   1 
ATOM   541  O O   . TYR A 1 65  ? -3.456  -12.105 10.374  1.00 15.96 ? 65  TYR A O   1 
ATOM   542  C CB  . TYR A 1 65  ? -5.410  -9.618  9.169   1.00 13.62 ? 65  TYR A CB  1 
ATOM   543  C CG  . TYR A 1 65  ? -5.492  -8.150  8.837   1.00 12.07 ? 65  TYR A CG  1 
ATOM   544  C CD1 . TYR A 1 65  ? -6.123  -7.248  9.719   1.00 12.38 ? 65  TYR A CD1 1 
ATOM   545  C CD2 . TYR A 1 65  ? -4.953  -7.659  7.643   1.00 13.70 ? 65  TYR A CD2 1 
ATOM   546  C CE1 . TYR A 1 65  ? -6.210  -5.894  9.427   1.00 13.94 ? 65  TYR A CE1 1 
ATOM   547  C CE2 . TYR A 1 65  ? -5.037  -6.297  7.328   1.00 14.74 ? 65  TYR A CE2 1 
ATOM   548  C CZ  . TYR A 1 65  ? -5.661  -5.408  8.231   1.00 13.25 ? 65  TYR A CZ  1 
ATOM   549  O OH  . TYR A 1 65  ? -5.740  -4.063  7.892   1.00 13.84 ? 65  TYR A OH  1 
ATOM   550  N N   . GLU A 1 66  ? -5.611  -11.937 10.951  1.00 17.12 ? 66  GLU A N   1 
ATOM   551  C CA  . GLU A 1 66  ? -5.678  -13.345 11.276  1.00 19.10 ? 66  GLU A CA  1 
ATOM   552  C C   . GLU A 1 66  ? -5.209  -14.282 10.157  1.00 18.61 ? 66  GLU A C   1 
ATOM   553  O O   . GLU A 1 66  ? -4.414  -15.192 10.407  1.00 19.82 ? 66  GLU A O   1 
ATOM   554  C CB  . GLU A 1 66  ? -7.123  -13.656 11.651  1.00 19.56 ? 66  GLU A CB  1 
ATOM   555  C CG  . GLU A 1 66  ? -7.333  -15.018 12.215  1.00 23.20 ? 66  GLU A CG  1 
ATOM   556  C CD  . GLU A 1 66  ? -8.546  -15.001 13.054  1.00 29.14 ? 66  GLU A CD  1 
ATOM   557  O OE1 . GLU A 1 66  ? -8.444  -14.433 14.182  1.00 30.76 ? 66  GLU A OE1 1 
ATOM   558  O OE2 . GLU A 1 66  ? -9.589  -15.510 12.558  1.00 30.49 ? 66  GLU A OE2 1 
ATOM   559  N N   . HIS A 1 67  ? -5.688  -14.056 8.946   1.00 18.28 ? 67  HIS A N   1 
ATOM   560  C CA  . HIS A 1 67  ? -5.409  -15.050 7.909   1.00 18.63 ? 67  HIS A CA  1 
ATOM   561  C C   . HIS A 1 67  ? -4.411  -14.590 6.858   1.00 17.64 ? 67  HIS A C   1 
ATOM   562  O O   . HIS A 1 67  ? -4.068  -15.341 5.948   1.00 18.32 ? 67  HIS A O   1 
ATOM   563  C CB  . HIS A 1 67  ? -6.706  -15.517 7.274   1.00 19.24 ? 67  HIS A CB  1 
ATOM   564  C CG  . HIS A 1 67  ? -7.608  -16.213 8.240   1.00 21.15 ? 67  HIS A CG  1 
ATOM   565  N ND1 . HIS A 1 67  ? -7.298  -17.440 8.781   1.00 25.31 ? 67  HIS A ND1 1 
ATOM   566  C CD2 . HIS A 1 67  ? -8.778  -15.832 8.803   1.00 24.43 ? 67  HIS A CD2 1 
ATOM   567  C CE1 . HIS A 1 67  ? -8.251  -17.798 9.624   1.00 24.55 ? 67  HIS A CE1 1 
ATOM   568  N NE2 . HIS A 1 67  ? -9.168  -16.848 9.643   1.00 25.58 ? 67  HIS A NE2 1 
ATOM   569  N N   . PHE A 1 68  ? -3.931  -13.349 6.988   1.00 14.90 ? 68  PHE A N   1 
ATOM   570  C CA  . PHE A 1 68  ? -3.033  -12.815 5.961   1.00 14.40 ? 68  PHE A CA  1 
ATOM   571  C C   . PHE A 1 68  ? -2.432  -11.537 6.474   1.00 13.21 ? 68  PHE A C   1 
ATOM   572  O O   . PHE A 1 68  ? -2.930  -10.970 7.462   1.00 13.15 ? 68  PHE A O   1 
ATOM   573  C CB  . PHE A 1 68  ? -3.778  -12.530 4.643   1.00 14.10 ? 68  PHE A CB  1 
ATOM   574  C CG  . PHE A 1 68  ? -4.677  -11.315 4.694   1.00 13.24 ? 68  PHE A CG  1 
ATOM   575  C CD1 . PHE A 1 68  ? -4.327  -10.127 4.039   1.00 14.02 ? 68  PHE A CD1 1 
ATOM   576  C CD2 . PHE A 1 68  ? -5.880  -11.344 5.410   1.00 11.36 ? 68  PHE A CD2 1 
ATOM   577  C CE1 . PHE A 1 68  ? -5.166  -8.989  4.090   1.00 13.30 ? 68  PHE A CE1 1 
ATOM   578  C CE2 . PHE A 1 68  ? -6.714  -10.207 5.475   1.00 13.37 ? 68  PHE A CE2 1 
ATOM   579  C CZ  . PHE A 1 68  ? -6.367  -9.035  4.824   1.00 13.31 ? 68  PHE A CZ  1 
ATOM   580  N N   . SER A 1 69  ? -1.372  -11.098 5.791   1.00 12.41 ? 69  SER A N   1 
ATOM   581  C CA  . SER A 1 69  ? -0.691  -9.852  6.130   1.00 12.22 ? 69  SER A CA  1 
ATOM   582  C C   . SER A 1 69  ? -0.652  -8.915  4.920   1.00 13.03 ? 69  SER A C   1 
ATOM   583  O O   . SER A 1 69  ? -0.713  -9.374  3.770   1.00 12.79 ? 69  SER A O   1 
ATOM   584  C CB  . SER A 1 69  ? 0.728   -10.171 6.608   1.00 13.77 ? 69  SER A CB  1 
ATOM   585  O OG  . SER A 1 69  ? 0.626   -10.978 7.771   1.00 13.73 ? 69  SER A OG  1 
ATOM   586  N N   . ILE A 1 70  ? -0.490  -7.625  5.201   1.00 11.67 ? 70  ILE A N   1 
ATOM   587  C CA  . ILE A 1 70  ? -0.238  -6.643  4.151   1.00 12.14 ? 70  ILE A CA  1 
ATOM   588  C C   . ILE A 1 70  ? 1.003   -5.869  4.520   1.00 11.15 ? 70  ILE A C   1 
ATOM   589  O O   . ILE A 1 70  ? 1.101   -5.360  5.638   1.00 12.03 ? 70  ILE A O   1 
ATOM   590  C CB  . ILE A 1 70  ? -1.375  -5.624  3.956   1.00 12.46 ? 70  ILE A CB  1 
ATOM   591  C CG1 . ILE A 1 70  ? -2.747  -6.301  3.839   1.00 13.20 ? 70  ILE A CG1 1 
ATOM   592  C CG2 . ILE A 1 70  ? -1.120  -4.779  2.709   1.00 13.94 ? 70  ILE A CG2 1 
ATOM   593  C CD1 . ILE A 1 70  ? -3.895  -5.285  3.852   1.00 14.30 ? 70  ILE A CD1 1 
ATOM   594  N N   . LEU A 1 71  ? 1.959   -5.878  3.598   1.00 10.30 ? 71  LEU A N   1 
ATOM   595  C CA  . LEU A 1 71  ? 3.141   -5.013  3.740   1.00 11.42 ? 71  LEU A CA  1 
ATOM   596  C C   . LEU A 1 71  ? 2.758   -3.757  2.987   1.00 12.15 ? 71  LEU A C   1 
ATOM   597  O O   . LEU A 1 71  ? 2.377   -3.817  1.825   1.00 13.30 ? 71  LEU A O   1 
ATOM   598  C CB  . LEU A 1 71  ? 4.362   -5.641  3.100   1.00 11.04 ? 71  LEU A CB  1 
ATOM   599  C CG  . LEU A 1 71  ? 5.078   -6.757  3.854   1.00 10.93 ? 71  LEU A CG  1 
ATOM   600  C CD1 . LEU A 1 71  ? 4.166   -7.994  3.875   1.00 13.51 ? 71  LEU A CD1 1 
ATOM   601  C CD2 . LEU A 1 71  ? 6.376   -7.097  3.206   1.00 15.01 ? 71  LEU A CD2 1 
ATOM   602  N N   . ILE A 1 72  ? 2.886   -2.593  3.621   1.00 12.52 ? 72  ILE A N   1 
ATOM   603  C CA  . ILE A 1 72  ? 2.503   -1.356  2.983   1.00 13.35 ? 72  ILE A CA  1 
ATOM   604  C C   . ILE A 1 72  ? 3.767   -0.527  2.738   1.00 13.71 ? 72  ILE A C   1 
ATOM   605  O O   . ILE A 1 72  ? 4.569   -0.276  3.669   1.00 13.74 ? 72  ILE A O   1 
ATOM   606  C CB  . ILE A 1 72  ? 1.475   -0.578  3.804   1.00 14.31 ? 72  ILE A CB  1 
ATOM   607  C CG1 . ILE A 1 72  ? 0.210   -1.441  4.039   1.00 14.82 ? 72  ILE A CG1 1 
ATOM   608  C CG2 . ILE A 1 72  ? 1.081   0.671   3.052   1.00 16.13 ? 72  ILE A CG2 1 
ATOM   609  C CD1 . ILE A 1 72  ? -0.112  -1.604  5.471   1.00 21.58 ? 72  ILE A CD1 1 
ATOM   610  N N   . GLU A 1 73  ? 3.971   -0.176  1.471   1.00 12.74 ? 73  GLU A N   1 
ATOM   611  C CA  . GLU A 1 73  ? 5.152   0.566   1.014   1.00 12.88 ? 73  GLU A CA  1 
ATOM   612  C C   . GLU A 1 73  ? 4.646   1.894   0.461   1.00 13.45 ? 73  GLU A C   1 
ATOM   613  O O   . GLU A 1 73  ? 3.811   1.885   -0.408  1.00 13.52 ? 73  GLU A O   1 
ATOM   614  C CB  . GLU A 1 73  ? 5.911   -0.214  -0.058  1.00 13.35 ? 73  GLU A CB  1 
ATOM   615  C CG  . GLU A 1 73  ? 6.262   -1.639  0.373   1.00 15.37 ? 73  GLU A CG  1 
ATOM   616  C CD  . GLU A 1 73  ? 7.451   -1.751  1.280   1.00 16.02 ? 73  GLU A CD  1 
ATOM   617  O OE1 . GLU A 1 73  ? 7.905   -0.766  1.934   1.00 16.14 ? 73  GLU A OE1 1 
ATOM   618  O OE2 . GLU A 1 73  ? 7.941   -2.875  1.370   1.00 14.52 ? 73  GLU A OE2 1 
ATOM   619  N N   . CYS A 1 74  ? 5.160   3.014   0.968   1.00 12.62 ? 74  CYS A N   1 
ATOM   620  C CA  . CYS A 1 74  ? 4.665   4.331   0.619   1.00 13.44 ? 74  CYS A CA  1 
ATOM   621  C C   . CYS A 1 74  ? 5.788   5.089   -0.085  1.00 13.71 ? 74  CYS A C   1 
ATOM   622  O O   . CYS A 1 74  ? 6.932   5.092   0.388   1.00 15.17 ? 74  CYS A O   1 
ATOM   623  C CB  . CYS A 1 74  ? 4.322   5.106   1.900   1.00 13.68 ? 74  CYS A CB  1 
ATOM   624  S SG  . CYS A 1 74  ? 2.936   4.307   2.781   1.00 15.08 ? 74  CYS A SG  1 
ATOM   625  N N   . SER A 1 75  ? 5.462   5.726   -1.205  1.00 13.16 ? 75  SER A N   1 
ATOM   626  C CA  . SER A 1 75  ? 6.458   6.568   -1.867  1.00 13.86 ? 75  SER A CA  1 
ATOM   627  C C   . SER A 1 75  ? 5.822   7.744   -2.585  1.00 13.61 ? 75  SER A C   1 
ATOM   628  O O   . SER A 1 75  ? 4.843   7.575   -3.304  1.00 13.62 ? 75  SER A O   1 
ATOM   629  C CB  . SER A 1 75  ? 7.241   5.763   -2.905  1.00 14.65 ? 75  SER A CB  1 
ATOM   630  O OG  . SER A 1 75  ? 8.275   6.594   -3.435  1.00 17.42 ? 75  SER A OG  1 
ATOM   631  N N   . LEU A 1 76  ? 6.429   8.918   -2.413  1.00 14.33 ? 76  LEU A N   1 
ATOM   632  C CA  . LEU A 1 76  ? 6.030   10.119  -3.132  1.00 14.48 ? 76  LEU A CA  1 
ATOM   633  C C   . LEU A 1 76  ? 6.773   10.272  -4.471  1.00 15.18 ? 76  LEU A C   1 
ATOM   634  O O   . LEU A 1 76  ? 6.490   11.200  -5.255  1.00 16.79 ? 76  LEU A O   1 
ATOM   635  C CB  . LEU A 1 76  ? 6.242   11.360  -2.266  1.00 13.85 ? 76  LEU A CB  1 
ATOM   636  C CG  . LEU A 1 76  ? 5.342   11.460  -1.033  1.00 13.49 ? 76  LEU A CG  1 
ATOM   637  C CD1 . LEU A 1 76  ? 5.747   12.651  -0.152  1.00 15.18 ? 76  LEU A CD1 1 
ATOM   638  C CD2 . LEU A 1 76  ? 3.871   11.559  -1.426  1.00 14.82 ? 76  LEU A CD2 1 
ATOM   639  N N   . THR A 1 77  ? 7.674   9.328   -4.743  1.00 15.22 ? 77  THR A N   1 
ATOM   640  C CA  . THR A 1 77  ? 8.437   9.327   -6.007  1.00 17.98 ? 77  THR A CA  1 
ATOM   641  C C   . THR A 1 77  ? 7.557   8.959   -7.192  1.00 18.30 ? 77  THR A C   1 
ATOM   642  O O   . THR A 1 77  ? 6.756   8.002   -7.123  1.00 18.54 ? 77  THR A O   1 
ATOM   643  C CB  . THR A 1 77  ? 9.610   8.351   -5.894  1.00 17.77 ? 77  THR A CB  1 
ATOM   644  O OG1 . THR A 1 77  ? 10.389  8.735   -4.763  1.00 20.81 ? 77  THR A OG1 1 
ATOM   645  C CG2 . THR A 1 77  ? 10.520  8.385   -7.134  1.00 19.64 ? 77  THR A CG2 1 
ATOM   646  N N   . ILE A 1 78  ? 7.716   9.720   -8.278  1.00 19.00 ? 78  ILE A N   1 
ATOM   647  C CA  . ILE A 1 78  ? 6.948   9.452   -9.491  1.00 20.27 ? 78  ILE A CA  1 
ATOM   648  C C   . ILE A 1 78  ? 7.864   9.227   -10.695 1.00 19.81 ? 78  ILE A C   1 
ATOM   649  O O   . ILE A 1 78  ? 9.045   9.549   -10.653 1.00 21.05 ? 78  ILE A O   1 
ATOM   650  C CB  . ILE A 1 78  ? 5.933   10.590  -9.809  1.00 20.60 ? 78  ILE A CB  1 
ATOM   651  C CG1 . ILE A 1 78  ? 6.658   11.925  -10.094 1.00 21.35 ? 78  ILE A CG1 1 
ATOM   652  C CG2 . ILE A 1 78  ? 4.858   10.681  -8.695  1.00 20.21 ? 78  ILE A CG2 1 
ATOM   653  C CD1 . ILE A 1 78  ? 5.777   12.961  -10.805 1.00 21.68 ? 78  ILE A CD1 1 
ATOM   654  N N   . GLY A 1 79  ? 7.298   8.678   -11.758 1.00 19.87 ? 79  GLY A N   1 
ATOM   655  C CA  . GLY A 1 79  ? 8.053   8.456   -12.993 1.00 19.37 ? 79  GLY A CA  1 
ATOM   656  C C   . GLY A 1 79  ? 9.012   7.277   -12.893 1.00 19.66 ? 79  GLY A C   1 
ATOM   657  O O   . GLY A 1 79  ? 8.845   6.399   -12.040 1.00 18.22 ? 79  GLY A O   1 
ATOM   658  N N   . GLU A 1 80  ? 9.997   7.228   -13.794 1.00 19.76 ? 80  GLU A N   1 
ATOM   659  C CA  A GLU A 1 80  ? 10.962  6.122   -13.771 0.60 20.73 ? 80  GLU A CA  1 
ATOM   660  C CA  B GLU A 1 80  ? 11.049  6.200   -13.813 0.40 20.77 ? 80  GLU A CA  1 
ATOM   661  C C   . GLU A 1 80  ? 11.765  6.023   -12.473 1.00 20.54 ? 80  GLU A C   1 
ATOM   662  O O   . GLU A 1 80  ? 12.209  4.929   -12.136 1.00 20.38 ? 80  GLU A O   1 
ATOM   663  C CB  A GLU A 1 80  ? 11.895  6.160   -14.987 0.60 21.44 ? 80  GLU A CB  1 
ATOM   664  C CB  B GLU A 1 80  ? 12.085  6.555   -14.889 0.40 20.74 ? 80  GLU A CB  1 
ATOM   665  C CG  A GLU A 1 80  ? 11.564  5.134   -16.097 0.60 24.59 ? 80  GLU A CG  1 
ATOM   666  C CG  B GLU A 1 80  ? 13.161  5.491   -15.132 0.40 21.88 ? 80  GLU A CG  1 
ATOM   667  C CD  A GLU A 1 80  ? 12.581  3.998   -16.186 0.60 29.02 ? 80  GLU A CD  1 
ATOM   668  C CD  B GLU A 1 80  ? 14.205  5.920   -16.154 0.40 22.72 ? 80  GLU A CD  1 
ATOM   669  O OE1 A GLU A 1 80  ? 13.787  4.288   -16.385 0.60 29.85 ? 80  GLU A OE1 1 
ATOM   670  O OE1 B GLU A 1 80  ? 13.829  6.270   -17.295 0.40 25.58 ? 80  GLU A OE1 1 
ATOM   671  O OE2 A GLU A 1 80  ? 12.180  2.814   -16.065 0.60 28.20 ? 80  GLU A OE2 1 
ATOM   672  O OE2 B GLU A 1 80  ? 15.407  5.898   -15.812 0.40 25.27 ? 80  GLU A OE2 1 
ATOM   673  N N   . LYS A 1 81  ? 11.923  7.127   -11.743 1.00 19.93 ? 81  LYS A N   1 
ATOM   674  C CA  . LYS A 1 81  ? 12.570  7.083   -10.429 1.00 19.67 ? 81  LYS A CA  1 
ATOM   675  C C   . LYS A 1 81  ? 11.771  6.218   -9.444  1.00 17.87 ? 81  LYS A C   1 
ATOM   676  O O   . LYS A 1 81  ? 12.332  5.698   -8.475  1.00 17.51 ? 81  LYS A O   1 
ATOM   677  C CB  . LYS A 1 81  ? 12.799  8.475   -9.856  1.00 19.68 ? 81  LYS A CB  1 
ATOM   678  C CG  . LYS A 1 81  ? 13.894  9.266   -10.574 1.00 24.04 ? 81  LYS A CG  1 
ATOM   679  C CD  . LYS A 1 81  ? 13.637  10.758  -10.410 1.00 31.57 ? 81  LYS A CD  1 
ATOM   680  C CE  . LYS A 1 81  ? 14.243  11.301  -9.148  1.00 35.12 ? 81  LYS A CE  1 
ATOM   681  N NZ  . LYS A 1 81  ? 15.704  11.569  -9.323  1.00 38.49 ? 81  LYS A NZ  1 
ATOM   682  N N   . GLN A 1 82  ? 10.472  6.054   -9.677  1.00 17.37 ? 82  GLN A N   1 
ATOM   683  C CA  . GLN A 1 82  ? 9.706   5.160   -8.819  1.00 15.95 ? 82  GLN A CA  1 
ATOM   684  C C   . GLN A 1 82  ? 10.213  3.715   -8.952  1.00 16.79 ? 82  GLN A C   1 
ATOM   685  O O   . GLN A 1 82  ? 10.403  3.018   -7.947  1.00 16.19 ? 82  GLN A O   1 
ATOM   686  C CB  . GLN A 1 82  ? 8.220   5.276   -9.149  1.00 16.02 ? 82  GLN A CB  1 
ATOM   687  C CG  . GLN A 1 82  ? 7.312   4.487   -8.243  1.00 15.27 ? 82  GLN A CG  1 
ATOM   688  C CD  . GLN A 1 82  ? 5.895   4.692   -8.653  1.00 12.89 ? 82  GLN A CD  1 
ATOM   689  O OE1 . GLN A 1 82  ? 5.367   3.955   -9.468  1.00 15.67 ? 82  GLN A OE1 1 
ATOM   690  N NE2 . GLN A 1 82  ? 5.254   5.681   -8.068  1.00 14.03 ? 82  GLN A NE2 1 
ATOM   691  N N   . LEU A 1 83  ? 10.431  3.273   -10.194 1.00 16.59 ? 83  LEU A N   1 
ATOM   692  C CA  . LEU A 1 83  ? 11.075  1.997   -10.423 1.00 16.56 ? 83  LEU A CA  1 
ATOM   693  C C   . LEU A 1 83  ? 12.478  1.915   -9.821  1.00 16.84 ? 83  LEU A C   1 
ATOM   694  O O   . LEU A 1 83  ? 12.779  0.994   -9.052  1.00 17.42 ? 83  LEU A O   1 
ATOM   695  C CB  . LEU A 1 83  ? 11.111  1.637   -11.912 1.00 18.04 ? 83  LEU A CB  1 
ATOM   696  C CG  . LEU A 1 83  ? 11.910  0.361   -12.193 1.00 19.56 ? 83  LEU A CG  1 
ATOM   697  C CD1 . LEU A 1 83  ? 11.283  -0.867  -11.591 1.00 20.18 ? 83  LEU A CD1 1 
ATOM   698  C CD2 . LEU A 1 83  ? 12.068  0.196   -13.701 1.00 24.48 ? 83  LEU A CD2 1 
ATOM   699  N N   . ASP A 1 84  ? 13.314  2.905   -10.145 1.00 17.30 ? 84  ASP A N   1 
ATOM   700  C CA  . ASP A 1 84  ? 14.707  2.886   -9.712  1.00 19.00 ? 84  ASP A CA  1 
ATOM   701  C C   . ASP A 1 84  ? 14.828  2.885   -8.193  1.00 18.61 ? 84  ASP A C   1 
ATOM   702  O O   . ASP A 1 84  ? 15.703  2.200   -7.645  1.00 20.18 ? 84  ASP A O   1 
ATOM   703  C CB  . ASP A 1 84  ? 15.460  4.109   -10.237 1.00 19.93 ? 84  ASP A CB  1 
ATOM   704  C CG  . ASP A 1 84  ? 15.514  4.181   -11.758 1.00 24.96 ? 84  ASP A CG  1 
ATOM   705  O OD1 . ASP A 1 84  ? 15.153  3.196   -12.458 1.00 27.31 ? 84  ASP A OD1 1 
ATOM   706  O OD2 . ASP A 1 84  ? 15.943  5.258   -12.251 1.00 31.36 ? 84  ASP A OD2 1 
ATOM   707  N N   . TYR A 1 85  ? 13.976  3.657   -7.511  1.00 17.95 ? 85  TYR A N   1 
ATOM   708  C CA  . TYR A 1 85  ? 14.090  3.833   -6.055  1.00 18.87 ? 85  TYR A CA  1 
ATOM   709  C C   . TYR A 1 85  ? 13.323  2.786   -5.230  1.00 18.54 ? 85  TYR A C   1 
ATOM   710  O O   . TYR A 1 85  ? 13.727  2.450   -4.088  1.00 20.20 ? 85  TYR A O   1 
ATOM   711  C CB  . TYR A 1 85  ? 13.716  5.267   -5.606  1.00 19.49 ? 85  TYR A CB  1 
ATOM   712  C CG  . TYR A 1 85  ? 14.542  6.400   -6.245  1.00 20.69 ? 85  TYR A CG  1 
ATOM   713  C CD1 . TYR A 1 85  ? 15.663  6.121   -7.022  1.00 21.85 ? 85  TYR A CD1 1 
ATOM   714  C CD2 . TYR A 1 85  ? 14.203  7.738   -6.036  1.00 22.98 ? 85  TYR A CD2 1 
ATOM   715  C CE1 . TYR A 1 85  ? 16.404  7.132   -7.623  1.00 22.93 ? 85  TYR A CE1 1 
ATOM   716  C CE2 . TYR A 1 85  ? 14.954  8.764   -6.612  1.00 22.49 ? 85  TYR A CE2 1 
ATOM   717  C CZ  . TYR A 1 85  ? 16.041  8.448   -7.409  1.00 21.66 ? 85  TYR A CZ  1 
ATOM   718  O OH  . TYR A 1 85  ? 16.828  9.428   -7.994  1.00 23.85 ? 85  TYR A OH  1 
ATOM   719  N N   . GLU A 1 86  ? 12.237  2.247   -5.787  1.00 17.31 ? 86  GLU A N   1 
ATOM   720  C CA  . GLU A 1 86  ? 11.343  1.402   -4.977  1.00 17.66 ? 86  GLU A CA  1 
ATOM   721  C C   . GLU A 1 86  ? 11.195  -0.027  -5.484  1.00 17.08 ? 86  GLU A C   1 
ATOM   722  O O   . GLU A 1 86  ? 10.793  -0.898  -4.726  1.00 16.94 ? 86  GLU A O   1 
ATOM   723  C CB  . GLU A 1 86  ? 9.918   1.996   -4.890  1.00 17.39 ? 86  GLU A CB  1 
ATOM   724  C CG  . GLU A 1 86  ? 9.820   3.483   -4.482  1.00 17.36 ? 86  GLU A CG  1 
ATOM   725  C CD  . GLU A 1 86  ? 10.203  3.785   -3.038  1.00 24.66 ? 86  GLU A CD  1 
ATOM   726  O OE1 . GLU A 1 86  ? 10.313  2.852   -2.236  1.00 28.65 ? 86  GLU A OE1 1 
ATOM   727  O OE2 . GLU A 1 86  ? 10.349  4.984   -2.702  1.00 29.08 ? 86  GLU A OE2 1 
ATOM   728  N N   . GLY A 1 87  ? 11.427  -0.253  -6.778  1.00 17.60 ? 87  GLY A N   1 
ATOM   729  C CA  . GLY A 1 87  ? 11.097  -1.563  -7.363  1.00 17.16 ? 87  GLY A CA  1 
ATOM   730  C C   . GLY A 1 87  ? 11.735  -2.734  -6.629  1.00 17.74 ? 87  GLY A C   1 
ATOM   731  O O   . GLY A 1 87  ? 11.057  -3.713  -6.259  1.00 17.71 ? 87  GLY A O   1 
ATOM   732  N N   . ASP A 1 88  ? 13.040  -2.650  -6.416  1.00 17.96 ? 88  ASP A N   1 
ATOM   733  C CA  . ASP A 1 88  ? 13.767  -3.762  -5.783  1.00 19.78 ? 88  ASP A CA  1 
ATOM   734  C C   . ASP A 1 88  ? 13.412  -3.967  -4.317  1.00 18.81 ? 88  ASP A C   1 
ATOM   735  O O   . ASP A 1 88  ? 13.176  -5.092  -3.876  1.00 19.02 ? 88  ASP A O   1 
ATOM   736  C CB  . ASP A 1 88  ? 15.279  -3.575  -5.926  1.00 20.67 ? 88  ASP A CB  1 
ATOM   737  C CG  . ASP A 1 88  ? 15.788  -3.915  -7.327  1.00 25.33 ? 88  ASP A CG  1 
ATOM   738  O OD1 . ASP A 1 88  ? 15.005  -4.390  -8.183  1.00 29.74 ? 88  ASP A OD1 1 
ATOM   739  O OD2 . ASP A 1 88  ? 16.995  -3.683  -7.572  1.00 32.33 ? 88  ASP A OD2 1 
ATOM   740  N N   . SER A 1 89  ? 13.348  -2.877  -3.560  1.00 17.29 ? 89  SER A N   1 
ATOM   741  C CA  . SER A 1 89  ? 13.041  -2.993  -2.145  1.00 17.07 ? 89  SER A CA  1 
ATOM   742  C C   . SER A 1 89  ? 11.595  -3.469  -1.909  1.00 16.41 ? 89  SER A C   1 
ATOM   743  O O   . SER A 1 89  ? 11.369  -4.260  -0.995  1.00 16.75 ? 89  SER A O   1 
ATOM   744  C CB  . SER A 1 89  ? 13.354  -1.699  -1.410  1.00 18.23 ? 89  SER A CB  1 
ATOM   745  O OG  . SER A 1 89  ? 12.549  -0.669  -1.903  1.00 20.25 ? 89  SER A OG  1 
ATOM   746  N N   . VAL A 1 90  ? 10.636  -3.021  -2.737  1.00 15.28 ? 90  VAL A N   1 
ATOM   747  C CA  . VAL A 1 90  ? 9.252   -3.516  -2.607  1.00 14.83 ? 90  VAL A CA  1 
ATOM   748  C C   . VAL A 1 90  ? 9.225   -5.025  -2.780  1.00 15.34 ? 90  VAL A C   1 
ATOM   749  O O   . VAL A 1 90  ? 8.619   -5.752  -1.985  1.00 14.67 ? 90  VAL A O   1 
ATOM   750  C CB  . VAL A 1 90  ? 8.302   -2.828  -3.623  1.00 14.20 ? 90  VAL A CB  1 
ATOM   751  C CG1 . VAL A 1 90  ? 6.969   -3.596  -3.773  1.00 15.10 ? 90  VAL A CG1 1 
ATOM   752  C CG2 . VAL A 1 90  ? 8.027   -1.382  -3.167  1.00 14.71 ? 90  VAL A CG2 1 
ATOM   753  N N   . VAL A 1 91  ? 9.883   -5.516  -3.820  1.00 14.85 ? 91  VAL A N   1 
ATOM   754  C CA  . VAL A 1 91  ? 9.824   -6.953  -4.081  1.00 15.67 ? 91  VAL A CA  1 
ATOM   755  C C   . VAL A 1 91  ? 10.606  -7.728  -3.021  1.00 14.80 ? 91  VAL A C   1 
ATOM   756  O O   . VAL A 1 91  ? 10.146  -8.772  -2.533  1.00 15.00 ? 91  VAL A O   1 
ATOM   757  C CB  . VAL A 1 91  ? 10.300  -7.266  -5.518  1.00 16.51 ? 91  VAL A CB  1 
ATOM   758  C CG1 . VAL A 1 91  ? 10.483  -8.794  -5.708  1.00 19.58 ? 91  VAL A CG1 1 
ATOM   759  C CG2 . VAL A 1 91  ? 9.268   -6.709  -6.523  1.00 16.43 ? 91  VAL A CG2 1 
ATOM   760  N N   . ARG A 1 92  ? 11.794  -7.226  -2.690  1.00 15.11 ? 92  ARG A N   1 
ATOM   761  C CA  . ARG A 1 92  ? 12.640  -7.884  -1.699  1.00 16.17 ? 92  ARG A CA  1 
ATOM   762  C C   . ARG A 1 92  ? 11.933  -8.007  -0.346  1.00 15.29 ? 92  ARG A C   1 
ATOM   763  O O   . ARG A 1 92  ? 12.021  -9.042  0.331   1.00 15.66 ? 92  ARG A O   1 
ATOM   764  C CB  . ARG A 1 92  ? 13.975  -7.136  -1.524  1.00 16.78 ? 92  ARG A CB  1 
ATOM   765  C CG  . ARG A 1 92  ? 14.949  -7.788  -0.541  1.00 20.27 ? 92  ARG A CG  1 
ATOM   766  C CD  . ARG A 1 92  ? 16.301  -7.062  -0.525  1.00 22.28 ? 92  ARG A CD  1 
ATOM   767  N NE  . ARG A 1 92  ? 16.254  -5.745  0.116   1.00 32.47 ? 92  ARG A NE  1 
ATOM   768  C CZ  . ARG A 1 92  ? 16.263  -4.583  -0.542  1.00 34.68 ? 92  ARG A CZ  1 
ATOM   769  N NH1 . ARG A 1 92  ? 16.320  -4.558  -1.868  1.00 36.36 ? 92  ARG A NH1 1 
ATOM   770  N NH2 . ARG A 1 92  ? 16.220  -3.441  0.118   1.00 36.68 ? 92  ARG A NH2 1 
ATOM   771  N N   . HIS A 1 93  ? 11.267  -6.950  0.103   1.00 14.61 ? 93  HIS A N   1 
ATOM   772  C CA  . HIS A 1 93  ? 10.632  -7.061  1.405   1.00 13.52 ? 93  HIS A CA  1 
ATOM   773  C C   . HIS A 1 93  ? 9.566   -8.150  1.411   1.00 14.06 ? 93  HIS A C   1 
ATOM   774  O O   . HIS A 1 93  ? 9.424   -8.889  2.389   1.00 14.15 ? 93  HIS A O   1 
ATOM   775  C CB  . HIS A 1 93  ? 9.982   -5.745  1.839   1.00 13.89 ? 93  HIS A CB  1 
ATOM   776  C CG  . HIS A 1 93  ? 10.941  -4.611  1.985   1.00 14.59 ? 93  HIS A CG  1 
ATOM   777  N ND1 . HIS A 1 93  ? 10.520  -3.300  1.914   1.00 13.26 ? 93  HIS A ND1 1 
ATOM   778  C CD2 . HIS A 1 93  ? 12.283  -4.580  2.178   1.00 15.52 ? 93  HIS A CD2 1 
ATOM   779  C CE1 . HIS A 1 93  ? 11.564  -2.503  2.082   1.00 16.31 ? 93  HIS A CE1 1 
ATOM   780  N NE2 . HIS A 1 93  ? 12.644  -3.253  2.240   1.00 15.23 ? 93  HIS A NE2 1 
ATOM   781  N N   . LEU A 1 94  ? 8.810   -8.218  0.318   1.00 13.81 ? 94  LEU A N   1 
ATOM   782  C CA  . LEU A 1 94  ? 7.755   -9.216  0.239   1.00 13.50 ? 94  LEU A CA  1 
ATOM   783  C C   . LEU A 1 94  ? 8.337   -10.621 0.188   1.00 14.40 ? 94  LEU A C   1 
ATOM   784  O O   . LEU A 1 94  ? 7.813   -11.512 0.838   1.00 14.40 ? 94  LEU A O   1 
ATOM   785  C CB  . LEU A 1 94  ? 6.854   -8.952  -0.968  1.00 13.85 ? 94  LEU A CB  1 
ATOM   786  C CG  . LEU A 1 94  ? 5.587   -9.849  -1.071  1.00 12.44 ? 94  LEU A CG  1 
ATOM   787  C CD1 . LEU A 1 94  ? 4.743   -9.856  0.188   1.00 14.31 ? 94  LEU A CD1 1 
ATOM   788  C CD2 . LEU A 1 94  ? 4.760   -9.358  -2.217  1.00 15.46 ? 94  LEU A CD2 1 
ATOM   789  N N   . GLN A 1 95  ? 9.376   -10.791 -0.618  1.00 14.69 ? 95  GLN A N   1 
ATOM   790  C CA  . GLN A 1 95  ? 10.037  -12.101 -0.722  1.00 16.74 ? 95  GLN A CA  1 
ATOM   791  C C   . GLN A 1 95  ? 10.487  -12.554 0.650   1.00 16.50 ? 95  GLN A C   1 
ATOM   792  O O   . GLN A 1 95  ? 10.267  -13.697 1.067   1.00 17.68 ? 95  GLN A O   1 
ATOM   793  C CB  . GLN A 1 95  ? 11.259  -12.009 -1.640  1.00 16.46 ? 95  GLN A CB  1 
ATOM   794  C CG  . GLN A 1 95  ? 10.956  -11.945 -3.110  1.00 20.12 ? 95  GLN A CG  1 
ATOM   795  C CD  . GLN A 1 95  ? 12.217  -11.764 -3.950  1.00 21.10 ? 95  GLN A CD  1 
ATOM   796  O OE1 . GLN A 1 95  ? 13.237  -11.241 -3.480  1.00 25.98 ? 95  GLN A OE1 1 
ATOM   797  N NE2 . GLN A 1 95  ? 12.136  -12.162 -5.210  1.00 26.18 ? 95  GLN A NE2 1 
ATOM   798  N N   . GLU A 1 96  ? 11.112  -11.640 1.376   1.00 14.80 ? 96  GLU A N   1 
ATOM   799  C CA  . GLU A 1 96  ? 11.596  -11.968 2.710   1.00 16.01 ? 96  GLU A CA  1 
ATOM   800  C C   . GLU A 1 96  ? 10.474  -12.376 3.649   1.00 15.79 ? 96  GLU A C   1 
ATOM   801  O O   . GLU A 1 96  ? 10.568  -13.368 4.381   1.00 16.12 ? 96  GLU A O   1 
ATOM   802  C CB  . GLU A 1 96  ? 12.391  -10.791 3.267   1.00 16.73 ? 96  GLU A CB  1 
ATOM   803  C CG  . GLU A 1 96  ? 13.748  -10.678 2.584   1.00 21.98 ? 96  GLU A CG  1 
ATOM   804  C CD  . GLU A 1 96  ? 14.717  -11.801 2.971   1.00 28.89 ? 96  GLU A CD  1 
ATOM   805  O OE1 . GLU A 1 96  ? 14.604  -12.344 4.092   1.00 31.01 ? 96  GLU A OE1 1 
ATOM   806  O OE2 . GLU A 1 96  ? 15.610  -12.116 2.147   1.00 34.96 ? 96  GLU A OE2 1 
ATOM   807  N N   . TYR A 1 97  ? 9.393   -11.594 3.646   1.00 15.03 ? 97  TYR A N   1 
ATOM   808  C CA  . TYR A 1 97  ? 8.289   -11.911 4.531   1.00 14.61 ? 97  TYR A CA  1 
ATOM   809  C C   . TYR A 1 97  ? 7.683   -13.256 4.154   1.00 14.65 ? 97  TYR A C   1 
ATOM   810  O O   . TYR A 1 97  ? 7.278   -14.031 5.044   1.00 15.47 ? 97  TYR A O   1 
ATOM   811  C CB  . TYR A 1 97  ? 7.206   -10.816 4.469   1.00 14.00 ? 97  TYR A CB  1 
ATOM   812  C CG  . TYR A 1 97  ? 6.132   -11.023 5.511   1.00 14.75 ? 97  TYR A CG  1 
ATOM   813  C CD1 . TYR A 1 97  ? 6.298   -10.559 6.816   1.00 15.23 ? 97  TYR A CD1 1 
ATOM   814  C CD2 . TYR A 1 97  ? 4.963   -11.738 5.201   1.00 16.21 ? 97  TYR A CD2 1 
ATOM   815  C CE1 . TYR A 1 97  ? 5.319   -10.759 7.786   1.00 13.49 ? 97  TYR A CE1 1 
ATOM   816  C CE2 . TYR A 1 97  ? 3.983   -11.953 6.137   1.00 13.32 ? 97  TYR A CE2 1 
ATOM   817  C CZ  . TYR A 1 97  ? 4.153   -11.469 7.435   1.00 13.52 ? 97  TYR A CZ  1 
ATOM   818  O OH  . TYR A 1 97  ? 3.182   -11.681 8.390   1.00 14.29 ? 97  TYR A OH  1 
ATOM   819  N N   . LYS A 1 98  ? 7.561   -13.503 2.850   1.00 15.26 ? 98  LYS A N   1 
ATOM   820  C CA  . LYS A 1 98  ? 6.903   -14.741 2.370   1.00 16.44 ? 98  LYS A CA  1 
ATOM   821  C C   . LYS A 1 98  ? 7.683   -15.997 2.760   1.00 17.07 ? 98  LYS A C   1 
ATOM   822  O O   . LYS A 1 98  ? 7.118   -17.092 2.748   1.00 16.56 ? 98  LYS A O   1 
ATOM   823  C CB  . LYS A 1 98  ? 6.665   -14.692 0.871   1.00 16.94 ? 98  LYS A CB  1 
ATOM   824  C CG  . LYS A 1 98  ? 5.615   -13.686 0.429   1.00 20.96 ? 98  LYS A CG  1 
ATOM   825  C CD  . LYS A 1 98  ? 4.231   -14.039 0.894   1.00 23.59 ? 98  LYS A CD  1 
ATOM   826  C CE  . LYS A 1 98  ? 3.665   -15.304 0.228   1.00 24.91 ? 98  LYS A CE  1 
ATOM   827  N NZ  . LYS A 1 98  ? 3.265   -15.131 -1.198  1.00 24.29 ? 98  LYS A NZ  1 
ATOM   828  N N   . LYS A 1 99  ? 8.953   -15.855 3.115   1.00 15.88 ? 99  LYS A N   1 
ATOM   829  C CA  . LYS A 1 99  ? 9.720   -17.006 3.651   1.00 16.05 ? 99  LYS A CA  1 
ATOM   830  C C   . LYS A 1 99  ? 9.038   -17.641 4.875   1.00 15.35 ? 99  LYS A C   1 
ATOM   831  O O   . LYS A 1 99  ? 9.274   -18.833 5.180   1.00 15.66 ? 99  LYS A O   1 
ATOM   832  C CB  . LYS A 1 99  ? 11.142  -16.618 4.020   1.00 16.40 ? 99  LYS A CB  1 
ATOM   833  C CG  . LYS A 1 99  ? 12.038  -16.366 2.816   1.00 19.84 ? 99  LYS A CG  1 
ATOM   834  C CD  . LYS A 1 99  ? 13.389  -15.827 3.267   1.00 24.39 ? 99  LYS A CD  1 
ATOM   835  C CE  . LYS A 1 99  ? 14.198  -15.191 2.145   1.00 30.17 ? 99  LYS A CE  1 
ATOM   836  N NZ  . LYS A 1 99  ? 14.047  -15.874 0.828   1.00 33.39 ? 99  LYS A NZ  1 
ATOM   837  N N   . LYS A 1 100 ? 8.188   -16.871 5.552   1.00 14.63 ? 100 LYS A N   1 
ATOM   838  C CA  . LYS A 1 100 ? 7.478   -17.327 6.761   1.00 14.57 ? 100 LYS A CA  1 
ATOM   839  C C   . LYS A 1 100 ? 6.327   -18.268 6.438   1.00 14.10 ? 100 LYS A C   1 
ATOM   840  O O   . LYS A 1 100 ? 5.805   -18.932 7.323   1.00 14.11 ? 100 LYS A O   1 
ATOM   841  C CB  . LYS A 1 100 ? 6.937   -16.135 7.569   1.00 15.94 ? 100 LYS A CB  1 
ATOM   842  C CG  . LYS A 1 100 ? 8.002   -15.140 8.013   1.00 15.64 ? 100 LYS A CG  1 
ATOM   843  C CD  . LYS A 1 100 ? 7.352   -13.832 8.486   1.00 19.45 ? 100 LYS A CD  1 
ATOM   844  C CE  . LYS A 1 100 ? 8.375   -12.835 8.973   1.00 22.21 ? 100 LYS A CE  1 
ATOM   845  N NZ  . LYS A 1 100 ? 8.933   -13.306 10.267  1.00 26.26 ? 100 LYS A NZ  1 
ATOM   846  N N   . GLY A 1 101 ? 5.912   -18.295 5.178   1.00 14.06 ? 101 GLY A N   1 
ATOM   847  C CA  . GLY A 1 101 ? 4.808   -19.186 4.789   1.00 15.06 ? 101 GLY A CA  1 
ATOM   848  C C   . GLY A 1 101 ? 3.419   -18.640 5.082   1.00 16.16 ? 101 GLY A C   1 
ATOM   849  O O   . GLY A 1 101 ? 2.431   -19.389 5.114   1.00 16.94 ? 101 GLY A O   1 
ATOM   850  N N   . ILE A 1 102 ? 3.332   -17.332 5.304   1.00 15.94 ? 102 ILE A N   1 
ATOM   851  C CA  . ILE A 1 102 ? 2.069   -16.673 5.662   1.00 15.76 ? 102 ILE A CA  1 
ATOM   852  C C   . ILE A 1 102 ? 1.542   -15.969 4.423   1.00 15.31 ? 102 ILE A C   1 
ATOM   853  O O   . ILE A 1 102 ? 2.298   -15.326 3.668   1.00 16.39 ? 102 ILE A O   1 
ATOM   854  C CB  . ILE A 1 102 ? 2.309   -15.634 6.789   1.00 16.20 ? 102 ILE A CB  1 
ATOM   855  C CG1 . ILE A 1 102 ? 2.813   -16.352 8.058   1.00 15.88 ? 102 ILE A CG1 1 
ATOM   856  C CG2 . ILE A 1 102 ? 1.035   -14.803 7.066   1.00 16.47 ? 102 ILE A CG2 1 
ATOM   857  C CD1 . ILE A 1 102 ? 3.405   -15.437 9.115   1.00 17.52 ? 102 ILE A CD1 1 
ATOM   858  N N   . GLU A 1 103 ? 0.252   -16.098 4.179   1.00 14.89 ? 103 GLU A N   1 
ATOM   859  C CA  . GLU A 1 103 ? -0.344  -15.398 3.040   1.00 14.18 ? 103 GLU A CA  1 
ATOM   860  C C   . GLU A 1 103 ? -0.117  -13.874 3.212   1.00 12.67 ? 103 GLU A C   1 
ATOM   861  O O   . GLU A 1 103 ? -0.478  -13.314 4.257   1.00 13.67 ? 103 GLU A O   1 
ATOM   862  C CB  . GLU A 1 103 ? -1.831  -15.743 2.915   1.00 14.42 ? 103 GLU A CB  1 
ATOM   863  C CG  . GLU A 1 103 ? -2.454  -15.161 1.663   1.00 15.32 ? 103 GLU A CG  1 
ATOM   864  C CD  . GLU A 1 103 ? -3.958  -15.404 1.530   1.00 17.10 ? 103 GLU A CD  1 
ATOM   865  O OE1 . GLU A 1 103 ? -4.537  -15.984 2.467   1.00 20.44 ? 103 GLU A OE1 1 
ATOM   866  O OE2 . GLU A 1 103 ? -4.554  -14.961 0.502   1.00 18.66 ? 103 GLU A OE2 1 
ATOM   867  N N   . ALA A 1 104 ? 0.430   -13.227 2.173   1.00 12.15 ? 104 ALA A N   1 
ATOM   868  C CA  . ALA A 1 104 ? 0.786   -11.796 2.290   1.00 11.83 ? 104 ALA A CA  1 
ATOM   869  C C   . ALA A 1 104 ? 0.754   -11.114 0.929   1.00 12.11 ? 104 ALA A C   1 
ATOM   870  O O   . ALA A 1 104 ? 1.051   -11.746 -0.107  1.00 13.75 ? 104 ALA A O   1 
ATOM   871  C CB  . ALA A 1 104 ? 2.175   -11.627 2.938   1.00 13.59 ? 104 ALA A CB  1 
ATOM   872  N N   . TYR A 1 105 ? 0.380   -9.825  0.965   1.00 12.01 ? 105 TYR A N   1 
ATOM   873  C CA  . TYR A 1 105 ? 0.295   -8.958  -0.202  1.00 11.79 ? 105 TYR A CA  1 
ATOM   874  C C   . TYR A 1 105 ? 1.054   -7.703  0.153   1.00 11.57 ? 105 TYR A C   1 
ATOM   875  O O   . TYR A 1 105 ? 1.033   -7.284  1.324   1.00 12.83 ? 105 TYR A O   1 
ATOM   876  C CB  . TYR A 1 105 ? -1.193  -8.604  -0.500  1.00 12.87 ? 105 TYR A CB  1 
ATOM   877  C CG  . TYR A 1 105 ? -1.956  -9.871  -0.743  1.00 13.41 ? 105 TYR A CG  1 
ATOM   878  C CD1 . TYR A 1 105 ? -1.956  -10.467 -2.014  1.00 14.02 ? 105 TYR A CD1 1 
ATOM   879  C CD2 . TYR A 1 105 ? -2.601  -10.508 0.288   1.00 12.83 ? 105 TYR A CD2 1 
ATOM   880  C CE1 . TYR A 1 105 ? -2.575  -11.664 -2.240  1.00 17.08 ? 105 TYR A CE1 1 
ATOM   881  C CE2 . TYR A 1 105 ? -3.239  -11.734 0.069   1.00 13.00 ? 105 TYR A CE2 1 
ATOM   882  C CZ  . TYR A 1 105 ? -3.213  -12.286 -1.211  1.00 14.74 ? 105 TYR A CZ  1 
ATOM   883  O OH  . TYR A 1 105 ? -3.795  -13.522 -1.490  1.00 16.59 ? 105 TYR A OH  1 
ATOM   884  N N   . THR A 1 106 ? 1.654   -7.079  -0.846  1.00 11.34 ? 106 THR A N   1 
ATOM   885  C CA  . THR A 1 106 ? 2.123   -5.705  -0.658  1.00 10.76 ? 106 THR A CA  1 
ATOM   886  C C   . THR A 1 106 ? 1.138   -4.738  -1.260  1.00 11.77 ? 106 THR A C   1 
ATOM   887  O O   . THR A 1 106 ? 0.683   -4.944  -2.389  1.00 12.45 ? 106 THR A O   1 
ATOM   888  C CB  . THR A 1 106 ? 3.485   -5.501  -1.298  1.00 10.82 ? 106 THR A CB  1 
ATOM   889  O OG1 . THR A 1 106 ? 4.453   -6.215  -0.511  1.00 13.23 ? 106 THR A OG1 1 
ATOM   890  C CG2 . THR A 1 106 ? 3.857   -4.026  -1.311  1.00 12.69 ? 106 THR A CG2 1 
ATOM   891  N N   . LEU A 1 107 ? 0.820   -3.698  -0.502  1.00 11.66 ? 107 LEU A N   1 
ATOM   892  C CA  A LEU A 1 107 ? 0.059   -2.568  -1.022  0.40 10.40 ? 107 LEU A CA  1 
ATOM   893  C CA  C LEU A 1 107 ? 0.055   -2.581  -1.028  0.40 10.92 ? 107 LEU A CA  1 
ATOM   894  C C   . LEU A 1 107 ? 1.082   -1.467  -1.197  1.00 11.88 ? 107 LEU A C   1 
ATOM   895  O O   . LEU A 1 107 ? 1.675   -1.021  -0.208  1.00 13.04 ? 107 LEU A O   1 
ATOM   896  C CB  A LEU A 1 107 ? -1.027  -2.118  -0.034  0.40 9.85  ? 107 LEU A CB  1 
ATOM   897  C CB  C LEU A 1 107 ? -1.059  -2.186  -0.043  0.40 10.46 ? 107 LEU A CB  1 
ATOM   898  C CG  A LEU A 1 107 ? -1.656  -0.758  -0.338  0.40 9.99  ? 107 LEU A CG  1 
ATOM   899  C CG  C LEU A 1 107 ? -2.143  -1.205  -0.472  0.40 11.08 ? 107 LEU A CG  1 
ATOM   900  C CD1 A LEU A 1 107 ? -2.443  -0.868  -1.630  0.40 8.54  ? 107 LEU A CD1 1 
ATOM   901  C CD1 C LEU A 1 107 ? -3.234  -1.138  0.596   0.40 11.31 ? 107 LEU A CD1 1 
ATOM   902  C CD2 A LEU A 1 107 ? -2.556  -0.312  0.795   0.40 9.01  ? 107 LEU A CD2 1 
ATOM   903  C CD2 C LEU A 1 107 ? -1.527  0.168   -0.680  0.40 11.18 ? 107 LEU A CD2 1 
ATOM   904  N N   . PHE A 1 108 ? 1.336   -1.074  -2.447  1.00 12.06 ? 108 PHE A N   1 
ATOM   905  C CA  . PHE A 1 108 ? 2.251   0.039   -2.729  1.00 10.87 ? 108 PHE A CA  1 
ATOM   906  C C   . PHE A 1 108 ? 1.381   1.274   -2.957  1.00 12.37 ? 108 PHE A C   1 
ATOM   907  O O   . PHE A 1 108 ? 0.507   1.235   -3.804  1.00 13.17 ? 108 PHE A O   1 
ATOM   908  C CB  . PHE A 1 108 ? 3.128   -0.205  -3.960  1.00 12.04 ? 108 PHE A CB  1 
ATOM   909  C CG  . PHE A 1 108 ? 3.935   1.010   -4.358  1.00 11.63 ? 108 PHE A CG  1 
ATOM   910  C CD1 . PHE A 1 108 ? 5.158   1.271   -3.746  1.00 13.78 ? 108 PHE A CD1 1 
ATOM   911  C CD2 . PHE A 1 108 ? 3.445   1.907   -5.305  1.00 14.31 ? 108 PHE A CD2 1 
ATOM   912  C CE1 . PHE A 1 108 ? 5.882   2.381   -4.107  1.00 14.27 ? 108 PHE A CE1 1 
ATOM   913  C CE2 . PHE A 1 108 ? 4.193   3.017   -5.663  1.00 15.29 ? 108 PHE A CE2 1 
ATOM   914  C CZ  . PHE A 1 108 ? 5.407   3.244   -5.064  1.00 14.84 ? 108 PHE A CZ  1 
ATOM   915  N N   . LEU A 1 109 ? 1.652   2.358   -2.236  1.00 11.63 ? 109 LEU A N   1 
ATOM   916  C CA  . LEU A 1 109 ? 0.856   3.587   -2.299  1.00 12.44 ? 109 LEU A CA  1 
ATOM   917  C C   . LEU A 1 109 ? 1.734   4.690   -2.838  1.00 12.51 ? 109 LEU A C   1 
ATOM   918  O O   . LEU A 1 109 ? 2.770   4.994   -2.227  1.00 12.47 ? 109 LEU A O   1 
ATOM   919  C CB  . LEU A 1 109 ? 0.378   3.985   -0.897  1.00 13.09 ? 109 LEU A CB  1 
ATOM   920  C CG  . LEU A 1 109 ? -0.552  5.200   -0.855  1.00 13.92 ? 109 LEU A CG  1 
ATOM   921  C CD1 . LEU A 1 109 ? -1.865  4.858   -1.546  1.00 14.37 ? 109 LEU A CD1 1 
ATOM   922  C CD2 . LEU A 1 109 ? -0.867  5.582   0.572   1.00 14.39 ? 109 LEU A CD2 1 
ATOM   923  N N   . GLY A 1 110 ? 1.308   5.285   -3.956  1.00 12.98 ? 110 GLY A N   1 
ATOM   924  C CA  . GLY A 1 110 ? 2.029   6.385   -4.562  1.00 13.60 ? 110 GLY A CA  1 
ATOM   925  C C   . GLY A 1 110 ? 1.092   7.500   -4.995  1.00 14.60 ? 110 GLY A C   1 
ATOM   926  O O   . GLY A 1 110 ? -0.115  7.335   -4.891  1.00 14.93 ? 110 GLY A O   1 
ATOM   927  N N   . LYS A 1 111 ? 1.640   8.634   -5.423  1.00 15.46 ? 111 LYS A N   1 
ATOM   928  C CA  . LYS A 1 111 ? 0.788   9.705   -6.003  1.00 17.06 ? 111 LYS A CA  1 
ATOM   929  C C   . LYS A 1 111 ? 0.276   9.305   -7.378  1.00 17.16 ? 111 LYS A C   1 
ATOM   930  O O   . LYS A 1 111 ? -0.865  9.584   -7.765  1.00 16.98 ? 111 LYS A O   1 
ATOM   931  C CB  . LYS A 1 111 ? 1.573   11.013  -6.132  1.00 18.69 ? 111 LYS A CB  1 
ATOM   932  C CG  . LYS A 1 111 ? 1.910   11.628  -4.784  1.00 23.11 ? 111 LYS A CG  1 
ATOM   933  C CD  . LYS A 1 111 ? 2.287   13.093  -4.945  1.00 29.43 ? 111 LYS A CD  1 
ATOM   934  C CE  . LYS A 1 111 ? 3.522   13.283  -5.802  1.00 30.94 ? 111 LYS A CE  1 
ATOM   935  N NZ  . LYS A 1 111 ? 3.863   14.735  -5.906  1.00 33.91 ? 111 LYS A NZ  1 
ATOM   936  N N   . SER A 1 112 ? 1.157   8.629   -8.108  1.00 16.61 ? 112 SER A N   1 
ATOM   937  C CA  A SER A 1 112 ? 0.822   8.108   -9.420  0.50 17.22 ? 112 SER A CA  1 
ATOM   938  C CA  B SER A 1 112 ? 0.879   8.157   -9.454  0.50 16.82 ? 112 SER A CA  1 
ATOM   939  C C   . SER A 1 112 ? 1.690   6.887   -9.618  1.00 16.35 ? 112 SER A C   1 
ATOM   940  O O   . SER A 1 112 ? 2.797   6.815   -9.089  1.00 17.78 ? 112 SER A O   1 
ATOM   941  C CB  A SER A 1 112 ? 1.087   9.153   -10.498 0.50 17.93 ? 112 SER A CB  1 
ATOM   942  C CB  B SER A 1 112 ? 1.331   9.208   -10.466 0.50 17.38 ? 112 SER A CB  1 
ATOM   943  O OG  A SER A 1 112 ? 2.422   9.597   -10.420 0.50 19.70 ? 112 SER A OG  1 
ATOM   944  O OG  B SER A 1 112 ? 0.981   8.828   -11.782 0.50 17.07 ? 112 SER A OG  1 
ATOM   945  N N   . ILE A 1 113 ? 1.162   5.909   -10.364 1.00 15.01 ? 113 ILE A N   1 
ATOM   946  C CA  . ILE A 1 113 ? 1.874   4.633   -10.532 1.00 15.12 ? 113 ILE A CA  1 
ATOM   947  C C   . ILE A 1 113 ? 2.566   4.625   -11.887 1.00 15.78 ? 113 ILE A C   1 
ATOM   948  O O   . ILE A 1 113 ? 1.902   4.775   -12.932 1.00 15.92 ? 113 ILE A O   1 
ATOM   949  C CB  . ILE A 1 113 ? 0.909   3.411   -10.414 1.00 14.06 ? 113 ILE A CB  1 
ATOM   950  C CG1 . ILE A 1 113 ? 0.129   3.476   -9.095  1.00 12.48 ? 113 ILE A CG1 1 
ATOM   951  C CG2 . ILE A 1 113 ? 1.707   2.087   -10.564 1.00 14.29 ? 113 ILE A CG2 1 
ATOM   952  C CD1 . ILE A 1 113 ? 1.036   3.540   -7.849  1.00 14.68 ? 113 ILE A CD1 1 
ATOM   953  N N   . ASP A 1 114 ? 3.886   4.470   -11.870 1.00 16.83 ? 114 ASP A N   1 
ATOM   954  C CA  . ASP A 1 114 ? 4.662   4.483   -13.112 1.00 17.79 ? 114 ASP A CA  1 
ATOM   955  C C   . ASP A 1 114 ? 4.524   3.126   -13.813 1.00 18.45 ? 114 ASP A C   1 
ATOM   956  O O   . ASP A 1 114 ? 4.542   2.077   -13.169 1.00 18.01 ? 114 ASP A O   1 
ATOM   957  C CB  . ASP A 1 114 ? 6.114   4.803   -12.781 1.00 18.53 ? 114 ASP A CB  1 
ATOM   958  C CG  . ASP A 1 114 ? 7.029   4.640   -13.962 1.00 23.27 ? 114 ASP A CG  1 
ATOM   959  O OD1 . ASP A 1 114 ? 6.997   5.527   -14.828 1.00 26.68 ? 114 ASP A OD1 1 
ATOM   960  O OD2 . ASP A 1 114 ? 7.759   3.624   -14.004 1.00 25.91 ? 114 ASP A OD2 1 
ATOM   961  N N   . LEU A 1 115 ? 4.400   3.152   -15.141 1.00 18.52 ? 115 LEU A N   1 
ATOM   962  C CA  . LEU A 1 115 ? 4.203   1.918   -15.894 1.00 19.23 ? 115 LEU A CA  1 
ATOM   963  C C   . LEU A 1 115 ? 5.408   0.961   -15.792 1.00 17.86 ? 115 LEU A C   1 
ATOM   964  O O   . LEU A 1 115 ? 5.223   -0.235  -15.669 1.00 17.96 ? 115 LEU A O   1 
ATOM   965  C CB  . LEU A 1 115 ? 3.883   2.263   -17.338 1.00 20.54 ? 115 LEU A CB  1 
ATOM   966  C CG  . LEU A 1 115 ? 3.022   1.310   -18.138 1.00 23.73 ? 115 LEU A CG  1 
ATOM   967  C CD1 . LEU A 1 115 ? 1.645   1.072   -17.508 1.00 23.78 ? 115 LEU A CD1 1 
ATOM   968  C CD2 . LEU A 1 115 ? 2.897   1.944   -19.526 1.00 26.98 ? 115 LEU A CD2 1 
ATOM   969  N N   . SER A 1 116 ? 6.647   1.476   -15.811 1.00 17.46 ? 116 SER A N   1 
ATOM   970  C CA  A SER A 1 116 ? 7.806   0.601   -15.658 0.50 17.17 ? 116 SER A CA  1 
ATOM   971  C CA  B SER A 1 116 ? 7.801   0.593   -15.672 0.50 17.38 ? 116 SER A CA  1 
ATOM   972  C C   . SER A 1 116 ? 7.837   -0.058  -14.282 1.00 16.37 ? 116 SER A C   1 
ATOM   973  O O   . SER A 1 116 ? 8.186   -1.213  -14.159 1.00 16.92 ? 116 SER A O   1 
ATOM   974  C CB  A SER A 1 116 ? 9.113   1.348   -15.914 0.50 18.05 ? 116 SER A CB  1 
ATOM   975  C CB  B SER A 1 116 ? 9.124   1.304   -15.992 0.50 18.23 ? 116 SER A CB  1 
ATOM   976  O OG  A SER A 1 116 ? 9.112   1.887   -17.214 0.50 17.53 ? 116 SER A OG  1 
ATOM   977  O OG  B SER A 1 116 ? 9.536   2.145   -14.928 0.50 19.21 ? 116 SER A OG  1 
ATOM   978  N N   . PHE A 1 117 ? 7.462   0.695   -13.249 1.00 15.69 ? 117 PHE A N   1 
ATOM   979  C CA  . PHE A 1 117 ? 7.308   0.124   -11.910 1.00 14.10 ? 117 PHE A CA  1 
ATOM   980  C C   . PHE A 1 117 ? 6.227   -0.981  -11.907 1.00 14.75 ? 117 PHE A C   1 
ATOM   981  O O   . PHE A 1 117 ? 6.435   -2.040  -11.351 1.00 14.11 ? 117 PHE A O   1 
ATOM   982  C CB  . PHE A 1 117 ? 6.937   1.222   -10.917 1.00 13.97 ? 117 PHE A CB  1 
ATOM   983  C CG  . PHE A 1 117 ? 6.695   0.727   -9.503  1.00 14.07 ? 117 PHE A CG  1 
ATOM   984  C CD1 . PHE A 1 117 ? 7.754   0.388   -8.656  1.00 16.67 ? 117 PHE A CD1 1 
ATOM   985  C CD2 . PHE A 1 117 ? 5.384   0.581   -9.039  1.00 15.51 ? 117 PHE A CD2 1 
ATOM   986  C CE1 . PHE A 1 117 ? 7.508   -0.058  -7.360  1.00 15.32 ? 117 PHE A CE1 1 
ATOM   987  C CE2 . PHE A 1 117 ? 5.133   0.129   -7.760  1.00 16.57 ? 117 PHE A CE2 1 
ATOM   988  C CZ  . PHE A 1 117 ? 6.196   -0.178  -6.911  1.00 15.89 ? 117 PHE A CZ  1 
ATOM   989  N N   . ALA A 1 118 ? 5.079   -0.700  -12.527 1.00 15.29 ? 118 ALA A N   1 
ATOM   990  C CA  . ALA A 1 118 ? 3.992   -1.701  -12.591 1.00 15.48 ? 118 ALA A CA  1 
ATOM   991  C C   . ALA A 1 118 ? 4.424   -2.968  -13.321 1.00 15.32 ? 118 ALA A C   1 
ATOM   992  O O   . ALA A 1 118 ? 4.070   -4.074  -12.909 1.00 15.22 ? 118 ALA A O   1 
ATOM   993  C CB  . ALA A 1 118 ? 2.768   -1.112  -13.260 1.00 14.70 ? 118 ALA A CB  1 
ATOM   994  N N   . ARG A 1 119 ? 5.198   -2.795  -14.392 1.00 14.90 ? 119 ARG A N   1 
ATOM   995  C CA  . ARG A 1 119 ? 5.768   -3.951  -15.089 1.00 15.67 ? 119 ARG A CA  1 
ATOM   996  C C   . ARG A 1 119 ? 6.679   -4.781  -14.189 1.00 15.96 ? 119 ARG A C   1 
ATOM   997  O O   . ARG A 1 119 ? 6.631   -6.026  -14.208 1.00 17.69 ? 119 ARG A O   1 
ATOM   998  C CB  . ARG A 1 119 ? 6.473   -3.520  -16.391 1.00 16.05 ? 119 ARG A CB  1 
ATOM   999  C CG  . ARG A 1 119 ? 5.477   -3.042  -17.460 1.00 16.92 ? 119 ARG A CG  1 
ATOM   1000 C CD  . ARG A 1 119 ? 6.254   -2.652  -18.704 1.00 22.67 ? 119 ARG A CD  1 
ATOM   1001 N NE  . ARG A 1 119 ? 5.438   -1.888  -19.629 1.00 24.33 ? 119 ARG A NE  1 
ATOM   1002 C CZ  . ARG A 1 119 ? 5.658   -0.617  -19.922 1.00 29.89 ? 119 ARG A CZ  1 
ATOM   1003 N NH1 . ARG A 1 119 ? 6.688   0.031   -19.366 1.00 31.52 ? 119 ARG A NH1 1 
ATOM   1004 N NH2 . ARG A 1 119 ? 4.866   0.004   -20.787 1.00 32.45 ? 119 ARG A NH2 1 
ATOM   1005 N N   . HIS A 1 120 ? 7.497   -4.089  -13.390 1.00 15.41 ? 120 HIS A N   1 
ATOM   1006 C CA  . HIS A 1 120 ? 8.376   -4.748  -12.434 1.00 15.16 ? 120 HIS A CA  1 
ATOM   1007 C C   . HIS A 1 120 ? 7.634   -5.545  -11.377 1.00 15.06 ? 120 HIS A C   1 
ATOM   1008 O O   . HIS A 1 120 ? 7.941   -6.715  -11.134 1.00 15.81 ? 120 HIS A O   1 
ATOM   1009 C CB  . HIS A 1 120 ? 9.261   -3.694  -11.734 1.00 15.07 ? 120 HIS A CB  1 
ATOM   1010 C CG  . HIS A 1 120 ? 10.376  -4.288  -10.932 1.00 15.05 ? 120 HIS A CG  1 
ATOM   1011 N ND1 . HIS A 1 120 ? 11.503  -4.819  -11.531 1.00 19.83 ? 120 HIS A ND1 1 
ATOM   1012 C CD2 . HIS A 1 120 ? 10.552  -4.431  -9.599  1.00 18.75 ? 120 HIS A CD2 1 
ATOM   1013 C CE1 . HIS A 1 120 ? 12.317  -5.269  -10.594 1.00 22.53 ? 120 HIS A CE1 1 
ATOM   1014 N NE2 . HIS A 1 120 ? 11.764  -5.052  -9.417  1.00 20.65 ? 120 HIS A NE2 1 
ATOM   1015 N N   . ILE A 1 121 ? 6.678   -4.896  -10.696 1.00 15.13 ? 121 ILE A N   1 
ATOM   1016 C CA  . ILE A 1 121 ? 6.000   -5.566  -9.564  1.00 15.41 ? 121 ILE A CA  1 
ATOM   1017 C C   . ILE A 1 121 ? 4.955   -6.569  -10.025 1.00 15.67 ? 121 ILE A C   1 
ATOM   1018 O O   . ILE A 1 121 ? 4.437   -7.330  -9.212  1.00 15.29 ? 121 ILE A O   1 
ATOM   1019 C CB  . ILE A 1 121 ? 5.341   -4.569  -8.579  1.00 15.04 ? 121 ILE A CB  1 
ATOM   1020 C CG1 . ILE A 1 121 ? 4.273   -3.740  -9.333  1.00 16.52 ? 121 ILE A CG1 1 
ATOM   1021 C CG2 . ILE A 1 121 ? 6.441   -3.719  -7.922  1.00 15.72 ? 121 ILE A CG2 1 
ATOM   1022 C CD1 . ILE A 1 121 ? 3.220   -3.065  -8.442  1.00 17.48 ? 121 ILE A CD1 1 
ATOM   1023 N N   . GLY A 1 122 ? 4.640   -6.538  -11.318 1.00 14.30 ? 122 GLY A N   1 
ATOM   1024 C CA  . GLY A 1 122 ? 3.723   -7.524  -11.878 1.00 14.87 ? 122 GLY A CA  1 
ATOM   1025 C C   . GLY A 1 122 ? 4.395   -8.788  -12.382 1.00 15.59 ? 122 GLY A C   1 
ATOM   1026 O O   . GLY A 1 122 ? 3.734   -9.657  -12.968 1.00 15.39 ? 122 GLY A O   1 
ATOM   1027 N N   . PHE A 1 123 ? 5.709   -8.921  -12.139 1.00 15.69 ? 123 PHE A N   1 
ATOM   1028 C CA  . PHE A 1 123 ? 6.495   -10.054 -12.674 1.00 15.23 ? 123 PHE A CA  1 
ATOM   1029 C C   . PHE A 1 123 ? 6.036   -11.434 -12.180 1.00 15.97 ? 123 PHE A C   1 
ATOM   1030 O O   . PHE A 1 123 ? 5.935   -12.395 -12.974 1.00 16.80 ? 123 PHE A O   1 
ATOM   1031 C CB  . PHE A 1 123 ? 7.997   -9.858  -12.385 1.00 15.52 ? 123 PHE A CB  1 
ATOM   1032 C CG  . PHE A 1 123 ? 8.842   -11.010 -12.873 1.00 15.18 ? 123 PHE A CG  1 
ATOM   1033 C CD1 . PHE A 1 123 ? 9.140   -11.143 -14.222 1.00 17.22 ? 123 PHE A CD1 1 
ATOM   1034 C CD2 . PHE A 1 123 ? 9.276   -11.998 -11.990 1.00 17.85 ? 123 PHE A CD2 1 
ATOM   1035 C CE1 . PHE A 1 123 ? 9.915   -12.246 -14.695 1.00 16.65 ? 123 PHE A CE1 1 
ATOM   1036 C CE2 . PHE A 1 123 ? 10.043  -13.097 -12.451 1.00 18.78 ? 123 PHE A CE2 1 
ATOM   1037 C CZ  . PHE A 1 123 ? 10.374  -13.207 -13.793 1.00 16.53 ? 123 PHE A CZ  1 
ATOM   1038 N N   . ASN A 1 124 ? 5.759   -11.548 -10.880 1.00 15.16 ? 124 ASN A N   1 
ATOM   1039 C CA  A ASN A 1 124 ? 5.334   -12.810 -10.293 0.50 15.55 ? 124 ASN A CA  1 
ATOM   1040 C CA  B ASN A 1 124 ? 5.282   -12.818 -10.338 0.50 16.54 ? 124 ASN A CA  1 
ATOM   1041 C C   . ASN A 1 124 ? 4.232   -12.600 -9.273  1.00 15.96 ? 124 ASN A C   1 
ATOM   1042 O O   . ASN A 1 124 ? 4.505   -12.468 -8.077  1.00 16.24 ? 124 ASN A O   1 
ATOM   1043 C CB  A ASN A 1 124 ? 6.500   -13.543 -9.636  0.50 15.52 ? 124 ASN A CB  1 
ATOM   1044 C CB  B ASN A 1 124 ? 6.419   -13.728 -9.869  0.50 17.73 ? 124 ASN A CB  1 
ATOM   1045 C CG  A ASN A 1 124 ? 6.155   -14.990 -9.307  0.50 15.59 ? 124 ASN A CG  1 
ATOM   1046 C CG  B ASN A 1 124 ? 7.573   -12.969 -9.326  0.50 20.61 ? 124 ASN A CG  1 
ATOM   1047 O OD1 A ASN A 1 124 ? 4.983   -15.352 -9.101  0.50 12.84 ? 124 ASN A OD1 1 
ATOM   1048 O OD1 B ASN A 1 124 ? 8.721   -13.413 -9.423  0.50 24.93 ? 124 ASN A OD1 1 
ATOM   1049 N ND2 A ASN A 1 124 ? 7.181   -15.828 -9.251  0.50 18.25 ? 124 ASN A ND2 1 
ATOM   1050 N ND2 B ASN A 1 124 ? 7.297   -11.802 -8.752  0.50 24.12 ? 124 ASN A ND2 1 
ATOM   1051 N N   . LYS A 1 125 ? 2.997   -12.576 -9.748  1.00 15.39 ? 125 LYS A N   1 
ATOM   1052 C CA  . LYS A 1 125 ? 1.867   -12.305 -8.893  1.00 16.10 ? 125 LYS A CA  1 
ATOM   1053 C C   . LYS A 1 125 ? 1.472   -13.485 -8.006  1.00 16.90 ? 125 LYS A C   1 
ATOM   1054 O O   . LYS A 1 125 ? 0.686   -13.319 -7.076  1.00 17.39 ? 125 LYS A O   1 
ATOM   1055 C CB  . LYS A 1 125 ? 0.697   -11.819 -9.742  1.00 15.48 ? 125 LYS A CB  1 
ATOM   1056 C CG  . LYS A 1 125 ? 0.972   -10.489 -10.414 1.00 14.97 ? 125 LYS A CG  1 
ATOM   1057 C CD  . LYS A 1 125 ? -0.252  -10.023 -11.246 1.00 15.43 ? 125 LYS A CD  1 
ATOM   1058 C CE  . LYS A 1 125 ? 0.016   -8.713  -11.908 1.00 13.57 ? 125 LYS A CE  1 
ATOM   1059 N NZ  . LYS A 1 125 ? -1.157  -8.298  -12.696 1.00 12.81 ? 125 LYS A NZ  1 
ATOM   1060 N N   . GLU A 1 126 ? 2.025   -14.662 -8.278  1.00 17.92 ? 126 GLU A N   1 
ATOM   1061 C CA  . GLU A 1 126 ? 1.790   -15.810 -7.419  1.00 20.55 ? 126 GLU A CA  1 
ATOM   1062 C C   . GLU A 1 126 ? 2.610   -15.715 -6.147  1.00 20.41 ? 126 GLU A C   1 
ATOM   1063 O O   . GLU A 1 126 ? 2.044   -15.722 -5.060  1.00 23.58 ? 126 GLU A O   1 
ATOM   1064 C CB  . GLU A 1 126 ? 2.117   -17.104 -8.169  1.00 20.82 ? 126 GLU A CB  1 
ATOM   1065 C CG  . GLU A 1 126 ? 1.253   -17.323 -9.394  1.00 25.57 ? 126 GLU A CG  1 
ATOM   1066 C CD  . GLU A 1 126 ? -0.223  -17.437 -9.069  1.00 29.39 ? 126 GLU A CD  1 
ATOM   1067 O OE1 . GLU A 1 126 ? -0.587  -18.314 -8.247  1.00 34.04 ? 126 GLU A OE1 1 
ATOM   1068 O OE2 . GLU A 1 126 ? -1.027  -16.657 -9.646  1.00 31.33 ? 126 GLU A OE2 1 
ATOM   1069 N N   . SER A 1 127 ? 3.929   -15.584 -6.273  1.00 20.17 ? 127 SER A N   1 
ATOM   1070 C CA  . SER A 1 127 ? 4.786   -15.598 -5.098  1.00 20.62 ? 127 SER A CA  1 
ATOM   1071 C C   . SER A 1 127 ? 5.052   -14.206 -4.511  1.00 20.37 ? 127 SER A C   1 
ATOM   1072 O O   . SER A 1 127 ? 5.332   -14.095 -3.321  1.00 20.45 ? 127 SER A O   1 
ATOM   1073 C CB  . SER A 1 127 ? 6.108   -16.311 -5.399  1.00 21.56 ? 127 SER A CB  1 
ATOM   1074 O OG  . SER A 1 127 ? 6.869   -15.587 -6.339  1.00 25.25 ? 127 SER A OG  1 
ATOM   1075 N N   . GLU A 1 128 ? 4.912   -13.170 -5.339  1.00 18.90 ? 128 GLU A N   1 
ATOM   1076 C CA  . GLU A 1 128 ? 5.244   -11.807 -4.932  1.00 19.72 ? 128 GLU A CA  1 
ATOM   1077 C C   . GLU A 1 128 ? 4.103   -10.840 -5.330  1.00 16.28 ? 128 GLU A C   1 
ATOM   1078 O O   . GLU A 1 128 ? 4.322   -9.942  -6.111  1.00 16.78 ? 128 GLU A O   1 
ATOM   1079 C CB  . GLU A 1 128 ? 6.616   -11.393 -5.526  1.00 20.34 ? 128 GLU A CB  1 
ATOM   1080 C CG  . GLU A 1 128 ? 7.784   -12.355 -5.096  1.00 25.07 ? 128 GLU A CG  1 
ATOM   1081 C CD  . GLU A 1 128 ? 8.932   -12.486 -6.102  1.00 25.41 ? 128 GLU A CD  1 
ATOM   1082 O OE1 . GLU A 1 128 ? 9.067   -11.678 -7.051  1.00 32.28 ? 128 GLU A OE1 1 
ATOM   1083 O OE2 . GLU A 1 128 ? 9.767   -13.412 -5.944  1.00 33.38 ? 128 GLU A OE2 1 
ATOM   1084 N N   . PRO A 1 129 ? 2.873   -11.034 -4.779  1.00 15.23 ? 129 PRO A N   1 
ATOM   1085 C CA  . PRO A 1 129 ? 1.754   -10.192 -5.194  1.00 13.85 ? 129 PRO A CA  1 
ATOM   1086 C C   . PRO A 1 129 ? 1.795   -8.774  -4.621  1.00 12.82 ? 129 PRO A C   1 
ATOM   1087 O O   . PRO A 1 129 ? 1.727   -8.595  -3.385  1.00 13.91 ? 129 PRO A O   1 
ATOM   1088 C CB  . PRO A 1 129 ? 0.524   -10.954 -4.675  1.00 14.04 ? 129 PRO A CB  1 
ATOM   1089 C CG  . PRO A 1 129 ? 1.032   -11.694 -3.469  1.00 14.21 ? 129 PRO A CG  1 
ATOM   1090 C CD  . PRO A 1 129 ? 2.450   -12.041 -3.781  1.00 15.73 ? 129 PRO A CD  1 
ATOM   1091 N N   . VAL A 1 130 ? 1.868   -7.804  -5.539  1.00 12.02 ? 130 VAL A N   1 
ATOM   1092 C CA  . VAL A 1 130 ? 1.931   -6.399  -5.177  1.00 11.65 ? 130 VAL A CA  1 
ATOM   1093 C C   . VAL A 1 130 ? 0.765   -5.681  -5.850  1.00 12.07 ? 130 VAL A C   1 
ATOM   1094 O O   . VAL A 1 130 ? 0.573   -5.785  -7.083  1.00 12.67 ? 130 VAL A O   1 
ATOM   1095 C CB  . VAL A 1 130 ? 3.271   -5.752  -5.591  1.00 11.68 ? 130 VAL A CB  1 
ATOM   1096 C CG1 . VAL A 1 130 ? 3.277   -4.283  -5.138  1.00 11.15 ? 130 VAL A CG1 1 
ATOM   1097 C CG2 . VAL A 1 130 ? 4.483   -6.507  -4.969  1.00 12.94 ? 130 VAL A CG2 1 
ATOM   1098 N N   A ILE A 1 131 ? -0.010  -4.938  -5.067  0.50 10.71 ? 131 ILE A N   1 
ATOM   1099 N N   B ILE A 1 131 ? -0.007  -4.946  -5.045  0.50 11.46 ? 131 ILE A N   1 
ATOM   1100 C CA  A ILE A 1 131 ? -1.099  -4.158  -5.647  0.50 10.96 ? 131 ILE A CA  1 
ATOM   1101 C CA  B ILE A 1 131 ? -1.114  -4.120  -5.549  0.50 12.55 ? 131 ILE A CA  1 
ATOM   1102 C C   A ILE A 1 131 ? -0.773  -2.675  -5.490  0.50 11.67 ? 131 ILE A C   1 
ATOM   1103 C C   B ILE A 1 131 ? -0.690  -2.660  -5.468  0.50 12.33 ? 131 ILE A C   1 
ATOM   1104 O O   A ILE A 1 131 ? -0.735  -2.167  -4.360  0.50 10.96 ? 131 ILE A O   1 
ATOM   1105 O O   B ILE A 1 131 ? -0.480  -2.159  -4.366  0.50 11.70 ? 131 ILE A O   1 
ATOM   1106 C CB  A ILE A 1 131 ? -2.461  -4.461  -4.990  0.50 10.70 ? 131 ILE A CB  1 
ATOM   1107 C CB  B ILE A 1 131 ? -2.402  -4.276  -4.686  0.50 12.58 ? 131 ILE A CB  1 
ATOM   1108 C CG1 A ILE A 1 131 ? -2.809  -5.956  -5.064  0.50 9.50  ? 131 ILE A CG1 1 
ATOM   1109 C CG1 B ILE A 1 131 ? -2.859  -5.737  -4.567  0.50 15.43 ? 131 ILE A CG1 1 
ATOM   1110 C CG2 A ILE A 1 131 ? -3.538  -3.633  -5.683  0.50 8.83  ? 131 ILE A CG2 1 
ATOM   1111 C CG2 B ILE A 1 131 ? -3.527  -3.377  -5.234  0.50 12.28 ? 131 ILE A CG2 1 
ATOM   1112 C CD1 A ILE A 1 131 ? -2.248  -6.790  -3.892  0.50 5.47  ? 131 ILE A CD1 1 
ATOM   1113 C CD1 B ILE A 1 131 ? -2.741  -6.513  -5.794  0.50 18.98 ? 131 ILE A CD1 1 
ATOM   1114 N N   . PRO A 1 132 ? -0.555  -1.980  -6.622  1.00 12.35 ? 132 PRO A N   1 
ATOM   1115 C CA  . PRO A 1 132 ? -0.244  -0.547  -6.582  1.00 12.41 ? 132 PRO A CA  1 
ATOM   1116 C C   . PRO A 1 132 ? -1.515  0.281   -6.588  1.00 13.46 ? 132 PRO A C   1 
ATOM   1117 O O   . PRO A 1 132 ? -2.387  0.051   -7.448  1.00 13.87 ? 132 PRO A O   1 
ATOM   1118 C CB  . PRO A 1 132 ? 0.529   -0.312  -7.903  1.00 12.75 ? 132 PRO A CB  1 
ATOM   1119 C CG  . PRO A 1 132 ? -0.173  -1.293  -8.865  1.00 13.02 ? 132 PRO A CG  1 
ATOM   1120 C CD  . PRO A 1 132 ? -0.597  -2.491  -8.014  1.00 13.16 ? 132 PRO A CD  1 
ATOM   1121 N N   . LEU A 1 133 ? -1.617  1.246   -5.669  1.00 12.82 ? 133 LEU A N   1 
ATOM   1122 C CA  . LEU A 1 133 ? -2.742  2.169   -5.633  1.00 12.77 ? 133 LEU A CA  1 
ATOM   1123 C C   . LEU A 1 133 ? -2.226  3.594   -5.623  1.00 11.82 ? 133 LEU A C   1 
ATOM   1124 O O   . LEU A 1 133 ? -1.214  3.899   -4.954  1.00 13.11 ? 133 LEU A O   1 
ATOM   1125 C CB  . LEU A 1 133 ? -3.605  1.952   -4.389  1.00 13.01 ? 133 LEU A CB  1 
ATOM   1126 C CG  . LEU A 1 133 ? -4.340  0.614   -4.223  1.00 14.47 ? 133 LEU A CG  1 
ATOM   1127 C CD1 . LEU A 1 133 ? -5.234  0.635   -2.967  1.00 16.69 ? 133 LEU A CD1 1 
ATOM   1128 C CD2 . LEU A 1 133 ? -5.171  0.249   -5.456  1.00 18.40 ? 133 LEU A CD2 1 
ATOM   1129 N N   . THR A 1 134 ? -2.938  4.490   -6.310  1.00 12.43 ? 134 THR A N   1 
ATOM   1130 C CA  . THR A 1 134 ? -2.688  5.910   -6.087  1.00 11.74 ? 134 THR A CA  1 
ATOM   1131 C C   . THR A 1 134 ? -3.366  6.330   -4.797  1.00 12.59 ? 134 THR A C   1 
ATOM   1132 O O   . THR A 1 134 ? -4.284  5.656   -4.292  1.00 13.01 ? 134 THR A O   1 
ATOM   1133 C CB  . THR A 1 134 ? -3.225  6.792   -7.210  1.00 13.54 ? 134 THR A CB  1 
ATOM   1134 O OG1 . THR A 1 134 ? -4.655  6.701   -7.200  1.00 14.41 ? 134 THR A OG1 1 
ATOM   1135 C CG2 . THR A 1 134 ? -2.632  6.368   -8.544  1.00 13.97 ? 134 THR A CG2 1 
ATOM   1136 N N   . VAL A 1 135 ? -2.964  7.484   -4.278  1.00 12.40 ? 135 VAL A N   1 
ATOM   1137 C CA  . VAL A 1 135 ? -3.633  8.015   -3.096  1.00 13.75 ? 135 VAL A CA  1 
ATOM   1138 C C   . VAL A 1 135 ? -5.156  8.199   -3.310  1.00 13.36 ? 135 VAL A C   1 
ATOM   1139 O O   . VAL A 1 135 ? -5.957  7.865   -2.435  1.00 14.14 ? 135 VAL A O   1 
ATOM   1140 C CB  . VAL A 1 135 ? -2.959  9.325   -2.641  1.00 14.10 ? 135 VAL A CB  1 
ATOM   1141 C CG1 . VAL A 1 135 ? -3.727  9.946   -1.464  1.00 17.50 ? 135 VAL A CG1 1 
ATOM   1142 C CG2 . VAL A 1 135 ? -1.527  9.031   -2.240  1.00 16.54 ? 135 VAL A CG2 1 
ATOM   1143 N N   . ASP A 1 136 ? -5.538  8.681   -4.494  1.00 14.79 ? 136 ASP A N   1 
ATOM   1144 C CA  . ASP A 1 136 ? -6.954  8.897   -4.781  1.00 16.38 ? 136 ASP A CA  1 
ATOM   1145 C C   . ASP A 1 136 ? -7.727  7.576   -4.801  1.00 16.10 ? 136 ASP A C   1 
ATOM   1146 O O   . ASP A 1 136 ? -8.833  7.491   -4.283  1.00 16.77 ? 136 ASP A O   1 
ATOM   1147 C CB  . ASP A 1 136 ? -7.116  9.651   -6.106  1.00 18.46 ? 136 ASP A CB  1 
ATOM   1148 C CG  . ASP A 1 136 ? -6.632  11.111  -6.024  1.00 24.70 ? 136 ASP A CG  1 
ATOM   1149 O OD1 . ASP A 1 136 ? -6.712  11.725  -4.927  1.00 31.06 ? 136 ASP A OD1 1 
ATOM   1150 O OD2 . ASP A 1 136 ? -6.184  11.658  -7.071  1.00 31.94 ? 136 ASP A OD2 1 
ATOM   1151 N N   . GLN A 1 137 ? -7.103  6.536   -5.334  1.00 14.70 ? 137 GLN A N   1 
ATOM   1152 C CA  . GLN A 1 137 ? -7.712  5.205   -5.328  1.00 14.95 ? 137 GLN A CA  1 
ATOM   1153 C C   . GLN A 1 137 ? -7.833  4.646   -3.913  1.00 14.67 ? 137 GLN A C   1 
ATOM   1154 O O   . GLN A 1 137 ? -8.849  4.056   -3.554  1.00 15.31 ? 137 GLN A O   1 
ATOM   1155 C CB  . GLN A 1 137 ? -6.883  4.241   -6.190  1.00 13.75 ? 137 GLN A CB  1 
ATOM   1156 C CG  . GLN A 1 137 ? -6.968  4.571   -7.682  1.00 15.16 ? 137 GLN A CG  1 
ATOM   1157 C CD  . GLN A 1 137 ? -5.881  3.928   -8.489  1.00 14.42 ? 137 GLN A CD  1 
ATOM   1158 O OE1 . GLN A 1 137 ? -4.953  3.296   -7.960  1.00 14.40 ? 137 GLN A OE1 1 
ATOM   1159 N NE2 . GLN A 1 137 ? -5.979  4.086   -9.814  1.00 17.07 ? 137 GLN A NE2 1 
ATOM   1160 N N   . PHE A 1 138 ? -6.790  4.828   -3.112  1.00 14.13 ? 138 PHE A N   1 
ATOM   1161 C CA  . PHE A 1 138 ? -6.796  4.332   -1.747  1.00 14.04 ? 138 PHE A CA  1 
ATOM   1162 C C   . PHE A 1 138 ? -7.868  5.050   -0.921  1.00 15.26 ? 138 PHE A C   1 
ATOM   1163 O O   . PHE A 1 138 ? -8.572  4.406   -0.116  1.00 15.55 ? 138 PHE A O   1 
ATOM   1164 C CB  . PHE A 1 138 ? -5.396  4.549   -1.161  1.00 13.54 ? 138 PHE A CB  1 
ATOM   1165 C CG  . PHE A 1 138 ? -5.235  4.041   0.241   1.00 12.65 ? 138 PHE A CG  1 
ATOM   1166 C CD1 . PHE A 1 138 ? -5.498  2.701   0.542   1.00 12.12 ? 138 PHE A CD1 1 
ATOM   1167 C CD2 . PHE A 1 138 ? -4.792  4.903   1.263   1.00 13.08 ? 138 PHE A CD2 1 
ATOM   1168 C CE1 . PHE A 1 138 ? -5.324  2.207   1.861   1.00 13.71 ? 138 PHE A CE1 1 
ATOM   1169 C CE2 . PHE A 1 138 ? -4.617  4.433   2.555   1.00 14.67 ? 138 PHE A CE2 1 
ATOM   1170 C CZ  . PHE A 1 138 ? -4.889  3.109   2.858   1.00 12.87 ? 138 PHE A CZ  1 
ATOM   1171 N N   . LYS A 1 139 ? -7.995  6.367   -1.110  1.00 14.86 ? 139 LYS A N   1 
ATOM   1172 C CA  . LYS A 1 139 ? -9.049  7.097   -0.386  1.00 16.55 ? 139 LYS A CA  1 
ATOM   1173 C C   . LYS A 1 139 ? -10.414 6.551   -0.766  1.00 18.36 ? 139 LYS A C   1 
ATOM   1174 O O   . LYS A 1 139 ? -11.274 6.349   0.105   1.00 18.82 ? 139 LYS A O   1 
ATOM   1175 C CB  . LYS A 1 139 ? -9.050  8.571   -0.724  1.00 17.36 ? 139 LYS A CB  1 
ATOM   1176 C CG  . LYS A 1 139 ? -7.894  9.383   -0.253  1.00 18.74 ? 139 LYS A CG  1 
ATOM   1177 C CD  . LYS A 1 139 ? -8.263  10.791  -0.654  1.00 22.90 ? 139 LYS A CD  1 
ATOM   1178 C CE  . LYS A 1 139 ? -7.248  11.781  -0.263  1.00 24.82 ? 139 LYS A CE  1 
ATOM   1179 N NZ  . LYS A 1 139 ? -7.731  13.161  -0.611  1.00 23.78 ? 139 LYS A NZ  1 
ATOM   1180 N N   . LYS A 1 140 ? -10.630 6.331   -2.066  1.00 18.70 ? 140 LYS A N   1 
ATOM   1181 C CA  . LYS A 1 140 ? -11.901 5.755   -2.538  1.00 21.24 ? 140 LYS A CA  1 
ATOM   1182 C C   . LYS A 1 140 ? -12.160 4.406   -1.871  1.00 20.86 ? 140 LYS A C   1 
ATOM   1183 O O   . LYS A 1 140 ? -13.249 4.188   -1.340  1.00 21.12 ? 140 LYS A O   1 
ATOM   1184 C CB  . LYS A 1 140 ? -11.954 5.632   -4.068  1.00 21.21 ? 140 LYS A CB  1 
ATOM   1185 C CG  . LYS A 1 140 ? -12.492 6.842   -4.757  1.00 26.65 ? 140 LYS A CG  1 
ATOM   1186 C CD  . LYS A 1 140 ? -13.077 6.455   -6.117  1.00 30.73 ? 140 LYS A CD  1 
ATOM   1187 C CE  . LYS A 1 140 ? -14.156 7.436   -6.603  1.00 34.14 ? 140 LYS A CE  1 
ATOM   1188 N NZ  . LYS A 1 140 ? -13.556 8.522   -7.434  1.00 36.53 ? 140 LYS A NZ  1 
ATOM   1189 N N   . LEU A 1 141 ? -11.150 3.534   -1.831  1.00 19.93 ? 141 LEU A N   1 
ATOM   1190 C CA  . LEU A 1 141 ? -11.244 2.232   -1.201  1.00 20.52 ? 141 LEU A CA  1 
ATOM   1191 C C   . LEU A 1 141 ? -11.623 2.328   0.276   1.00 19.62 ? 141 LEU A C   1 
ATOM   1192 O O   . LEU A 1 141 ? -12.512 1.615   0.739   1.00 20.41 ? 141 LEU A O   1 
ATOM   1193 C CB  . LEU A 1 141 ? -9.951  1.432   -1.377  1.00 20.51 ? 141 LEU A CB  1 
ATOM   1194 C CG  . LEU A 1 141 ? -9.875  0.082   -0.660  1.00 23.53 ? 141 LEU A CG  1 
ATOM   1195 C CD1 . LEU A 1 141 ? -11.039 -0.844  -1.076  1.00 25.74 ? 141 LEU A CD1 1 
ATOM   1196 C CD2 . LEU A 1 141 ? -8.533  -0.571  -0.935  1.00 22.38 ? 141 LEU A CD2 1 
ATOM   1197 N N   . VAL A 1 142 ? -10.965 3.215   1.005   1.00 18.68 ? 142 VAL A N   1 
ATOM   1198 C CA  . VAL A 1 142 ? -11.253 3.357   2.442   1.00 19.49 ? 142 VAL A CA  1 
ATOM   1199 C C   . VAL A 1 142 ? -12.694 3.857   2.641   1.00 21.37 ? 142 VAL A C   1 
ATOM   1200 O O   . VAL A 1 142 ? -13.400 3.344   3.519   1.00 21.89 ? 142 VAL A O   1 
ATOM   1201 C CB  . VAL A 1 142 ? -10.211 4.310   3.143   1.00 17.78 ? 142 VAL A CB  1 
ATOM   1202 C CG1 . VAL A 1 142 ? -10.596 4.554   4.633   1.00 17.99 ? 142 VAL A CG1 1 
ATOM   1203 C CG2 . VAL A 1 142 ? -8.804  3.712   3.073   1.00 18.44 ? 142 VAL A CG2 1 
ATOM   1204 N N   . THR A 1 143 ? -13.107 4.839   1.836   1.00 23.47 ? 143 THR A N   1 
ATOM   1205 C CA  . THR A 1 143 ? -14.442 5.448   1.953   1.00 25.59 ? 143 THR A CA  1 
ATOM   1206 C C   . THR A 1 143 ? -15.532 4.453   1.583   1.00 26.59 ? 143 THR A C   1 
ATOM   1207 O O   . THR A 1 143 ? -16.611 4.434   2.207   1.00 27.04 ? 143 THR A O   1 
ATOM   1208 C CB  . THR A 1 143 ? -14.589 6.726   1.099   1.00 26.38 ? 143 THR A CB  1 
ATOM   1209 O OG1 . THR A 1 143 ? -13.504 7.611   1.377   1.00 27.09 ? 143 THR A OG1 1 
ATOM   1210 C CG2 . THR A 1 143 ? -15.921 7.450   1.433   1.00 27.51 ? 143 THR A CG2 1 
ATOM   1211 N N   . GLN A 1 144 ? -15.261 3.622   0.581   1.00 27.11 ? 144 GLN A N   1 
ATOM   1212 C CA  . GLN A 1 144 ? -16.202 2.578   0.205   1.00 27.92 ? 144 GLN A CA  1 
ATOM   1213 C C   . GLN A 1 144 ? -16.336 1.583   1.358   1.00 26.95 ? 144 GLN A C   1 
ATOM   1214 O O   . GLN A 1 144 ? -17.453 1.184   1.711   1.00 27.00 ? 144 GLN A O   1 
ATOM   1215 C CB  . GLN A 1 144 ? -15.762 1.873   -1.079  1.00 27.98 ? 144 GLN A CB  1 
ATOM   1216 C CG  . GLN A 1 144 ? -15.907 2.721   -2.344  1.00 30.23 ? 144 GLN A CG  1 
ATOM   1217 C CD  . GLN A 1 144 ? -15.234 2.064   -3.558  1.00 30.31 ? 144 GLN A CD  1 
ATOM   1218 O OE1 . GLN A 1 144 ? -14.930 0.856   -3.554  1.00 34.23 ? 144 GLN A OE1 1 
ATOM   1219 N NE2 . GLN A 1 144 ? -15.003 2.855   -4.599  1.00 34.57 ? 144 GLN A NE2 1 
ATOM   1220 N N   . LEU A 1 145 ? -15.208 1.217   1.963   1.00 25.63 ? 145 LEU A N   1 
ATOM   1221 C CA  . LEU A 1 145 ? -15.195 0.319   3.129   1.00 25.08 ? 145 LEU A CA  1 
ATOM   1222 C C   . LEU A 1 145 ? -15.934 0.856   4.363   1.00 23.83 ? 145 LEU A C   1 
ATOM   1223 O O   . LEU A 1 145 ? -16.696 0.126   5.009   1.00 23.48 ? 145 LEU A O   1 
ATOM   1224 C CB  . LEU A 1 145 ? -13.757 -0.009  3.538   1.00 25.55 ? 145 LEU A CB  1 
ATOM   1225 C CG  . LEU A 1 145 ? -13.148 -1.401  3.300   1.00 27.84 ? 145 LEU A CG  1 
ATOM   1226 C CD1 . LEU A 1 145 ? -13.980 -2.303  2.371   1.00 28.21 ? 145 LEU A CD1 1 
ATOM   1227 C CD2 . LEU A 1 145 ? -11.701 -1.279  2.855   1.00 24.80 ? 145 LEU A CD2 1 
ATOM   1228 N N   . LYS A 1 146 ? -15.729 2.140   4.669   1.00 22.81 ? 146 LYS A N   1 
ATOM   1229 C CA  . LYS A 1 146 ? -16.120 2.667   5.979   1.00 21.36 ? 146 LYS A CA  1 
ATOM   1230 C C   . LYS A 1 146 ? -17.207 3.741   5.995   1.00 21.22 ? 146 LYS A C   1 
ATOM   1231 O O   . LYS A 1 146 ? -17.796 4.005   7.066   1.00 21.04 ? 146 LYS A O   1 
ATOM   1232 C CB  . LYS A 1 146 ? -14.885 3.176   6.733   1.00 21.17 ? 146 LYS A CB  1 
ATOM   1233 C CG  . LYS A 1 146 ? -13.929 2.080   7.233   1.00 20.24 ? 146 LYS A CG  1 
ATOM   1234 C CD  . LYS A 1 146 ? -14.626 0.993   8.061   1.00 18.44 ? 146 LYS A CD  1 
ATOM   1235 C CE  . LYS A 1 146 ? -15.308 1.602   9.283   1.00 19.65 ? 146 LYS A CE  1 
ATOM   1236 N NZ  . LYS A 1 146 ? -15.679 0.535   10.246  1.00 22.49 ? 146 LYS A NZ  1 
ATOM   1237 N N   . GLY A 1 147 ? -17.457 4.366   4.847   1.00 20.95 ? 147 GLY A N   1 
ATOM   1238 C CA  . GLY A 1 147 ? -18.355 5.524   4.780   1.00 21.75 ? 147 GLY A CA  1 
ATOM   1239 C C   . GLY A 1 147 ? -19.789 5.256   5.202   1.00 22.83 ? 147 GLY A C   1 
ATOM   1240 O O   . GLY A 1 147 ? -20.471 6.190   5.661   1.00 20.78 ? 147 GLY A O   1 
ATOM   1241 N N   . ASP A 1 148 ? -20.238 4.006   5.058   1.00 23.63 ? 148 ASP A N   1 
ATOM   1242 C CA  A ASP A 1 148 ? -21.603 3.571   5.357   0.25 24.27 ? 148 ASP A CA  1 
ATOM   1243 C CA  B ASP A 1 148 ? -21.614 3.633   5.385   0.25 24.18 ? 148 ASP A CA  1 
ATOM   1244 C CA  C ASP A 1 148 ? -21.625 3.698   5.408   0.50 24.51 ? 148 ASP A CA  1 
ATOM   1245 C C   . ASP A 1 148 ? -21.758 3.004   6.768   1.00 24.48 ? 148 ASP A C   1 
ATOM   1246 O O   . ASP A 1 148 ? -22.832 2.541   7.144   1.00 25.03 ? 148 ASP A O   1 
ATOM   1247 C CB  A ASP A 1 148 ? -22.030 2.496   4.347   0.25 24.40 ? 148 ASP A CB  1 
ATOM   1248 C CB  B ASP A 1 148 ? -22.193 2.709   4.309   0.25 24.27 ? 148 ASP A CB  1 
ATOM   1249 C CB  C ASP A 1 148 ? -22.361 2.945   4.280   0.50 24.74 ? 148 ASP A CB  1 
ATOM   1250 C CG  A ASP A 1 148 ? -21.302 1.165   4.555   0.25 24.93 ? 148 ASP A CG  1 
ATOM   1251 C CG  B ASP A 1 148 ? -22.724 3.472   3.121   0.25 24.44 ? 148 ASP A CG  1 
ATOM   1252 C CG  C ASP A 1 148 ? -21.698 1.637   3.910   0.50 26.16 ? 148 ASP A CG  1 
ATOM   1253 O OD1 A ASP A 1 148 ? -20.106 1.168   4.938   0.25 26.20 ? 148 ASP A OD1 1 
ATOM   1254 O OD1 B ASP A 1 148 ? -23.752 4.167   3.276   0.25 25.10 ? 148 ASP A OD1 1 
ATOM   1255 O OD1 C ASP A 1 148 ? -20.511 1.443   4.254   0.50 28.59 ? 148 ASP A OD1 1 
ATOM   1256 O OD2 A ASP A 1 148 ? -21.936 0.107   4.325   0.25 25.35 ? 148 ASP A OD2 1 
ATOM   1257 O OD2 B ASP A 1 148 ? -22.115 3.384   2.035   0.25 25.25 ? 148 ASP A OD2 1 
ATOM   1258 O OD2 C ASP A 1 148 ? -22.372 0.807   3.257   0.50 25.81 ? 148 ASP A OD2 1 
ATOM   1259 N N   . GLY A 1 149 ? -20.667 2.987   7.529   1.00 24.12 ? 149 GLY A N   1 
ATOM   1260 C CA  . GLY A 1 149 ? -20.686 2.451   8.898   1.00 24.92 ? 149 GLY A CA  1 
ATOM   1261 C C   . GLY A 1 149 ? -20.465 0.953   9.048   1.00 25.60 ? 149 GLY A C   1 
ATOM   1262 O O   . GLY A 1 149 ? -20.558 0.425   10.156  1.00 25.98 ? 149 GLY A O   1 
ATOM   1263 N N   . GLU A 1 150 ? -20.149 0.277   7.943   1.00 25.33 ? 150 GLU A N   1 
ATOM   1264 C CA  . GLU A 1 150 ? -19.856 -1.162  7.938   1.00 26.11 ? 150 GLU A CA  1 
ATOM   1265 C C   . GLU A 1 150 ? -18.628 -1.490  8.805   1.00 24.47 ? 150 GLU A C   1 
ATOM   1266 O O   . GLU A 1 150 ? -17.594 -0.804  8.709   1.00 23.85 ? 150 GLU A O   1 
ATOM   1267 C CB  . GLU A 1 150 ? -19.614 -1.615  6.488   1.00 26.10 ? 150 GLU A CB  1 
ATOM   1268 C CG  . GLU A 1 150 ? -19.681 -3.137  6.257   1.00 29.19 ? 150 GLU A CG  1 
ATOM   1269 C CD  . GLU A 1 150 ? -19.203 -3.578  4.867   1.00 29.92 ? 150 GLU A CD  1 
ATOM   1270 O OE1 . GLU A 1 150 ? -18.602 -2.773  4.110   1.00 35.35 ? 150 GLU A OE1 1 
ATOM   1271 O OE2 . GLU A 1 150 ? -19.410 -4.766  4.535   1.00 35.90 ? 150 GLU A OE2 1 
ATOM   1272 N N   . HIS A 1 151 ? -18.744 -2.524  9.644   1.00 23.31 ? 151 HIS A N   1 
ATOM   1273 C CA  . HIS A 1 151 ? -17.620 -3.028  10.442  1.00 22.08 ? 151 HIS A CA  1 
ATOM   1274 C C   . HIS A 1 151 ? -16.510 -3.362  9.476   1.00 20.23 ? 151 HIS A C   1 
ATOM   1275 O O   . HIS A 1 151 ? -16.771 -3.856  8.372   1.00 20.73 ? 151 HIS A O   1 
ATOM   1276 C CB  . HIS A 1 151 ? -18.019 -4.298  11.217  1.00 22.79 ? 151 HIS A CB  1 
ATOM   1277 C CG  . HIS A 1 151 ? -16.889 -4.936  11.969  1.00 25.41 ? 151 HIS A CG  1 
ATOM   1278 N ND1 . HIS A 1 151 ? -16.295 -6.113  11.563  1.00 28.63 ? 151 HIS A ND1 1 
ATOM   1279 C CD2 . HIS A 1 151 ? -16.227 -4.541  13.083  1.00 27.89 ? 151 HIS A CD2 1 
ATOM   1280 C CE1 . HIS A 1 151 ? -15.318 -6.419  12.402  1.00 26.47 ? 151 HIS A CE1 1 
ATOM   1281 N NE2 . HIS A 1 151 ? -15.254 -5.478  13.334  1.00 28.39 ? 151 HIS A NE2 1 
ATOM   1282 N N   . PHE A 1 152 ? -15.270 -3.082  9.865   1.00 18.20 ? 152 PHE A N   1 
ATOM   1283 C CA  . PHE A 1 152 ? -14.170 -3.449  9.020   1.00 16.39 ? 152 PHE A CA  1 
ATOM   1284 C C   . PHE A 1 152 ? -13.857 -4.931  9.120   1.00 15.89 ? 152 PHE A C   1 
ATOM   1285 O O   . PHE A 1 152 ? -13.450 -5.422  10.184  1.00 16.28 ? 152 PHE A O   1 
ATOM   1286 C CB  . PHE A 1 152 ? -12.929 -2.597  9.322   1.00 16.10 ? 152 PHE A CB  1 
ATOM   1287 C CG  . PHE A 1 152 ? -11.717 -3.021  8.537   1.00 16.10 ? 152 PHE A CG  1 
ATOM   1288 C CD1 . PHE A 1 152 ? -11.763 -3.051  7.149   1.00 16.60 ? 152 PHE A CD1 1 
ATOM   1289 C CD2 . PHE A 1 152 ? -10.565 -3.432  9.193   1.00 17.31 ? 152 PHE A CD2 1 
ATOM   1290 C CE1 . PHE A 1 152 ? -10.641 -3.481  6.420   1.00 17.55 ? 152 PHE A CE1 1 
ATOM   1291 C CE2 . PHE A 1 152 ? -9.468  -3.844  8.487   1.00 16.37 ? 152 PHE A CE2 1 
ATOM   1292 C CZ  . PHE A 1 152 ? -9.503  -3.854  7.100   1.00 15.87 ? 152 PHE A CZ  1 
ATOM   1293 N N   . ASN A 1 153 ? -14.038 -5.635  7.999   1.00 14.00 ? 153 ASN A N   1 
ATOM   1294 C CA  . ASN A 1 153 ? -13.675 -7.028  7.923   1.00 13.37 ? 153 ASN A CA  1 
ATOM   1295 C C   . ASN A 1 153 ? -12.388 -7.190  7.093   1.00 13.25 ? 153 ASN A C   1 
ATOM   1296 O O   . ASN A 1 153 ? -12.432 -7.047  5.875   1.00 13.56 ? 153 ASN A O   1 
ATOM   1297 C CB  . ASN A 1 153 ? -14.820 -7.812  7.276   1.00 12.50 ? 153 ASN A CB  1 
ATOM   1298 C CG  . ASN A 1 153 ? -14.541 -9.301  7.181   1.00 13.43 ? 153 ASN A CG  1 
ATOM   1299 O OD1 . ASN A 1 153 ? -13.499 -9.791  7.568   1.00 13.20 ? 153 ASN A OD1 1 
ATOM   1300 N ND2 . ASN A 1 153 ? -15.535 -10.049 6.680   1.00 14.47 ? 153 ASN A ND2 1 
ATOM   1301 N N   . PRO A 1 154 ? -11.251 -7.498  7.742   1.00 13.16 ? 154 PRO A N   1 
ATOM   1302 C CA  . PRO A 1 154 ? -9.996  -7.662  6.986   1.00 13.64 ? 154 PRO A CA  1 
ATOM   1303 C C   . PRO A 1 154 ? -10.136 -8.668  5.830   1.00 13.15 ? 154 PRO A C   1 
ATOM   1304 O O   . PRO A 1 154 ? -9.487  -8.504  4.794   1.00 14.37 ? 154 PRO A O   1 
ATOM   1305 C CB  . PRO A 1 154 ? -9.023  -8.203  8.037   1.00 13.33 ? 154 PRO A CB  1 
ATOM   1306 C CG  . PRO A 1 154 ? -9.562  -7.660  9.358   1.00 13.20 ? 154 PRO A CG  1 
ATOM   1307 C CD  . PRO A 1 154 ? -11.066 -7.766  9.179   1.00 13.51 ? 154 PRO A CD  1 
ATOM   1308 N N   . ASN A 1 155 ? -10.991 -9.685  5.976   1.00 13.51 ? 155 ASN A N   1 
ATOM   1309 C CA  . ASN A 1 155 ? -11.148 -10.654 4.903   1.00 13.95 ? 155 ASN A CA  1 
ATOM   1310 C C   . ASN A 1 155 ? -11.780 -10.081 3.637   1.00 14.13 ? 155 ASN A C   1 
ATOM   1311 O O   . ASN A 1 155 ? -11.491 -10.559 2.536   1.00 15.18 ? 155 ASN A O   1 
ATOM   1312 C CB  . ASN A 1 155 ? -11.925 -11.873 5.397   1.00 14.73 ? 155 ASN A CB  1 
ATOM   1313 C CG  . ASN A 1 155 ? -11.315 -12.465 6.641   1.00 16.90 ? 155 ASN A CG  1 
ATOM   1314 O OD1 . ASN A 1 155 ? -11.962 -12.557 7.709   1.00 22.12 ? 155 ASN A OD1 1 
ATOM   1315 N ND2 . ASN A 1 155 ? -10.055 -12.864 6.532   1.00 15.18 ? 155 ASN A ND2 1 
ATOM   1316 N N   . LYS A 1 156 ? -12.637 -9.065  3.805   1.00 14.54 ? 156 LYS A N   1 
ATOM   1317 C CA  . LYS A 1 156 ? -13.173 -8.343  2.667   1.00 16.54 ? 156 LYS A CA  1 
ATOM   1318 C C   . LYS A 1 156 ? -12.059 -7.554  1.971   1.00 14.93 ? 156 LYS A C   1 
ATOM   1319 O O   . LYS A 1 156 ? -12.009 -7.507  0.724   1.00 16.07 ? 156 LYS A O   1 
ATOM   1320 C CB  . LYS A 1 156 ? -14.339 -7.441  3.092   1.00 16.97 ? 156 LYS A CB  1 
ATOM   1321 C CG  . LYS A 1 156 ? -14.967 -6.656  1.945   1.00 19.61 ? 156 LYS A CG  1 
ATOM   1322 C CD  . LYS A 1 156 ? -16.110 -5.753  2.403   1.00 22.12 ? 156 LYS A CD  1 
ATOM   1323 C CE  . LYS A 1 156 ? -16.658 -4.987  1.199   1.00 26.66 ? 156 LYS A CE  1 
ATOM   1324 N NZ  . LYS A 1 156 ? -17.968 -4.290  1.485   1.00 31.62 ? 156 LYS A NZ  1 
ATOM   1325 N N   . LEU A 1 157 ? -11.179 -6.934  2.748   1.00 14.17 ? 157 LEU A N   1 
ATOM   1326 C CA  . LEU A 1 157 ? -10.033 -6.256  2.171   1.00 14.98 ? 157 LEU A CA  1 
ATOM   1327 C C   . LEU A 1 157 ? -9.151  -7.251  1.409   1.00 13.70 ? 157 LEU A C   1 
ATOM   1328 O O   . LEU A 1 157 ? -8.675  -6.946  0.307   1.00 14.05 ? 157 LEU A O   1 
ATOM   1329 C CB  . LEU A 1 157 ? -9.229  -5.506  3.246   1.00 14.44 ? 157 LEU A CB  1 
ATOM   1330 C CG  . LEU A 1 157 ? -7.965  -4.773  2.755   1.00 16.05 ? 157 LEU A CG  1 
ATOM   1331 C CD1 . LEU A 1 157 ? -8.295  -3.827  1.599   1.00 16.56 ? 157 LEU A CD1 1 
ATOM   1332 C CD2 . LEU A 1 157 ? -7.322  -4.028  3.929   1.00 16.65 ? 157 LEU A CD2 1 
ATOM   1333 N N   . LYS A 1 158 ? -8.919  -8.445  1.975   1.00 13.55 ? 158 LYS A N   1 
ATOM   1334 C CA  . LYS A 1 158 ? -8.144  -9.453  1.234   1.00 14.67 ? 158 LYS A CA  1 
ATOM   1335 C C   . LYS A 1 158 ? -8.801  -9.782  -0.128  1.00 14.48 ? 158 LYS A C   1 
ATOM   1336 O O   . LYS A 1 158 ? -8.108  -9.850  -1.161  1.00 14.48 ? 158 LYS A O   1 
ATOM   1337 C CB  . LYS A 1 158 ? -7.956  -10.730 2.075   1.00 14.63 ? 158 LYS A CB  1 
ATOM   1338 C CG  . LYS A 1 158 ? -6.955  -11.692 1.392   1.00 16.21 ? 158 LYS A CG  1 
ATOM   1339 C CD  . LYS A 1 158 ? -6.652  -12.944 2.186   1.00 18.07 ? 158 LYS A CD  1 
ATOM   1340 C CE  . LYS A 1 158 ? -7.583  -14.052 1.688   1.00 21.29 ? 158 LYS A CE  1 
ATOM   1341 N NZ  . LYS A 1 158 ? -7.313  -15.340 2.383   1.00 22.19 ? 158 LYS A NZ  1 
ATOM   1342 N N   . GLU A 1 159 ? -10.120 -9.999  -0.132  1.00 14.70 ? 159 GLU A N   1 
ATOM   1343 C CA  . GLU A 1 159 ? -10.805 -10.305 -1.399  1.00 15.95 ? 159 GLU A CA  1 
ATOM   1344 C C   . GLU A 1 159 ? -10.645 -9.183  -2.430  1.00 15.28 ? 159 GLU A C   1 
ATOM   1345 O O   . GLU A 1 159 ? -10.450 -9.439  -3.631  1.00 14.50 ? 159 GLU A O   1 
ATOM   1346 C CB  . GLU A 1 159 ? -12.285 -10.590 -1.154  1.00 17.40 ? 159 GLU A CB  1 
ATOM   1347 C CG  . GLU A 1 159 ? -12.556 -11.931 -0.492  1.00 22.59 ? 159 GLU A CG  1 
ATOM   1348 C CD  . GLU A 1 159 ? -14.042 -12.176 -0.335  1.00 31.47 ? 159 GLU A CD  1 
ATOM   1349 O OE1 . GLU A 1 159 ? -14.828 -11.245 -0.632  1.00 35.00 ? 159 GLU A OE1 1 
ATOM   1350 O OE2 . GLU A 1 159 ? -14.418 -13.299 0.083   1.00 36.14 ? 159 GLU A OE2 1 
ATOM   1351 N N   . ILE A 1 160 ? -10.714 -7.937  -1.962  1.00 14.59 ? 160 ILE A N   1 
ATOM   1352 C CA  . ILE A 1 160 ? -10.583 -6.790  -2.859  1.00 15.00 ? 160 ILE A CA  1 
ATOM   1353 C C   . ILE A 1 160 ? -9.157  -6.735  -3.425  1.00 13.88 ? 160 ILE A C   1 
ATOM   1354 O O   . ILE A 1 160 ? -8.974  -6.531  -4.629  1.00 13.82 ? 160 ILE A O   1 
ATOM   1355 C CB  . ILE A 1 160 ? -10.941 -5.486  -2.131  1.00 15.27 ? 160 ILE A CB  1 
ATOM   1356 C CG1 . ILE A 1 160 ? -12.452 -5.381  -1.938  1.00 16.69 ? 160 ILE A CG1 1 
ATOM   1357 C CG2 . ILE A 1 160 ? -10.418 -4.264  -2.874  1.00 17.27 ? 160 ILE A CG2 1 
ATOM   1358 C CD1 . ILE A 1 160 ? -12.829 -4.498  -0.767  1.00 18.43 ? 160 ILE A CD1 1 
ATOM   1359 N N   . LEU A 1 161 ? -8.161  -6.916  -2.560  1.00 14.17 ? 161 LEU A N   1 
ATOM   1360 C CA  . LEU A 1 161 ? -6.759  -6.895  -3.028  1.00 14.08 ? 161 LEU A CA  1 
ATOM   1361 C C   . LEU A 1 161 ? -6.526  -7.996  -4.071  1.00 13.82 ? 161 LEU A C   1 
ATOM   1362 O O   . LEU A 1 161 ? -5.842  -7.758  -5.076  1.00 14.09 ? 161 LEU A O   1 
ATOM   1363 C CB  . LEU A 1 161 ? -5.794  -7.047  -1.853  1.00 15.30 ? 161 LEU A CB  1 
ATOM   1364 C CG  . LEU A 1 161 ? -5.721  -5.844  -0.904  1.00 16.44 ? 161 LEU A CG  1 
ATOM   1365 C CD1 . LEU A 1 161 ? -4.760  -6.182  0.201   1.00 17.76 ? 161 LEU A CD1 1 
ATOM   1366 C CD2 . LEU A 1 161 ? -5.282  -4.555  -1.661  1.00 15.84 ? 161 LEU A CD2 1 
ATOM   1367 N N   . ILE A 1 162 ? -7.123  -9.181  -3.869  1.00 13.26 ? 162 ILE A N   1 
ATOM   1368 C CA  . ILE A 1 162 ? -6.945  -10.281 -4.841  1.00 13.12 ? 162 ILE A CA  1 
ATOM   1369 C C   . ILE A 1 162 ? -7.601  -9.900  -6.180  1.00 13.28 ? 162 ILE A C   1 
ATOM   1370 O O   . ILE A 1 162 ? -7.010  -10.125 -7.240  1.00 13.97 ? 162 ILE A O   1 
ATOM   1371 C CB  . ILE A 1 162 ? -7.489  -11.611 -4.288  1.00 13.42 ? 162 ILE A CB  1 
ATOM   1372 C CG1 . ILE A 1 162 ? -6.608  -12.047 -3.104  1.00 13.91 ? 162 ILE A CG1 1 
ATOM   1373 C CG2 . ILE A 1 162 ? -7.580  -12.679 -5.406  1.00 13.82 ? 162 ILE A CG2 1 
ATOM   1374 C CD1 . ILE A 1 162 ? -7.174  -13.238 -2.326  1.00 16.54 ? 162 ILE A CD1 1 
ATOM   1375 N N   . LYS A 1 163 ? -8.792  -9.310  -6.119  1.00 13.26 ? 163 LYS A N   1 
ATOM   1376 C CA  . LYS A 1 163 ? -9.445  -8.819  -7.328  1.00 14.51 ? 163 LYS A CA  1 
ATOM   1377 C C   . LYS A 1 163 ? -8.550  -7.808  -8.064  1.00 14.14 ? 163 LYS A C   1 
ATOM   1378 O O   . LYS A 1 163 ? -8.353  -7.919  -9.273  1.00 14.76 ? 163 LYS A O   1 
ATOM   1379 C CB  . LYS A 1 163 ? -10.785 -8.176  -6.984  1.00 14.78 ? 163 LYS A CB  1 
ATOM   1380 C CG  . LYS A 1 163 ? -11.580 -7.678  -8.168  1.00 19.47 ? 163 LYS A CG  1 
ATOM   1381 C CD  . LYS A 1 163 ? -12.843 -6.971  -7.665  1.00 23.65 ? 163 LYS A CD  1 
ATOM   1382 C CE  . LYS A 1 163 ? -12.532 -5.886  -6.624  1.00 28.31 ? 163 LYS A CE  1 
ATOM   1383 N NZ  . LYS A 1 163 ? -13.774 -5.189  -6.172  1.00 31.56 ? 163 LYS A NZ  1 
ATOM   1384 N N   . LEU A 1 164 ? -8.014  -6.829  -7.327  1.00 13.43 ? 164 LEU A N   1 
ATOM   1385 C CA  . LEU A 1 164 ? -7.224  -5.755  -7.919  1.00 13.67 ? 164 LEU A CA  1 
ATOM   1386 C C   . LEU A 1 164 ? -5.865  -6.233  -8.439  1.00 12.97 ? 164 LEU A C   1 
ATOM   1387 O O   . LEU A 1 164 ? -5.338  -5.666  -9.398  1.00 13.41 ? 164 LEU A O   1 
ATOM   1388 C CB  . LEU A 1 164 ? -6.991  -4.654  -6.895  1.00 12.99 ? 164 LEU A CB  1 
ATOM   1389 C CG  . LEU A 1 164 ? -8.254  -3.935  -6.470  1.00 12.51 ? 164 LEU A CG  1 
ATOM   1390 C CD1 . LEU A 1 164 ? -7.901  -2.929  -5.344  1.00 14.33 ? 164 LEU A CD1 1 
ATOM   1391 C CD2 . LEU A 1 164 ? -8.959  -3.224  -7.637  1.00 13.87 ? 164 LEU A CD2 1 
ATOM   1392 N N   . LEU A 1 165 ? -5.359  -7.303  -7.820  1.00 13.00 ? 165 LEU A N   1 
ATOM   1393 C CA  . LEU A 1 165 ? -4.101  -7.931  -8.228  1.00 13.73 ? 165 LEU A CA  1 
ATOM   1394 C C   . LEU A 1 165 ? -4.100  -8.381  -9.687  1.00 14.26 ? 165 LEU A C   1 
ATOM   1395 O O   . LEU A 1 165 ? -3.051  -8.323  -10.352 1.00 13.67 ? 165 LEU A O   1 
ATOM   1396 C CB  . LEU A 1 165 ? -3.770  -9.116  -7.307  1.00 13.94 ? 165 LEU A CB  1 
ATOM   1397 C CG  . LEU A 1 165 ? -2.482  -9.899  -7.600  1.00 13.88 ? 165 LEU A CG  1 
ATOM   1398 C CD1 . LEU A 1 165 ? -1.195  -9.043  -7.416  1.00 12.53 ? 165 LEU A CD1 1 
ATOM   1399 C CD2 . LEU A 1 165 ? -2.444  -11.156 -6.706  1.00 14.30 ? 165 LEU A CD2 1 
ATOM   1400 N N   . ARG A 1 166 ? -5.266  -8.815  -10.177 1.00 13.75 ? 166 ARG A N   1 
ATOM   1401 C CA  . ARG A 1 166 ? -5.353  -9.360  -11.529 1.00 14.35 ? 166 ARG A CA  1 
ATOM   1402 C C   . ARG A 1 166 ? -4.222  -10.352 -11.854 1.00 14.77 ? 166 ARG A C   1 
ATOM   1403 O O   . ARG A 1 166 ? -3.444  -10.159 -12.808 1.00 14.73 ? 166 ARG A O   1 
ATOM   1404 C CB  . ARG A 1 166 ? -5.385  -8.229  -12.565 1.00 13.47 ? 166 ARG A CB  1 
ATOM   1405 C CG  . ARG A 1 166 ? -6.676  -7.359  -12.530 1.00 15.10 ? 166 ARG A CG  1 
ATOM   1406 C CD  . ARG A 1 166 ? -7.947  -8.170  -12.811 1.00 15.07 ? 166 ARG A CD  1 
ATOM   1407 N NE  . ARG A 1 166 ? -7.893  -8.849  -14.113 1.00 16.42 ? 166 ARG A NE  1 
ATOM   1408 C CZ  . ARG A 1 166 ? -8.240  -8.304  -15.287 1.00 16.58 ? 166 ARG A CZ  1 
ATOM   1409 N NH1 . ARG A 1 166 ? -8.652  -7.053  -15.374 1.00 17.62 ? 166 ARG A NH1 1 
ATOM   1410 N NH2 . ARG A 1 166 ? -8.132  -9.016  -16.407 1.00 20.27 ? 166 ARG A NH2 1 
ATOM   1411 N N   . SER A 1 167 ? -4.205  -11.452 -11.116 1.00 15.20 ? 167 SER A N   1 
ATOM   1412 C CA  . SER A 1 167 ? -3.188  -12.481 -11.323 1.00 16.52 ? 167 SER A CA  1 
ATOM   1413 C C   . SER A 1 167 ? -3.264  -13.153 -12.701 1.00 16.78 ? 167 SER A C   1 
ATOM   1414 O O   . SER A 1 167 ? -2.331  -13.864 -13.092 1.00 17.54 ? 167 SER A O   1 
ATOM   1415 C CB  . SER A 1 167 ? -3.220  -13.505 -10.183 1.00 17.71 ? 167 SER A CB  1 
ATOM   1416 O OG  . SER A 1 167 ? -4.342  -14.354 -10.294 1.00 21.21 ? 167 SER A OG  1 
ATOM   1417 N N   . ASP A 1 168 ? -4.367  -12.924 -13.406 1.00 16.84 ? 168 ASP A N   1 
ATOM   1418 C CA  . ASP A 1 168 ? -4.537  -13.443 -14.765 1.00 17.39 ? 168 ASP A CA  1 
ATOM   1419 C C   . ASP A 1 168 ? -3.730  -12.618 -15.754 1.00 17.59 ? 168 ASP A C   1 
ATOM   1420 O O   . ASP A 1 168 ? -3.474  -13.066 -16.874 1.00 19.39 ? 168 ASP A O   1 
ATOM   1421 C CB  . ASP A 1 168 ? -6.011  -13.429 -15.198 1.00 17.49 ? 168 ASP A CB  1 
ATOM   1422 C CG  . ASP A 1 168 ? -6.632  -12.031 -15.113 1.00 17.74 ? 168 ASP A CG  1 
ATOM   1423 O OD1 . ASP A 1 168 ? -6.608  -11.455 -14.015 1.00 17.11 ? 168 ASP A OD1 1 
ATOM   1424 O OD2 . ASP A 1 168 ? -7.138  -11.530 -16.135 1.00 21.16 ? 168 ASP A OD2 1 
ATOM   1425 N N   . LEU A 1 169 ? -3.347  -11.399 -15.362 1.00 17.03 ? 169 LEU A N   1 
ATOM   1426 C CA  . LEU A 1 169 ? -2.623  -10.516 -16.248 1.00 16.05 ? 169 LEU A CA  1 
ATOM   1427 C C   . LEU A 1 169 ? -1.144  -10.587 -15.956 1.00 16.57 ? 169 LEU A C   1 
ATOM   1428 O O   . LEU A 1 169 ? -0.721  -10.432 -14.815 1.00 16.61 ? 169 LEU A O   1 
ATOM   1429 C CB  . LEU A 1 169 ? -3.115  -9.065  -16.093 1.00 15.45 ? 169 LEU A CB  1 
ATOM   1430 C CG  . LEU A 1 169 ? -4.546  -8.709  -16.465 1.00 15.23 ? 169 LEU A CG  1 
ATOM   1431 C CD1 . LEU A 1 169 ? -4.784  -7.242  -16.202 1.00 15.47 ? 169 LEU A CD1 1 
ATOM   1432 C CD2 . LEU A 1 169 ? -4.831  -8.993  -17.935 1.00 16.30 ? 169 LEU A CD2 1 
ATOM   1433 N N   . GLY A 1 170 ? -0.354  -10.828 -16.989 1.00 16.59 ? 170 GLY A N   1 
ATOM   1434 C CA  . GLY A 1 170 ? 1.091   -10.945 -16.816 1.00 16.48 ? 170 GLY A CA  1 
ATOM   1435 C C   . GLY A 1 170 ? 1.750   -9.597  -16.709 1.00 16.45 ? 170 GLY A C   1 
ATOM   1436 O O   . GLY A 1 170 ? 1.105   -8.561  -16.890 1.00 15.27 ? 170 GLY A O   1 
ATOM   1437 N N   . TYR A 1 171 ? 3.046   -9.592  -16.442 1.00 16.73 ? 171 TYR A N   1 
ATOM   1438 C CA  . TYR A 1 171 ? 3.731   -8.304  -16.287 1.00 17.68 ? 171 TYR A CA  1 
ATOM   1439 C C   . TYR A 1 171 ? 3.612   -7.349  -17.476 1.00 17.56 ? 171 TYR A C   1 
ATOM   1440 O O   . TYR A 1 171 ? 3.614   -6.125  -17.298 1.00 17.45 ? 171 TYR A O   1 
ATOM   1441 C CB  . TYR A 1 171 ? 5.198   -8.462  -15.878 1.00 18.72 ? 171 TYR A CB  1 
ATOM   1442 C CG  . TYR A 1 171 ? 6.233   -8.723  -16.976 1.00 20.19 ? 171 TYR A CG  1 
ATOM   1443 C CD1 . TYR A 1 171 ? 6.555   -7.760  -17.940 1.00 19.38 ? 171 TYR A CD1 1 
ATOM   1444 C CD2 . TYR A 1 171 ? 6.954   -9.919  -16.982 1.00 21.51 ? 171 TYR A CD2 1 
ATOM   1445 C CE1 . TYR A 1 171 ? 7.535   -8.023  -18.923 1.00 21.74 ? 171 TYR A CE1 1 
ATOM   1446 C CE2 . TYR A 1 171 ? 7.932   -10.178 -17.947 1.00 21.24 ? 171 TYR A CE2 1 
ATOM   1447 C CZ  . TYR A 1 171 ? 8.203   -9.236  -18.917 1.00 21.16 ? 171 TYR A CZ  1 
ATOM   1448 O OH  . TYR A 1 171 ? 9.187   -9.526  -19.853 1.00 22.91 ? 171 TYR A OH  1 
ATOM   1449 N N   . ASP A 1 172 ? 3.538   -7.899  -18.692 1.00 16.84 ? 172 ASP A N   1 
ATOM   1450 C CA  A ASP A 1 172 ? 3.488   -7.100  -19.899 0.50 17.24 ? 172 ASP A CA  1 
ATOM   1451 C CA  B ASP A 1 172 ? 3.499   -7.029  -19.856 0.50 17.08 ? 172 ASP A CA  1 
ATOM   1452 C C   . ASP A 1 172 ? 2.076   -6.621  -20.244 1.00 16.93 ? 172 ASP A C   1 
ATOM   1453 O O   . ASP A 1 172 ? 1.847   -6.117  -21.337 1.00 17.72 ? 172 ASP A O   1 
ATOM   1454 C CB  A ASP A 1 172 ? 4.085   -7.882  -21.071 0.50 18.08 ? 172 ASP A CB  1 
ATOM   1455 C CB  B ASP A 1 172 ? 4.269   -7.619  -21.045 0.50 17.83 ? 172 ASP A CB  1 
ATOM   1456 C CG  A ASP A 1 172 ? 4.454   -6.991  -22.259 0.50 20.17 ? 172 ASP A CG  1 
ATOM   1457 C CG  B ASP A 1 172 ? 3.551   -8.786  -21.685 0.50 18.88 ? 172 ASP A CG  1 
ATOM   1458 O OD1 A ASP A 1 172 ? 4.770   -5.791  -22.068 0.50 24.14 ? 172 ASP A OD1 1 
ATOM   1459 O OD1 B ASP A 1 172 ? 2.739   -9.408  -20.988 0.50 22.02 ? 172 ASP A OD1 1 
ATOM   1460 O OD2 A ASP A 1 172 ? 4.435   -7.499  -23.396 0.50 23.36 ? 172 ASP A OD2 1 
ATOM   1461 O OD2 B ASP A 1 172 ? 3.808   -9.105  -22.872 0.50 23.65 ? 172 ASP A OD2 1 
ATOM   1462 N N   . GLN A 1 173 ? 1.143   -6.815  -19.307 1.00 15.96 ? 173 GLN A N   1 
ATOM   1463 C CA  . GLN A 1 173 ? -0.228  -6.319  -19.439 1.00 16.38 ? 173 GLN A CA  1 
ATOM   1464 C C   . GLN A 1 173 ? -0.461  -5.191  -18.422 1.00 15.12 ? 173 GLN A C   1 
ATOM   1465 O O   . GLN A 1 173 ? -1.568  -4.987  -17.908 1.00 15.11 ? 173 GLN A O   1 
ATOM   1466 C CB  . GLN A 1 173 ? -1.223  -7.461  -19.249 1.00 16.51 ? 173 GLN A CB  1 
ATOM   1467 C CG  . GLN A 1 173 ? -1.086  -8.552  -20.347 1.00 19.95 ? 173 GLN A CG  1 
ATOM   1468 C CD  . GLN A 1 173 ? -1.953  -9.783  -20.094 1.00 20.69 ? 173 GLN A CD  1 
ATOM   1469 O OE1 . GLN A 1 173 ? -1.530  -10.745 -19.431 1.00 26.62 ? 173 GLN A OE1 1 
ATOM   1470 N NE2 . GLN A 1 173 ? -3.166  -9.766  -20.642 1.00 27.85 ? 173 GLN A NE2 1 
ATOM   1471 N N   . ALA A 1 174 ? 0.599   -4.435  -18.161 1.00 14.20 ? 174 ALA A N   1 
ATOM   1472 C CA  . ALA A 1 174 ? 0.543   -3.409  -17.129 1.00 14.38 ? 174 ALA A CA  1 
ATOM   1473 C C   . ALA A 1 174 ? -0.451  -2.318  -17.422 1.00 14.73 ? 174 ALA A C   1 
ATOM   1474 O O   . ALA A 1 174 ? -1.127  -1.845  -16.511 1.00 13.63 ? 174 ALA A O   1 
ATOM   1475 C CB  . ALA A 1 174 ? 1.939   -2.824  -16.867 1.00 14.91 ? 174 ALA A CB  1 
ATOM   1476 N N   . GLU A 1 175 ? -0.567  -1.915  -18.685 1.00 14.67 ? 175 GLU A N   1 
ATOM   1477 C CA  . GLU A 1 175 ? -1.537  -0.881  -19.073 1.00 15.02 ? 175 GLU A CA  1 
ATOM   1478 C C   . GLU A 1 175 ? -2.945  -1.327  -18.734 1.00 14.16 ? 175 GLU A C   1 
ATOM   1479 O O   . GLU A 1 175 ? -3.697  -0.588  -18.104 1.00 15.37 ? 175 GLU A O   1 
ATOM   1480 C CB  . GLU A 1 175 ? -1.431  -0.570  -20.572 1.00 15.62 ? 175 GLU A CB  1 
ATOM   1481 C CG  . GLU A 1 175 ? -0.110  0.128   -20.938 1.00 17.71 ? 175 GLU A CG  1 
ATOM   1482 C CD  . GLU A 1 175 ? 1.024   -0.851  -21.270 1.00 20.80 ? 175 GLU A CD  1 
ATOM   1483 O OE1 . GLU A 1 175 ? 0.877   -2.077  -21.031 1.00 20.26 ? 175 GLU A OE1 1 
ATOM   1484 O OE2 . GLU A 1 175 ? 2.073   -0.374  -21.782 1.00 23.79 ? 175 GLU A OE2 1 
ATOM   1485 N N   . GLU A 1 176 ? -3.301  -2.538  -19.127 1.00 14.33 ? 176 GLU A N   1 
ATOM   1486 C CA  . GLU A 1 176 ? -4.623  -3.075  -18.838 1.00 15.61 ? 176 GLU A CA  1 
ATOM   1487 C C   . GLU A 1 176 ? -4.863  -3.197  -17.324 1.00 13.92 ? 176 GLU A C   1 
ATOM   1488 O O   . GLU A 1 176 ? -5.961  -2.942  -16.828 1.00 14.01 ? 176 GLU A O   1 
ATOM   1489 C CB  . GLU A 1 176 ? -4.793  -4.434  -19.526 1.00 15.35 ? 176 GLU A CB  1 
ATOM   1490 C CG  . GLU A 1 176 ? -6.099  -5.146  -19.151 1.00 20.85 ? 176 GLU A CG  1 
ATOM   1491 C CD  . GLU A 1 176 ? -6.388  -6.419  -19.944 1.00 21.88 ? 176 GLU A CD  1 
ATOM   1492 O OE1 . GLU A 1 176 ? -5.563  -6.833  -20.796 1.00 27.24 ? 176 GLU A OE1 1 
ATOM   1493 O OE2 . GLU A 1 176 ? -7.483  -6.995  -19.712 1.00 29.44 ? 176 GLU A OE2 1 
ATOM   1494 N N   . TRP A 1 177 ? -3.822  -3.603  -16.602 1.00 13.43 ? 177 TRP A N   1 
ATOM   1495 C CA  . TRP A 1 177 ? -3.946  -3.794  -15.182 1.00 12.29 ? 177 TRP A CA  1 
ATOM   1496 C C   . TRP A 1 177 ? -4.239  -2.474  -14.500 1.00 11.71 ? 177 TRP A C   1 
ATOM   1497 O O   . TRP A 1 177 ? -5.157  -2.380  -13.654 1.00 12.27 ? 177 TRP A O   1 
ATOM   1498 C CB  . TRP A 1 177 ? -2.612  -4.350  -14.642 1.00 11.38 ? 177 TRP A CB  1 
ATOM   1499 C CG  . TRP A 1 177 ? -2.567  -4.668  -13.160 1.00 11.06 ? 177 TRP A CG  1 
ATOM   1500 C CD1 . TRP A 1 177 ? -3.631  -4.994  -12.336 1.00 12.14 ? 177 TRP A CD1 1 
ATOM   1501 C CD2 . TRP A 1 177 ? -1.395  -4.744  -12.352 1.00 11.78 ? 177 TRP A CD2 1 
ATOM   1502 N NE1 . TRP A 1 177 ? -3.175  -5.285  -11.074 1.00 12.05 ? 177 TRP A NE1 1 
ATOM   1503 C CE2 . TRP A 1 177 ? -1.805  -5.134  -11.057 1.00 11.56 ? 177 TRP A CE2 1 
ATOM   1504 C CE3 . TRP A 1 177 ? -0.018  -4.520  -12.602 1.00 11.45 ? 177 TRP A CE3 1 
ATOM   1505 C CZ2 . TRP A 1 177 ? -0.894  -5.316  -10.004 1.00 11.37 ? 177 TRP A CZ2 1 
ATOM   1506 C CZ3 . TRP A 1 177 ? 0.881   -4.702  -11.559 1.00 10.59 ? 177 TRP A CZ3 1 
ATOM   1507 C CH2 . TRP A 1 177 ? 0.445   -5.087  -10.283 1.00 11.54 ? 177 TRP A CH2 1 
ATOM   1508 N N   . LEU A 1 178 ? -3.426  -1.457  -14.796 1.00 12.97 ? 178 LEU A N   1 
ATOM   1509 C CA  . LEU A 1 178 ? -3.636  -0.185  -14.128 1.00 12.71 ? 178 LEU A CA  1 
ATOM   1510 C C   . LEU A 1 178 ? -5.001  0.434   -14.504 1.00 12.59 ? 178 LEU A C   1 
ATOM   1511 O O   . LEU A 1 178 ? -5.664  1.080   -13.674 1.00 13.76 ? 178 LEU A O   1 
ATOM   1512 C CB  . LEU A 1 178 ? -2.499  0.792   -14.406 1.00 13.26 ? 178 LEU A CB  1 
ATOM   1513 C CG  . LEU A 1 178 ? -1.096  0.435   -13.899 1.00 14.32 ? 178 LEU A CG  1 
ATOM   1514 C CD1 . LEU A 1 178 ? -0.114  1.610   -14.190 1.00 13.31 ? 178 LEU A CD1 1 
ATOM   1515 C CD2 . LEU A 1 178 ? -1.090  0.020   -12.390 1.00 15.84 ? 178 LEU A CD2 1 
ATOM   1516 N N   . THR A 1 179 ? -5.421  0.241   -15.753 1.00 13.72 ? 179 THR A N   1 
ATOM   1517 C CA  . THR A 1 179 ? -6.767  0.658   -16.167 1.00 14.09 ? 179 THR A CA  1 
ATOM   1518 C C   . THR A 1 179 ? -7.855  -0.023  -15.345 1.00 13.19 ? 179 THR A C   1 
ATOM   1519 O O   . THR A 1 179 ? -8.794  0.617   -14.891 1.00 13.52 ? 179 THR A O   1 
ATOM   1520 C CB  . THR A 1 179 ? -6.989  0.392   -17.665 1.00 15.03 ? 179 THR A CB  1 
ATOM   1521 O OG1 . THR A 1 179 ? -5.992  1.130   -18.409 1.00 16.06 ? 179 THR A OG1 1 
ATOM   1522 C CG2 . THR A 1 179 ? -8.413  0.831   -18.101 1.00 15.98 ? 179 THR A CG2 1 
ATOM   1523 N N   . PHE A 1 180 ? -7.669  -1.307  -15.084 1.00 11.90 ? 180 PHE A N   1 
ATOM   1524 C CA  . PHE A 1 180 ? -8.664  -2.037  -14.311 1.00 12.77 ? 180 PHE A CA  1 
ATOM   1525 C C   . PHE A 1 180 ? -8.787  -1.482  -12.899 1.00 11.99 ? 180 PHE A C   1 
ATOM   1526 O O   . PHE A 1 180 ? -9.884  -1.349  -12.349 1.00 12.78 ? 180 PHE A O   1 
ATOM   1527 C CB  . PHE A 1 180 ? -8.315  -3.525  -14.264 1.00 12.99 ? 180 PHE A CB  1 
ATOM   1528 C CG  . PHE A 1 180 ? -9.229  -4.315  -13.400 1.00 13.75 ? 180 PHE A CG  1 
ATOM   1529 C CD1 . PHE A 1 180 ? -10.439 -4.784  -13.915 1.00 14.94 ? 180 PHE A CD1 1 
ATOM   1530 C CD2 . PHE A 1 180 ? -8.899  -4.598  -12.061 1.00 13.77 ? 180 PHE A CD2 1 
ATOM   1531 C CE1 . PHE A 1 180 ? -11.313 -5.491  -13.113 1.00 16.61 ? 180 PHE A CE1 1 
ATOM   1532 C CE2 . PHE A 1 180 ? -9.762  -5.326  -11.265 1.00 15.45 ? 180 PHE A CE2 1 
ATOM   1533 C CZ  . PHE A 1 180 ? -10.970 -5.779  -11.791 1.00 15.48 ? 180 PHE A CZ  1 
ATOM   1534 N N   . ILE A 1 181 ? -7.646  -1.186  -12.283 1.00 12.73 ? 181 ILE A N   1 
ATOM   1535 C CA  . ILE A 1 181 ? -7.675  -0.666  -10.915 1.00 13.37 ? 181 ILE A CA  1 
ATOM   1536 C C   . ILE A 1 181 ? -8.395  0.667   -10.848 1.00 14.23 ? 181 ILE A C   1 
ATOM   1537 O O   . ILE A 1 181 ? -9.301  0.870   -10.011 1.00 15.00 ? 181 ILE A O   1 
ATOM   1538 C CB  . ILE A 1 181 ? -6.244  -0.577  -10.368 1.00 12.31 ? 181 ILE A CB  1 
ATOM   1539 C CG1 . ILE A 1 181 ? -5.647  -1.971  -10.259 1.00 13.61 ? 181 ILE A CG1 1 
ATOM   1540 C CG2 . ILE A 1 181 ? -6.236  0.094   -8.988  1.00 14.16 ? 181 ILE A CG2 1 
ATOM   1541 C CD1 . ILE A 1 181 ? -4.156  -1.990  -9.847  1.00 14.27 ? 181 ILE A CD1 1 
ATOM   1542 N N   . GLU A 1 182 ? -8.025  1.551   -11.762 1.00 15.06 ? 182 GLU A N   1 
ATOM   1543 C CA  . GLU A 1 182 ? -8.654  2.856   -11.846 1.00 16.24 ? 182 GLU A CA  1 
ATOM   1544 C C   . GLU A 1 182 ? -10.149 2.699   -12.055 1.00 16.57 ? 182 GLU A C   1 
ATOM   1545 O O   . GLU A 1 182 ? -10.922 3.307   -11.322 1.00 17.65 ? 182 GLU A O   1 
ATOM   1546 C CB  . GLU A 1 182 ? -8.004  3.701   -12.941 1.00 16.88 ? 182 GLU A CB  1 
ATOM   1547 C CG  . GLU A 1 182 ? -8.637  5.076   -13.107 1.00 21.45 ? 182 GLU A CG  1 
ATOM   1548 C CD  . GLU A 1 182 ? -8.451  6.025   -11.917 1.00 27.65 ? 182 GLU A CD  1 
ATOM   1549 O OE1 . GLU A 1 182 ? -7.593  5.794   -11.035 1.00 26.70 ? 182 GLU A OE1 1 
ATOM   1550 O OE2 . GLU A 1 182 ? -9.185  7.037   -11.863 1.00 30.58 ? 182 GLU A OE2 1 
ATOM   1551 N N   . TYR A 1 183 ? -10.542 1.854   -13.009 1.00 16.31 ? 183 TYR A N   1 
ATOM   1552 C CA  . TYR A 1 183 ? -11.959 1.689   -13.360 1.00 17.63 ? 183 TYR A CA  1 
ATOM   1553 C C   . TYR A 1 183 ? -12.762 1.204   -12.166 1.00 20.03 ? 183 TYR A C   1 
ATOM   1554 O O   . TYR A 1 183 ? -13.862 1.698   -11.904 1.00 20.30 ? 183 TYR A O   1 
ATOM   1555 C CB  . TYR A 1 183 ? -12.072 0.694   -14.501 1.00 16.26 ? 183 TYR A CB  1 
ATOM   1556 C CG  . TYR A 1 183 ? -13.495 0.534   -15.027 1.00 13.85 ? 183 TYR A CG  1 
ATOM   1557 C CD1 . TYR A 1 183 ? -13.996 1.436   -15.956 1.00 14.14 ? 183 TYR A CD1 1 
ATOM   1558 C CD2 . TYR A 1 183 ? -14.304 -0.519  -14.626 1.00 15.05 ? 183 TYR A CD2 1 
ATOM   1559 C CE1 . TYR A 1 183 ? -15.276 1.326   -16.439 1.00 15.29 ? 183 TYR A CE1 1 
ATOM   1560 C CE2 . TYR A 1 183 ? -15.598 -0.645  -15.104 1.00 16.00 ? 183 TYR A CE2 1 
ATOM   1561 C CZ  . TYR A 1 183 ? -16.067 0.278   -16.020 1.00 15.89 ? 183 TYR A CZ  1 
ATOM   1562 O OH  . TYR A 1 183 ? -17.337 0.184   -16.536 1.00 15.45 ? 183 TYR A OH  1 
ATOM   1563 N N   . ASN A 1 184 ? -12.214 0.212   -11.468 1.00 22.12 ? 184 ASN A N   1 
ATOM   1564 C CA  A ASN A 1 184 ? -12.865 -0.314  -10.267 0.50 24.39 ? 184 ASN A CA  1 
ATOM   1565 C CA  B ASN A 1 184 ? -12.831 -0.353  -10.253 0.50 24.48 ? 184 ASN A CA  1 
ATOM   1566 C C   . ASN A 1 184 ? -12.912 0.691   -9.124  1.00 25.51 ? 184 ASN A C   1 
ATOM   1567 O O   . ASN A 1 184 ? -13.922 0.773   -8.405  1.00 27.98 ? 184 ASN A O   1 
ATOM   1568 C CB  A ASN A 1 184 ? -12.217 -1.620  -9.843  0.50 24.58 ? 184 ASN A CB  1 
ATOM   1569 C CB  B ASN A 1 184 ? -12.048 -1.603  -9.823  0.50 24.79 ? 184 ASN A CB  1 
ATOM   1570 C CG  A ASN A 1 184 ? -12.606 -2.773  -10.736 0.50 24.35 ? 184 ASN A CG  1 
ATOM   1571 C CG  B ASN A 1 184 ? -12.895 -2.613  -9.039  0.50 25.07 ? 184 ASN A CG  1 
ATOM   1572 O OD1 A ASN A 1 184 ? -12.699 -2.631  -11.953 0.50 25.56 ? 184 ASN A OD1 1 
ATOM   1573 O OD1 B ASN A 1 184 ? -13.811 -3.240  -9.578  0.50 26.48 ? 184 ASN A OD1 1 
ATOM   1574 N ND2 A ASN A 1 184 ? -12.837 -3.937  -10.130 0.50 27.61 ? 184 ASN A ND2 1 
ATOM   1575 N ND2 B ASN A 1 184 ? -12.566 -2.787  -7.769  0.50 27.01 ? 184 ASN A ND2 1 
ATOM   1576 N N   . LEU A 1 185 ? -11.861 1.493   -8.970  1.00 26.77 ? 185 LEU A N   1 
ATOM   1577 C CA  . LEU A 1 185 ? -11.783 2.510   -7.904  1.00 27.77 ? 185 LEU A CA  1 
ATOM   1578 C C   . LEU A 1 185 ? -11.883 3.960   -8.455  1.00 28.89 ? 185 LEU A C   1 
ATOM   1579 O O   . LEU A 1 185 ? -12.989 4.449   -8.711  0.50 29.60 ? 185 LEU A O   1 
ATOM   1580 C CB  . LEU A 1 185 ? -10.541 2.294   -7.010  1.00 26.17 ? 185 LEU A CB  1 
ATOM   1581 C CG  . LEU A 1 185 ? -10.243 0.943   -6.330  1.00 25.12 ? 185 LEU A CG  1 
ATOM   1582 C CD1 . LEU A 1 185 ? -8.818  0.943   -5.805  1.00 22.90 ? 185 LEU A CD1 1 
ATOM   1583 C CD2 . LEU A 1 185 ? -11.211 0.579   -5.191  1.00 27.40 ? 185 LEU A CD2 1 
ATOM   1584 N N   . LYS A 1 186 ? -10.749 4.635   -8.650  0.50 29.17 ? 186 LYS A N   1 
ATOM   1585 C CA  . LYS A 1 186 ? -10.696 5.989   -9.228  0.50 29.47 ? 186 LYS A CA  1 
ATOM   1586 C C   . LYS A 1 186 ? -9.876  6.989   -8.383  0.50 29.73 ? 186 LYS A C   1 
ATOM   1587 O O   . LYS A 1 186 ? -10.316 7.540   -7.374  0.50 30.26 ? 186 LYS A O   1 
ATOM   1588 C CB  . LYS A 1 186 ? -12.094 6.564   -9.515  0.50 29.07 ? 186 LYS A CB  1 
ATOM   1589 C CG  . LYS A 1 186 ? -12.664 6.319   -10.904 0.50 27.41 ? 186 LYS A CG  1 
ATOM   1590 C CD  . LYS A 1 186 ? -13.848 5.376   -10.852 0.50 23.98 ? 186 LYS A CD  1 
ATOM   1591 C CE  . LYS A 1 186 ? -15.033 5.888   -11.665 0.50 22.76 ? 186 LYS A CE  1 
ATOM   1592 N NZ  . LYS A 1 186 ? -15.083 5.293   -13.038 0.50 21.50 ? 186 LYS A NZ  1 
HETATM 1593 S S   . SO4 B 2 .   ? 14.821  7.682   7.684   1.00 48.99 ? 193 SO4 A S   1 
HETATM 1594 O O1  . SO4 B 2 .   ? 14.500  8.085   6.312   1.00 47.79 ? 193 SO4 A O1  1 
HETATM 1595 O O2  . SO4 B 2 .   ? 16.150  7.056   7.757   1.00 47.47 ? 193 SO4 A O2  1 
HETATM 1596 O O3  . SO4 B 2 .   ? 13.793  6.707   8.076   1.00 46.61 ? 193 SO4 A O3  1 
HETATM 1597 O O4  . SO4 B 2 .   ? 14.770  8.878   8.549   1.00 45.90 ? 193 SO4 A O4  1 
HETATM 1598 S S   . SO4 C 2 .   ? 15.113  -0.590  2.177   1.00 21.27 ? 194 SO4 A S   1 
HETATM 1599 O O1  . SO4 C 2 .   ? 15.144  -2.059  2.122   1.00 21.15 ? 194 SO4 A O1  1 
HETATM 1600 O O2  . SO4 C 2 .   ? 15.675  -0.072  0.921   1.00 23.83 ? 194 SO4 A O2  1 
HETATM 1601 O O3  . SO4 C 2 .   ? 15.896  -0.133  3.331   1.00 20.92 ? 194 SO4 A O3  1 
HETATM 1602 O O4  . SO4 C 2 .   ? 13.718  -0.161  2.316   1.00 23.31 ? 194 SO4 A O4  1 
HETATM 1603 C C1  . GOL D 3 .   ? 1.346   0.358   16.678  1.00 44.15 ? 195 GOL A C1  1 
HETATM 1604 O O1  . GOL D 3 .   ? 1.796   1.500   17.377  1.00 46.40 ? 195 GOL A O1  1 
HETATM 1605 C C2  . GOL D 3 .   ? 1.182   -0.774  17.682  1.00 43.87 ? 195 GOL A C2  1 
HETATM 1606 O O2  . GOL D 3 .   ? 0.096   -1.591  17.310  1.00 42.90 ? 195 GOL A O2  1 
HETATM 1607 C C3  . GOL D 3 .   ? 2.490   -1.572  17.785  1.00 44.62 ? 195 GOL A C3  1 
HETATM 1608 O O3  . GOL D 3 .   ? 2.270   -2.963  17.877  1.00 40.72 ? 195 GOL A O3  1 
HETATM 1609 O O   . HOH E 4 .   ? 6.833   7.950   2.191   1.00 16.14 ? 196 HOH A O   1 
HETATM 1610 O O   . HOH E 4 .   ? -17.576 1.725   -18.619 1.00 14.65 ? 197 HOH A O   1 
HETATM 1611 O O   . HOH E 4 .   ? 1.861   -7.897  -8.331  1.00 12.54 ? 198 HOH A O   1 
HETATM 1612 O O   . HOH E 4 .   ? -6.307  -2.448  9.987   1.00 14.85 ? 199 HOH A O   1 
HETATM 1613 O O   . HOH E 4 .   ? 6.938   -5.030  0.042   1.00 14.28 ? 200 HOH A O   1 
HETATM 1614 O O   . HOH E 4 .   ? 6.087   19.390  9.662   1.00 17.69 ? 201 HOH A O   1 
HETATM 1615 O O   . HOH E 4 .   ? -3.120  1.827   -9.432  1.00 14.10 ? 202 HOH A O   1 
HETATM 1616 O O   . HOH E 4 .   ? -7.976  -12.232 8.321   1.00 20.11 ? 203 HOH A O   1 
HETATM 1617 O O   . HOH E 4 .   ? 7.291   -2.367  9.371   1.00 14.41 ? 204 HOH A O   1 
HETATM 1618 O O   . HOH E 4 .   ? 2.395   -5.511  -14.820 1.00 14.62 ? 205 HOH A O   1 
HETATM 1619 O O   . HOH E 4 .   ? 8.185   8.675   9.392   1.00 18.01 ? 206 HOH A O   1 
HETATM 1620 O O   . HOH E 4 .   ? -0.940  -12.717 9.296   1.00 17.64 ? 207 HOH A O   1 
HETATM 1621 O O   . HOH E 4 .   ? -0.103  -6.973  -14.830 1.00 15.28 ? 208 HOH A O   1 
HETATM 1622 O O   . HOH E 4 .   ? 4.371   8.403   -5.779  1.00 17.95 ? 209 HOH A O   1 
HETATM 1623 O O   . HOH E 4 .   ? 8.067   5.681   3.182   1.00 16.84 ? 210 HOH A O   1 
HETATM 1624 O O   . HOH E 4 .   ? 9.959   -8.094  -10.003 1.00 18.30 ? 211 HOH A O   1 
HETATM 1625 O O   . HOH E 4 .   ? 8.871   -8.300  8.312   1.00 18.90 ? 212 HOH A O   1 
HETATM 1626 O O   . HOH E 4 .   ? 10.269  -8.197  4.919   1.00 17.51 ? 213 HOH A O   1 
HETATM 1627 O O   . HOH E 4 .   ? -4.213  2.530   -11.759 1.00 17.46 ? 214 HOH A O   1 
HETATM 1628 O O   . HOH E 4 .   ? 9.891   3.474   6.758   1.00 19.22 ? 215 HOH A O   1 
HETATM 1629 O O   A HOH E 4 .   ? -21.693 6.174   3.281   1.00 16.05 ? 216 HOH A O   1 
HETATM 1630 O O   . HOH E 4 .   ? -13.140 0.245   11.418  1.00 19.82 ? 217 HOH A O   1 
HETATM 1631 O O   . HOH E 4 .   ? 5.613   -9.689  -8.532  1.00 18.30 ? 218 HOH A O   1 
HETATM 1632 O O   . HOH E 4 .   ? -2.630  2.183   -17.847 1.00 21.47 ? 219 HOH A O   1 
HETATM 1633 O O   . HOH E 4 .   ? -2.043  -4.039  -21.310 1.00 20.01 ? 220 HOH A O   1 
HETATM 1634 O O   . HOH E 4 .   ? 8.007   9.145   -0.007  1.00 18.89 ? 221 HOH A O   1 
HETATM 1635 O O   . HOH E 4 .   ? -1.549  -17.248 6.203   1.00 23.53 ? 222 HOH A O   1 
HETATM 1636 O O   . HOH E 4 .   ? -5.273  6.381   13.545  1.00 19.68 ? 223 HOH A O   1 
HETATM 1637 O O   . HOH E 4 .   ? -3.398  10.199  -6.311  1.00 25.15 ? 224 HOH A O   1 
HETATM 1638 O O   . HOH E 4 .   ? -1.277  6.374   -11.705 1.00 18.64 ? 225 HOH A O   1 
HETATM 1639 O O   . HOH E 4 .   ? -17.277 -2.488  -17.685 1.00 21.27 ? 226 HOH A O   1 
HETATM 1640 O O   . HOH E 4 .   ? 4.690   7.772   -11.319 1.00 25.57 ? 227 HOH A O   1 
HETATM 1641 O O   . HOH E 4 .   ? 10.058  -2.482  -15.576 1.00 20.02 ? 228 HOH A O   1 
HETATM 1642 O O   . HOH E 4 .   ? 10.133  -10.204 6.663   1.00 21.37 ? 229 HOH A O   1 
HETATM 1643 O O   . HOH E 4 .   ? 8.165   6.123   18.130  1.00 27.98 ? 230 HOH A O   1 
HETATM 1644 O O   . HOH E 4 .   ? -1.986  -15.406 8.867   1.00 24.82 ? 231 HOH A O   1 
HETATM 1645 O O   . HOH E 4 .   ? -12.757 12.388  10.428  1.00 22.40 ? 232 HOH A O   1 
HETATM 1646 O O   . HOH E 4 .   ? 9.711   -15.867 -0.391  1.00 24.29 ? 233 HOH A O   1 
HETATM 1647 O O   . HOH E 4 .   ? -15.174 -4.644  5.469   1.00 22.37 ? 234 HOH A O   1 
HETATM 1648 O O   . HOH E 4 .   ? -14.826 -2.274  12.517  1.00 29.32 ? 235 HOH A O   1 
HETATM 1649 O O   . HOH E 4 .   ? -6.341  3.683   -19.006 1.00 24.47 ? 236 HOH A O   1 
HETATM 1650 O O   . HOH E 4 .   ? 4.320   5.331   -16.852 1.00 28.63 ? 237 HOH A O   1 
HETATM 1651 O O   . HOH E 4 .   ? -6.046  -11.999 -8.832  1.00 21.63 ? 238 HOH A O   1 
HETATM 1652 O O   . HOH E 4 .   ? -0.158  -15.196 -11.715 1.00 28.40 ? 239 HOH A O   1 
HETATM 1653 O O   . HOH E 4 .   ? 5.983   -10.968 11.516  1.00 29.07 ? 240 HOH A O   1 
HETATM 1654 O O   . HOH E 4 .   ? 8.372   -9.857  -8.828  1.00 22.74 ? 241 HOH A O   1 
HETATM 1655 O O   . HOH E 4 .   ? 11.664  -7.740  8.719   1.00 24.49 ? 242 HOH A O   1 
HETATM 1656 O O   . HOH E 4 .   ? -11.254 -11.822 -4.660  1.00 26.21 ? 243 HOH A O   1 
HETATM 1657 O O   . HOH E 4 .   ? 0.134   16.777  0.019   1.00 23.32 ? 244 HOH A O   1 
HETATM 1658 O O   . HOH E 4 .   ? 3.211   -3.578  -20.365 1.00 25.16 ? 245 HOH A O   1 
HETATM 1659 O O   . HOH E 4 .   ? 8.906   -7.112  -15.440 1.00 25.45 ? 246 HOH A O   1 
HETATM 1660 O O   . HOH E 4 .   ? 19.478  4.205   6.887   1.00 22.90 ? 247 HOH A O   1 
HETATM 1661 O O   . HOH E 4 .   ? -7.352  -9.941  12.249  1.00 24.87 ? 248 HOH A O   1 
HETATM 1662 O O   . HOH E 4 .   ? -3.497  21.384  0.442   1.00 29.22 ? 249 HOH A O   1 
HETATM 1663 O O   . HOH E 4 .   ? 0.770   -14.318 -0.729  1.00 18.43 ? 250 HOH A O   1 
HETATM 1664 O O   . HOH E 4 .   ? -18.944 5.182   9.342   1.00 22.42 ? 251 HOH A O   1 
HETATM 1665 O O   . HOH E 4 .   ? 9.798   14.295  9.804   1.00 24.64 ? 252 HOH A O   1 
HETATM 1666 O O   . HOH E 4 .   ? 14.893  -0.587  -7.580  1.00 26.83 ? 253 HOH A O   1 
HETATM 1667 O O   . HOH E 4 .   ? 9.648   12.053  -8.088  1.00 29.49 ? 254 HOH A O   1 
HETATM 1668 O O   . HOH E 4 .   ? 7.591   20.535  11.663  1.00 23.40 ? 255 HOH A O   1 
HETATM 1669 O O   . HOH E 4 .   ? 0.129   -4.174  17.249  1.00 25.70 ? 256 HOH A O   1 
HETATM 1670 O O   . HOH E 4 .   ? -11.774 16.247  7.887   1.00 27.97 ? 257 HOH A O   1 
HETATM 1671 O O   . HOH E 4 .   ? -4.372  -17.656 4.751   1.00 27.22 ? 258 HOH A O   1 
HETATM 1672 O O   . HOH E 4 .   ? -9.418  -5.805  -17.817 1.00 31.01 ? 259 HOH A O   1 
HETATM 1673 O O   . HOH E 4 .   ? -3.482  4.032   -15.955 1.00 28.85 ? 260 HOH A O   1 
HETATM 1674 O O   . HOH E 4 .   ? -9.587  -11.020 10.304  1.00 22.41 ? 261 HOH A O   1 
HETATM 1675 O O   . HOH E 4 .   ? 14.614  -0.333  -4.293  1.00 26.91 ? 262 HOH A O   1 
HETATM 1676 O O   . HOH E 4 .   ? -6.127  7.695   -9.245  1.00 33.74 ? 263 HOH A O   1 
HETATM 1677 O O   . HOH E 4 .   ? -2.816  4.419   -13.081 1.00 29.62 ? 264 HOH A O   1 
HETATM 1678 O O   . HOH E 4 .   ? 12.090  8.341   -2.659  1.00 30.45 ? 265 HOH A O   1 
HETATM 1679 O O   . HOH E 4 .   ? 7.289   20.865  2.280   1.00 30.60 ? 266 HOH A O   1 
HETATM 1680 O O   . HOH E 4 .   ? -8.490  -3.078  -18.071 1.00 24.13 ? 267 HOH A O   1 
HETATM 1681 O O   A HOH E 4 .   ? 2.950   -12.676 -12.755 0.60 25.67 ? 268 HOH A O   1 
HETATM 1682 O O   . HOH E 4 .   ? -9.967  -9.704  -10.655 1.00 31.71 ? 269 HOH A O   1 
HETATM 1683 O O   . HOH E 4 .   ? 11.936  3.603   5.063   1.00 73.74 ? 270 HOH A O   1 
HETATM 1684 O O   . HOH E 4 .   ? -17.171 2.066   11.967  1.00 25.40 ? 271 HOH A O   1 
HETATM 1685 O O   . HOH E 4 .   ? -6.616  18.895  4.063   1.00 26.94 ? 272 HOH A O   1 
HETATM 1686 O O   . HOH E 4 .   ? 13.809  11.912  8.899   1.00 40.26 ? 273 HOH A O   1 
HETATM 1687 O O   A HOH E 4 .   ? -16.595 1.477   -11.239 0.50 30.33 ? 274 HOH A O   1 
HETATM 1688 O O   . HOH E 4 .   ? 10.289  -14.587 -8.852  1.00 37.33 ? 275 HOH A O   1 
HETATM 1689 O O   . HOH E 4 .   ? 6.224   -18.807 0.796   1.00 30.19 ? 276 HOH A O   1 
HETATM 1690 O O   . HOH E 4 .   ? 6.862   19.408  -1.166  1.00 32.78 ? 277 HOH A O   1 
HETATM 1691 O O   . HOH E 4 .   ? -5.904  18.316  6.626   1.00 31.96 ? 278 HOH A O   1 
HETATM 1692 O O   . HOH E 4 .   ? 12.764  -7.615  5.937   1.00 23.45 ? 279 HOH A O   1 
HETATM 1693 O O   . HOH E 4 .   ? -1.420  -15.091 -2.344  1.00 30.70 ? 280 HOH A O   1 
HETATM 1694 O O   . HOH E 4 .   ? 16.712  4.358   7.591   1.00 25.23 ? 281 HOH A O   1 
HETATM 1695 O O   . HOH E 4 .   ? -7.171  16.562  8.246   1.00 29.88 ? 282 HOH A O   1 
HETATM 1696 O O   . HOH E 4 .   ? 8.549   15.676  12.041  1.00 33.36 ? 283 HOH A O   1 
HETATM 1697 O O   . HOH E 4 .   ? -6.913  5.246   15.539  1.00 28.66 ? 284 HOH A O   1 
HETATM 1698 O O   . HOH E 4 .   ? 0.290   -4.297  -22.622 1.00 33.43 ? 285 HOH A O   1 
HETATM 1699 O O   . HOH E 4 .   ? -11.104 -13.337 2.228   1.00 28.65 ? 286 HOH A O   1 
HETATM 1700 O O   . HOH E 4 .   ? 0.506   -13.705 11.517  1.00 34.24 ? 287 HOH A O   1 
HETATM 1701 O O   . HOH E 4 .   ? 6.898   4.139   16.088  1.00 26.47 ? 288 HOH A O   1 
HETATM 1702 O O   . HOH E 4 .   ? -1.803  8.986   -12.215 1.00 33.84 ? 289 HOH A O   1 
HETATM 1703 O O   . HOH E 4 .   ? -3.234  -6.546  -21.851 1.00 41.82 ? 290 HOH A O   1 
HETATM 1704 O O   . HOH E 4 .   ? 5.445   -19.008 10.133  1.00 33.73 ? 291 HOH A O   1 
HETATM 1705 O O   . HOH E 4 .   ? -10.592 2.314   15.255  1.00 41.18 ? 292 HOH A O   1 
HETATM 1706 O O   . HOH E 4 .   ? 9.656   5.323   0.134   1.00 28.89 ? 293 HOH A O   1 
HETATM 1707 O O   . HOH E 4 .   ? -17.545 -6.058  5.444   1.00 39.43 ? 294 HOH A O   1 
HETATM 1708 O O   . HOH E 4 .   ? -9.200  -14.523 4.552   1.00 30.33 ? 295 HOH A O   1 
HETATM 1709 O O   . HOH E 4 .   ? 4.791   -15.221 4.573   1.00 31.03 ? 296 HOH A O   1 
HETATM 1710 O O   . HOH E 4 .   ? 10.325  -0.025  -0.649  1.00 38.85 ? 297 HOH A O   1 
HETATM 1711 O O   . HOH E 4 .   ? -14.558 -3.814  -13.261 1.00 34.07 ? 298 HOH A O   1 
HETATM 1712 O O   . HOH E 4 .   ? -10.586 -18.274 11.925  1.00 33.24 ? 299 HOH A O   1 
HETATM 1713 O O   . HOH E 4 .   ? 5.137   10.127  20.775  1.00 44.72 ? 300 HOH A O   1 
HETATM 1714 O O   . HOH E 4 .   ? 9.022   17.986  20.905  1.00 34.04 ? 301 HOH A O   1 
HETATM 1715 O O   . HOH E 4 .   ? 0.069   -6.561  18.957  1.00 44.94 ? 302 HOH A O   1 
HETATM 1716 O O   . HOH E 4 .   ? -13.381 16.060  3.356   1.00 38.08 ? 303 HOH A O   1 
HETATM 1717 O O   . HOH E 4 .   ? 11.235  10.016  -12.540 1.00 36.92 ? 304 HOH A O   1 
HETATM 1718 O O   . HOH E 4 .   ? -0.985  -14.508 -5.294  1.00 35.78 ? 305 HOH A O   1 
HETATM 1719 O O   . HOH E 4 .   ? -3.701  -16.138 12.792  1.00 41.27 ? 306 HOH A O   1 
HETATM 1720 O O   . HOH E 4 .   ? -9.840  -3.198  16.619  1.00 34.85 ? 307 HOH A O   1 
HETATM 1721 O O   . HOH E 4 .   ? -21.390 -4.004  9.737   1.00 37.19 ? 308 HOH A O   1 
HETATM 1722 O O   . HOH E 4 .   ? -11.320 -2.491  -16.991 1.00 36.24 ? 309 HOH A O   1 
HETATM 1723 O O   . HOH E 4 .   ? -8.907  8.852   15.209  1.00 38.57 ? 310 HOH A O   1 
HETATM 1724 O O   . HOH E 4 .   ? -15.459 -11.323 2.926   1.00 38.14 ? 311 HOH A O   1 
HETATM 1725 O O   . HOH E 4 .   ? 15.093  -6.634  2.642   1.00 36.18 ? 312 HOH A O   1 
HETATM 1726 O O   . HOH E 4 .   ? -6.199  -16.947 -0.625  1.00 39.37 ? 313 HOH A O   1 
HETATM 1727 O O   . HOH E 4 .   ? -6.505  0.407   16.513  1.00 32.80 ? 314 HOH A O   1 
HETATM 1728 O O   . HOH E 4 .   ? -15.741 -1.973  5.929   1.00 32.90 ? 315 HOH A O   1 
HETATM 1729 O O   . HOH E 4 .   ? 14.401  -7.236  -5.340  1.00 37.15 ? 316 HOH A O   1 
HETATM 1730 O O   . HOH E 4 .   ? 18.089  9.042   -9.995  1.00 35.26 ? 317 HOH A O   1 
HETATM 1731 O O   . HOH E 4 .   ? 10.761  3.757   2.505   1.00 31.90 ? 318 HOH A O   1 
HETATM 1732 O O   . HOH E 4 .   ? -17.767 -8.666  5.430   1.00 31.94 ? 319 HOH A O   1 
HETATM 1733 O O   . HOH E 4 .   ? 8.000   1.806   15.532  1.00 32.02 ? 320 HOH A O   1 
HETATM 1734 O O   . HOH E 4 .   ? 9.223   -0.552  -18.869 1.00 42.76 ? 321 HOH A O   1 
HETATM 1735 O O   . HOH E 4 .   ? -13.308 -3.188  -18.518 1.00 33.06 ? 322 HOH A O   1 
HETATM 1736 O O   . HOH E 4 .   ? 11.334  6.479   6.913   1.00 37.45 ? 323 HOH A O   1 
HETATM 1737 O O   . HOH E 4 .   ? 8.771   2.702   0.510   1.00 47.39 ? 324 HOH A O   1 
HETATM 1738 O O   . HOH E 4 .   ? 15.349  3.362   5.354   1.00 30.27 ? 325 HOH A O   1 
HETATM 1739 O O   . HOH E 4 .   ? 0.684   6.211   16.820  1.00 36.96 ? 326 HOH A O   1 
HETATM 1740 O O   . HOH E 4 .   ? 0.635   8.514   15.696  1.00 31.51 ? 327 HOH A O   1 
HETATM 1741 O O   . HOH E 4 .   ? -4.713  -16.472 -12.944 1.00 48.65 ? 328 HOH A O   1 
HETATM 1742 O O   . HOH E 4 .   ? -4.867  15.100  10.658  1.00 34.06 ? 329 HOH A O   1 
HETATM 1743 O O   . HOH E 4 .   ? -5.159  -14.551 -7.456  1.00 39.80 ? 330 HOH A O   1 
HETATM 1744 O O   . HOH E 4 .   ? -6.919  -4.377  16.224  1.00 32.89 ? 331 HOH A O   1 
HETATM 1745 O O   . HOH E 4 .   ? -12.123 -2.610  13.592  1.00 28.52 ? 332 HOH A O   1 
HETATM 1746 O O   . HOH E 4 .   ? -10.335 9.880   -3.926  1.00 31.22 ? 333 HOH A O   1 
HETATM 1747 O O   . HOH E 4 .   ? 11.233  1.044   4.909   1.00 32.99 ? 334 HOH A O   1 
HETATM 1748 O O   . HOH E 4 .   ? 1.599   18.877  -3.284  1.00 35.48 ? 335 HOH A O   1 
HETATM 1749 O O   . HOH E 4 .   ? -1.851  -13.106 -19.330 1.00 47.10 ? 336 HOH A O   1 
HETATM 1750 O O   . HOH E 4 .   ? 8.856   -18.098 10.197  1.00 36.42 ? 337 HOH A O   1 
HETATM 1751 O O   . HOH E 4 .   ? 16.302  2.414   13.659  1.00 44.30 ? 338 HOH A O   1 
HETATM 1752 O O   . HOH E 4 .   ? -6.759  -12.443 -18.889 1.00 34.38 ? 339 HOH A O   1 
HETATM 1753 O O   . HOH E 4 .   ? -9.910  14.234  0.964   1.00 37.99 ? 340 HOH A O   1 
HETATM 1754 O O   . HOH E 4 .   ? 2.156   13.511  -10.254 1.00 35.59 ? 341 HOH A O   1 
HETATM 1755 O O   . HOH E 4 .   ? -0.633  -19.403 4.314   1.00 48.79 ? 342 HOH A O   1 
HETATM 1756 O O   . HOH E 4 .   ? 13.749  1.094   -17.061 1.00 38.14 ? 343 HOH A O   1 
HETATM 1757 O O   . HOH E 4 .   ? 15.694  0.664   -12.448 1.00 38.43 ? 344 HOH A O   1 
HETATM 1758 O O   . HOH E 4 .   ? 10.982  0.543   13.815  1.00 35.26 ? 345 HOH A O   1 
HETATM 1759 O O   . HOH E 4 .   ? 1.134   26.033  8.985   1.00 33.79 ? 346 HOH A O   1 
HETATM 1760 O O   . HOH E 4 .   ? 11.053  8.669   19.322  1.00 30.68 ? 347 HOH A O   1 
HETATM 1761 O O   . HOH E 4 .   ? 5.995   23.932  4.602   1.00 31.53 ? 348 HOH A O   1 
HETATM 1762 O O   . HOH E 4 .   ? -8.967  9.981   13.076  1.00 28.91 ? 349 HOH A O   1 
HETATM 1763 O O   . HOH E 4 .   ? 13.823  1.042   5.343   1.00 25.97 ? 350 HOH A O   1 
HETATM 1764 O O   B HOH E 4 .   ? 2.045   -13.935 -12.132 0.40 28.66 ? 351 HOH A O   1 
HETATM 1765 O O   C HOH E 4 .   ? 1.792   -11.491 -13.547 0.40 27.12 ? 352 HOH A O   1 
HETATM 1766 O O   . HOH E 4 .   ? 13.678  -6.512  -7.950  1.00 29.66 ? 353 HOH A O   1 
HETATM 1767 O O   B HOH E 4 .   ? 6.515   -5.841  16.524  0.50 37.15 ? 354 HOH A O   1 
# 
loop_
_pdbx_poly_seq_scheme.asym_id 
_pdbx_poly_seq_scheme.entity_id 
_pdbx_poly_seq_scheme.seq_id 
_pdbx_poly_seq_scheme.mon_id 
_pdbx_poly_seq_scheme.ndb_seq_num 
_pdbx_poly_seq_scheme.pdb_seq_num 
_pdbx_poly_seq_scheme.auth_seq_num 
_pdbx_poly_seq_scheme.pdb_mon_id 
_pdbx_poly_seq_scheme.auth_mon_id 
_pdbx_poly_seq_scheme.pdb_strand_id 
_pdbx_poly_seq_scheme.pdb_ins_code 
_pdbx_poly_seq_scheme.hetero 
A 1 1   MET 1   1   1   MET MET A . n 
A 1 2   GLN 2   2   2   GLN GLN A . n 
A 1 3   ASP 3   3   3   ASP ASP A . n 
A 1 4   ILE 4   4   4   ILE ILE A . n 
A 1 5   LEU 5   5   5   LEU LEU A . n 
A 1 6   ASP 6   6   6   ASP ASP A . n 
A 1 7   PHE 7   7   7   PHE PHE A . n 
A 1 8   TYR 8   8   8   TYR TYR A . n 
A 1 9   GLU 9   9   9   GLU GLU A . n 
A 1 10  GLU 10  10  10  GLU GLU A . n 
A 1 11  VAL 11  11  11  VAL VAL A . n 
A 1 12  GLU 12  12  12  GLU GLU A . n 
A 1 13  LYS 13  13  13  LYS LYS A . n 
A 1 14  THR 14  14  14  THR THR A . n 
A 1 15  ILE 15  15  15  ILE ILE A . n 
A 1 16  ASN 16  16  16  ASN ASN A . n 
A 1 17  PRO 17  17  17  PRO PRO A . n 
A 1 18  PRO 18  18  18  PRO PRO A . n 
A 1 19  ASN 19  19  19  ASN ASN A . n 
A 1 20  TYR 20  20  20  TYR TYR A . n 
A 1 21  PHE 21  21  21  PHE PHE A . n 
A 1 22  GLU 22  22  22  GLU GLU A . n 
A 1 23  TRP 23  23  23  TRP TRP A . n 
A 1 24  ASN 24  24  24  ASN ASN A . n 
A 1 25  THR 25  25  25  THR THR A . n 
A 1 26  TYR 26  26  26  TYR TYR A . n 
A 1 27  ARG 27  27  27  ARG ARG A . n 
A 1 28  VAL 28  28  28  VAL VAL A . n 
A 1 29  PHE 29  29  29  PHE PHE A . n 
A 1 30  LYS 30  30  30  LYS LYS A . n 
A 1 31  LYS 31  31  31  LYS LYS A . n 
A 1 32  LEU 32  32  32  LEU LEU A . n 
A 1 33  GLY 33  33  33  GLY GLY A . n 
A 1 34  SER 34  34  34  SER SER A . n 
A 1 35  TYR 35  35  35  TYR TYR A . n 
A 1 36  LYS 36  36  36  LYS LYS A . n 
A 1 37  ASN 37  37  37  ASN ASN A . n 
A 1 38  LEU 38  38  38  LEU LEU A . n 
A 1 39  VAL 39  39  39  VAL VAL A . n 
A 1 40  PRO 40  40  40  PRO PRO A . n 
A 1 41  ASN 41  41  41  ASN ASN A . n 
A 1 42  PHE 42  42  42  PHE PHE A . n 
A 1 43  LYS 43  43  43  LYS LYS A . n 
A 1 44  LEU 44  44  44  LEU LEU A . n 
A 1 45  ASP 45  45  45  ASP ASP A . n 
A 1 46  ASP 46  46  46  ASP ASP A . n 
A 1 47  SER 47  47  47  SER SER A . n 
A 1 48  GLY 48  48  48  GLY GLY A . n 
A 1 49  HIS 49  49  49  HIS HIS A . n 
A 1 50  PRO 50  50  50  PRO PRO A . n 
A 1 51  ILE 51  51  51  ILE ILE A . n 
A 1 52  GLY 52  52  52  GLY GLY A . n 
A 1 53  ASN 53  53  53  ASN ASN A . n 
A 1 54  ALA 54  54  54  ALA ALA A . n 
A 1 55  ILE 55  55  55  ILE ILE A . n 
A 1 56  PRO 56  56  56  PRO PRO A . n 
A 1 57  GLY 57  57  57  GLY GLY A . n 
A 1 58  VAL 58  58  58  VAL VAL A . n 
A 1 59  GLU 59  59  59  GLU GLU A . n 
A 1 60  ASP 60  60  60  ASP ASP A . n 
A 1 61  ILE 61  61  61  ILE ILE A . n 
A 1 62  LEU 62  62  62  LEU LEU A . n 
A 1 63  VAL 63  63  63  VAL VAL A . n 
A 1 64  GLU 64  64  64  GLU GLU A . n 
A 1 65  TYR 65  65  65  TYR TYR A . n 
A 1 66  GLU 66  66  66  GLU GLU A . n 
A 1 67  HIS 67  67  67  HIS HIS A . n 
A 1 68  PHE 68  68  68  PHE PHE A . n 
A 1 69  SER 69  69  69  SER SER A . n 
A 1 70  ILE 70  70  70  ILE ILE A . n 
A 1 71  LEU 71  71  71  LEU LEU A . n 
A 1 72  ILE 72  72  72  ILE ILE A . n 
A 1 73  GLU 73  73  73  GLU GLU A . n 
A 1 74  CYS 74  74  74  CYS CYS A . n 
A 1 75  SER 75  75  75  SER SER A . n 
A 1 76  LEU 76  76  76  LEU LEU A . n 
A 1 77  THR 77  77  77  THR THR A . n 
A 1 78  ILE 78  78  78  ILE ILE A . n 
A 1 79  GLY 79  79  79  GLY GLY A . n 
A 1 80  GLU 80  80  80  GLU GLU A . n 
A 1 81  LYS 81  81  81  LYS LYS A . n 
A 1 82  GLN 82  82  82  GLN GLN A . n 
A 1 83  LEU 83  83  83  LEU LEU A . n 
A 1 84  ASP 84  84  84  ASP ASP A . n 
A 1 85  TYR 85  85  85  TYR TYR A . n 
A 1 86  GLU 86  86  86  GLU GLU A . n 
A 1 87  GLY 87  87  87  GLY GLY A . n 
A 1 88  ASP 88  88  88  ASP ASP A . n 
A 1 89  SER 89  89  89  SER SER A . n 
A 1 90  VAL 90  90  90  VAL VAL A . n 
A 1 91  VAL 91  91  91  VAL VAL A . n 
A 1 92  ARG 92  92  92  ARG ARG A . n 
A 1 93  HIS 93  93  93  HIS HIS A . n 
A 1 94  LEU 94  94  94  LEU LEU A . n 
A 1 95  GLN 95  95  95  GLN GLN A . n 
A 1 96  GLU 96  96  96  GLU GLU A . n 
A 1 97  TYR 97  97  97  TYR TYR A . n 
A 1 98  LYS 98  98  98  LYS LYS A . n 
A 1 99  LYS 99  99  99  LYS LYS A . n 
A 1 100 LYS 100 100 100 LYS LYS A . n 
A 1 101 GLY 101 101 101 GLY GLY A . n 
A 1 102 ILE 102 102 102 ILE ILE A . n 
A 1 103 GLU 103 103 103 GLU GLU A . n 
A 1 104 ALA 104 104 104 ALA ALA A . n 
A 1 105 TYR 105 105 105 TYR TYR A . n 
A 1 106 THR 106 106 106 THR THR A . n 
A 1 107 LEU 107 107 107 LEU LEU A . n 
A 1 108 PHE 108 108 108 PHE PHE A . n 
A 1 109 LEU 109 109 109 LEU LEU A . n 
A 1 110 GLY 110 110 110 GLY GLY A . n 
A 1 111 LYS 111 111 111 LYS LYS A . n 
A 1 112 SER 112 112 112 SER SER A . n 
A 1 113 ILE 113 113 113 ILE ILE A . n 
A 1 114 ASP 114 114 114 ASP ASP A . n 
A 1 115 LEU 115 115 115 LEU LEU A . n 
A 1 116 SER 116 116 116 SER SER A . n 
A 1 117 PHE 117 117 117 PHE PHE A . n 
A 1 118 ALA 118 118 118 ALA ALA A . n 
A 1 119 ARG 119 119 119 ARG ARG A . n 
A 1 120 HIS 120 120 120 HIS HIS A . n 
A 1 121 ILE 121 121 121 ILE ILE A . n 
A 1 122 GLY 122 122 122 GLY GLY A . n 
A 1 123 PHE 123 123 123 PHE PHE A . n 
A 1 124 ASN 124 124 124 ASN ASN A . n 
A 1 125 LYS 125 125 125 LYS LYS A . n 
A 1 126 GLU 126 126 126 GLU GLU A . n 
A 1 127 SER 127 127 127 SER SER A . n 
A 1 128 GLU 128 128 128 GLU GLU A . n 
A 1 129 PRO 129 129 129 PRO PRO A . n 
A 1 130 VAL 130 130 130 VAL VAL A . n 
A 1 131 ILE 131 131 131 ILE ILE A . n 
A 1 132 PRO 132 132 132 PRO PRO A . n 
A 1 133 LEU 133 133 133 LEU LEU A . n 
A 1 134 THR 134 134 134 THR THR A . n 
A 1 135 VAL 135 135 135 VAL VAL A . n 
A 1 136 ASP 136 136 136 ASP ASP A . n 
A 1 137 GLN 137 137 137 GLN GLN A . n 
A 1 138 PHE 138 138 138 PHE PHE A . n 
A 1 139 LYS 139 139 139 LYS LYS A . n 
A 1 140 LYS 140 140 140 LYS LYS A . n 
A 1 141 LEU 141 141 141 LEU LEU A . n 
A 1 142 VAL 142 142 142 VAL VAL A . n 
A 1 143 THR 143 143 143 THR THR A . n 
A 1 144 GLN 144 144 144 GLN GLN A . n 
A 1 145 LEU 145 145 145 LEU LEU A . n 
A 1 146 LYS 146 146 146 LYS LYS A . n 
A 1 147 GLY 147 147 147 GLY GLY A . n 
A 1 148 ASP 148 148 148 ASP ASP A . n 
A 1 149 GLY 149 149 149 GLY GLY A . n 
A 1 150 GLU 150 150 150 GLU GLU A . n 
A 1 151 HIS 151 151 151 HIS HIS A . n 
A 1 152 PHE 152 152 152 PHE PHE A . n 
A 1 153 ASN 153 153 153 ASN ASN A . n 
A 1 154 PRO 154 154 154 PRO PRO A . n 
A 1 155 ASN 155 155 155 ASN ASN A . n 
A 1 156 LYS 156 156 156 LYS LYS A . n 
A 1 157 LEU 157 157 157 LEU LEU A . n 
A 1 158 LYS 158 158 158 LYS LYS A . n 
A 1 159 GLU 159 159 159 GLU GLU A . n 
A 1 160 ILE 160 160 160 ILE ILE A . n 
A 1 161 LEU 161 161 161 LEU LEU A . n 
A 1 162 ILE 162 162 162 ILE ILE A . n 
A 1 163 LYS 163 163 163 LYS LYS A . n 
A 1 164 LEU 164 164 164 LEU LEU A . n 
A 1 165 LEU 165 165 165 LEU LEU A . n 
A 1 166 ARG 166 166 166 ARG ARG A . n 
A 1 167 SER 167 167 167 SER SER A . n 
A 1 168 ASP 168 168 168 ASP ASP A . n 
A 1 169 LEU 169 169 169 LEU LEU A . n 
A 1 170 GLY 170 170 170 GLY GLY A . n 
A 1 171 TYR 171 171 171 TYR TYR A . n 
A 1 172 ASP 172 172 172 ASP ASP A . n 
A 1 173 GLN 173 173 173 GLN GLN A . n 
A 1 174 ALA 174 174 174 ALA ALA A . n 
A 1 175 GLU 175 175 175 GLU GLU A . n 
A 1 176 GLU 176 176 176 GLU GLU A . n 
A 1 177 TRP 177 177 177 TRP TRP A . n 
A 1 178 LEU 178 178 178 LEU LEU A . n 
A 1 179 THR 179 179 179 THR THR A . n 
A 1 180 PHE 180 180 180 PHE PHE A . n 
A 1 181 ILE 181 181 181 ILE ILE A . n 
A 1 182 GLU 182 182 182 GLU GLU A . n 
A 1 183 TYR 183 183 183 TYR TYR A . n 
A 1 184 ASN 184 184 184 ASN ASN A . n 
A 1 185 LEU 185 185 185 LEU LEU A . n 
A 1 186 LYS 186 186 186 LYS LYS A . n 
A 1 187 HIS 187 187 ?   ?   ?   A . n 
A 1 188 HIS 188 188 ?   ?   ?   A . n 
A 1 189 HIS 189 189 ?   ?   ?   A . n 
A 1 190 HIS 190 190 ?   ?   ?   A . n 
A 1 191 HIS 191 191 ?   ?   ?   A . n 
A 1 192 HIS 192 192 ?   ?   ?   A . n 
# 
loop_
_pdbx_nonpoly_scheme.asym_id 
_pdbx_nonpoly_scheme.entity_id 
_pdbx_nonpoly_scheme.mon_id 
_pdbx_nonpoly_scheme.ndb_seq_num 
_pdbx_nonpoly_scheme.pdb_seq_num 
_pdbx_nonpoly_scheme.auth_seq_num 
_pdbx_nonpoly_scheme.pdb_mon_id 
_pdbx_nonpoly_scheme.auth_mon_id 
_pdbx_nonpoly_scheme.pdb_strand_id 
_pdbx_nonpoly_scheme.pdb_ins_code 
B 2 SO4 1   193 1   SO4 SO4 A . 
C 2 SO4 1   194 2   SO4 SO4 A . 
D 3 GOL 1   195 1   GOL GOL A . 
E 4 HOH 1   196 3   HOH HOH A . 
E 4 HOH 2   197 4   HOH HOH A . 
E 4 HOH 3   198 5   HOH HOH A . 
E 4 HOH 4   199 6   HOH HOH A . 
E 4 HOH 5   200 7   HOH HOH A . 
E 4 HOH 6   201 8   HOH HOH A . 
E 4 HOH 7   202 9   HOH HOH A . 
E 4 HOH 8   203 10  HOH HOH A . 
E 4 HOH 9   204 11  HOH HOH A . 
E 4 HOH 10  205 12  HOH HOH A . 
E 4 HOH 11  206 13  HOH HOH A . 
E 4 HOH 12  207 14  HOH HOH A . 
E 4 HOH 13  208 15  HOH HOH A . 
E 4 HOH 14  209 16  HOH HOH A . 
E 4 HOH 15  210 17  HOH HOH A . 
E 4 HOH 16  211 18  HOH HOH A . 
E 4 HOH 17  212 19  HOH HOH A . 
E 4 HOH 18  213 20  HOH HOH A . 
E 4 HOH 19  214 21  HOH HOH A . 
E 4 HOH 20  215 22  HOH HOH A . 
E 4 HOH 21  216 23  HOH HOH A . 
E 4 HOH 22  217 24  HOH HOH A . 
E 4 HOH 23  218 25  HOH HOH A . 
E 4 HOH 24  219 26  HOH HOH A . 
E 4 HOH 25  220 28  HOH HOH A . 
E 4 HOH 26  221 29  HOH HOH A . 
E 4 HOH 27  222 30  HOH HOH A . 
E 4 HOH 28  223 31  HOH HOH A . 
E 4 HOH 29  224 32  HOH HOH A . 
E 4 HOH 30  225 33  HOH HOH A . 
E 4 HOH 31  226 34  HOH HOH A . 
E 4 HOH 32  227 35  HOH HOH A . 
E 4 HOH 33  228 37  HOH HOH A . 
E 4 HOH 34  229 38  HOH HOH A . 
E 4 HOH 35  230 39  HOH HOH A . 
E 4 HOH 36  231 40  HOH HOH A . 
E 4 HOH 37  232 41  HOH HOH A . 
E 4 HOH 38  233 42  HOH HOH A . 
E 4 HOH 39  234 43  HOH HOH A . 
E 4 HOH 40  235 44  HOH HOH A . 
E 4 HOH 41  236 45  HOH HOH A . 
E 4 HOH 42  237 46  HOH HOH A . 
E 4 HOH 43  238 47  HOH HOH A . 
E 4 HOH 44  239 48  HOH HOH A . 
E 4 HOH 45  240 50  HOH HOH A . 
E 4 HOH 46  241 51  HOH HOH A . 
E 4 HOH 47  242 52  HOH HOH A . 
E 4 HOH 48  243 53  HOH HOH A . 
E 4 HOH 49  244 54  HOH HOH A . 
E 4 HOH 50  245 55  HOH HOH A . 
E 4 HOH 51  246 56  HOH HOH A . 
E 4 HOH 52  247 57  HOH HOH A . 
E 4 HOH 53  248 58  HOH HOH A . 
E 4 HOH 54  249 59  HOH HOH A . 
E 4 HOH 55  250 61  HOH HOH A . 
E 4 HOH 56  251 62  HOH HOH A . 
E 4 HOH 57  252 63  HOH HOH A . 
E 4 HOH 58  253 64  HOH HOH A . 
E 4 HOH 59  254 65  HOH HOH A . 
E 4 HOH 60  255 66  HOH HOH A . 
E 4 HOH 61  256 67  HOH HOH A . 
E 4 HOH 62  257 68  HOH HOH A . 
E 4 HOH 63  258 69  HOH HOH A . 
E 4 HOH 64  259 70  HOH HOH A . 
E 4 HOH 65  260 71  HOH HOH A . 
E 4 HOH 66  261 72  HOH HOH A . 
E 4 HOH 67  262 73  HOH HOH A . 
E 4 HOH 68  263 74  HOH HOH A . 
E 4 HOH 69  264 75  HOH HOH A . 
E 4 HOH 70  265 76  HOH HOH A . 
E 4 HOH 71  266 77  HOH HOH A . 
E 4 HOH 72  267 78  HOH HOH A . 
E 4 HOH 73  268 79  HOH HOH A . 
E 4 HOH 74  269 81  HOH HOH A . 
E 4 HOH 75  270 82  HOH HOH A . 
E 4 HOH 76  271 83  HOH HOH A . 
E 4 HOH 77  272 84  HOH HOH A . 
E 4 HOH 78  273 85  HOH HOH A . 
E 4 HOH 79  274 86  HOH HOH A . 
E 4 HOH 80  275 87  HOH HOH A . 
E 4 HOH 81  276 89  HOH HOH A . 
E 4 HOH 82  277 90  HOH HOH A . 
E 4 HOH 83  278 91  HOH HOH A . 
E 4 HOH 84  279 92  HOH HOH A . 
E 4 HOH 85  280 93  HOH HOH A . 
E 4 HOH 86  281 94  HOH HOH A . 
E 4 HOH 87  282 96  HOH HOH A . 
E 4 HOH 88  283 97  HOH HOH A . 
E 4 HOH 89  284 98  HOH HOH A . 
E 4 HOH 90  285 99  HOH HOH A . 
E 4 HOH 91  286 100 HOH HOH A . 
E 4 HOH 92  287 101 HOH HOH A . 
E 4 HOH 93  288 102 HOH HOH A . 
E 4 HOH 94  289 103 HOH HOH A . 
E 4 HOH 95  290 104 HOH HOH A . 
E 4 HOH 96  291 105 HOH HOH A . 
E 4 HOH 97  292 106 HOH HOH A . 
E 4 HOH 98  293 107 HOH HOH A . 
E 4 HOH 99  294 108 HOH HOH A . 
E 4 HOH 100 295 109 HOH HOH A . 
E 4 HOH 101 296 110 HOH HOH A . 
E 4 HOH 102 297 112 HOH HOH A . 
E 4 HOH 103 298 113 HOH HOH A . 
E 4 HOH 104 299 114 HOH HOH A . 
E 4 HOH 105 300 115 HOH HOH A . 
E 4 HOH 106 301 116 HOH HOH A . 
E 4 HOH 107 302 117 HOH HOH A . 
E 4 HOH 108 303 118 HOH HOH A . 
E 4 HOH 109 304 119 HOH HOH A . 
E 4 HOH 110 305 120 HOH HOH A . 
E 4 HOH 111 306 121 HOH HOH A . 
E 4 HOH 112 307 122 HOH HOH A . 
E 4 HOH 113 308 123 HOH HOH A . 
E 4 HOH 114 309 124 HOH HOH A . 
E 4 HOH 115 310 125 HOH HOH A . 
E 4 HOH 116 311 126 HOH HOH A . 
E 4 HOH 117 312 127 HOH HOH A . 
E 4 HOH 118 313 128 HOH HOH A . 
E 4 HOH 119 314 130 HOH HOH A . 
E 4 HOH 120 315 131 HOH HOH A . 
E 4 HOH 121 316 132 HOH HOH A . 
E 4 HOH 122 317 133 HOH HOH A . 
E 4 HOH 123 318 134 HOH HOH A . 
E 4 HOH 124 319 135 HOH HOH A . 
E 4 HOH 125 320 136 HOH HOH A . 
E 4 HOH 126 321 137 HOH HOH A . 
E 4 HOH 127 322 138 HOH HOH A . 
E 4 HOH 128 323 139 HOH HOH A . 
E 4 HOH 129 324 141 HOH HOH A . 
E 4 HOH 130 325 142 HOH HOH A . 
E 4 HOH 131 326 143 HOH HOH A . 
E 4 HOH 132 327 144 HOH HOH A . 
E 4 HOH 133 328 146 HOH HOH A . 
E 4 HOH 134 329 147 HOH HOH A . 
E 4 HOH 135 330 148 HOH HOH A . 
E 4 HOH 136 331 149 HOH HOH A . 
E 4 HOH 137 332 150 HOH HOH A . 
E 4 HOH 138 333 151 HOH HOH A . 
E 4 HOH 139 334 152 HOH HOH A . 
E 4 HOH 140 335 153 HOH HOH A . 
E 4 HOH 141 336 154 HOH HOH A . 
E 4 HOH 142 337 157 HOH HOH A . 
E 4 HOH 143 338 158 HOH HOH A . 
E 4 HOH 144 339 159 HOH HOH A . 
E 4 HOH 145 340 160 HOH HOH A . 
E 4 HOH 146 341 161 HOH HOH A . 
E 4 HOH 147 342 162 HOH HOH A . 
E 4 HOH 148 343 163 HOH HOH A . 
E 4 HOH 149 344 164 HOH HOH A . 
E 4 HOH 150 345 165 HOH HOH A . 
E 4 HOH 151 346 166 HOH HOH A . 
E 4 HOH 152 347 167 HOH HOH A . 
E 4 HOH 153 348 168 HOH HOH A . 
E 4 HOH 154 349 169 HOH HOH A . 
E 4 HOH 155 350 170 HOH HOH A . 
E 4 HOH 156 351 171 HOH HOH A . 
E 4 HOH 157 352 172 HOH HOH A . 
E 4 HOH 158 353 173 HOH HOH A . 
E 4 HOH 159 354 174 HOH HOH A . 
# 
_pdbx_struct_assembly.id                   1 
_pdbx_struct_assembly.details              author_and_software_defined_assembly 
_pdbx_struct_assembly.method_details       PISA 
_pdbx_struct_assembly.oligomeric_details   monomeric 
_pdbx_struct_assembly.oligomeric_count     1 
# 
_pdbx_struct_assembly_gen.assembly_id       1 
_pdbx_struct_assembly_gen.oper_expression   1 
_pdbx_struct_assembly_gen.asym_id_list      A,B,C,D,E 
# 
_pdbx_struct_oper_list.id                   1 
_pdbx_struct_oper_list.type                 'identity operation' 
_pdbx_struct_oper_list.name                 1_555 
_pdbx_struct_oper_list.symmetry_operation   x,y,z 
_pdbx_struct_oper_list.matrix[1][1]         1.0000000000 
_pdbx_struct_oper_list.matrix[1][2]         0.0000000000 
_pdbx_struct_oper_list.matrix[1][3]         0.0000000000 
_pdbx_struct_oper_list.vector[1]            0.0000000000 
_pdbx_struct_oper_list.matrix[2][1]         0.0000000000 
_pdbx_struct_oper_list.matrix[2][2]         1.0000000000 
_pdbx_struct_oper_list.matrix[2][3]         0.0000000000 
_pdbx_struct_oper_list.vector[2]            0.0000000000 
_pdbx_struct_oper_list.matrix[3][1]         0.0000000000 
_pdbx_struct_oper_list.matrix[3][2]         0.0000000000 
_pdbx_struct_oper_list.matrix[3][3]         1.0000000000 
_pdbx_struct_oper_list.vector[3]            0.0000000000 
# 
loop_
_pdbx_audit_revision_history.ordinal 
_pdbx_audit_revision_history.data_content_type 
_pdbx_audit_revision_history.major_revision 
_pdbx_audit_revision_history.minor_revision 
_pdbx_audit_revision_history.revision_date 
1 'Structure model' 1 0 2008-03-11 
2 'Structure model' 1 1 2011-07-13 
3 'Structure model' 1 2 2023-08-30 
# 
_pdbx_audit_revision_details.ordinal             1 
_pdbx_audit_revision_details.revision_ordinal    1 
_pdbx_audit_revision_details.data_content_type   'Structure model' 
_pdbx_audit_revision_details.provider            repository 
_pdbx_audit_revision_details.type                'Initial release' 
_pdbx_audit_revision_details.description         ? 
_pdbx_audit_revision_details.details             ? 
# 
loop_
_pdbx_audit_revision_group.ordinal 
_pdbx_audit_revision_group.revision_ordinal 
_pdbx_audit_revision_group.data_content_type 
_pdbx_audit_revision_group.group 
1 2 'Structure model' 'Source and taxonomy'       
2 2 'Structure model' 'Version format compliance' 
3 3 'Structure model' 'Data collection'           
4 3 'Structure model' 'Database references'       
5 3 'Structure model' 'Derived calculations'      
6 3 'Structure model' 'Refinement description'    
# 
loop_
_pdbx_audit_revision_category.ordinal 
_pdbx_audit_revision_category.revision_ordinal 
_pdbx_audit_revision_category.data_content_type 
_pdbx_audit_revision_category.category 
1 3 'Structure model' chem_comp_atom                
2 3 'Structure model' chem_comp_bond                
3 3 'Structure model' database_2                    
4 3 'Structure model' pdbx_initial_refinement_model 
5 3 'Structure model' struct_ref_seq_dif            
6 3 'Structure model' struct_site                   
# 
loop_
_pdbx_audit_revision_item.ordinal 
_pdbx_audit_revision_item.revision_ordinal 
_pdbx_audit_revision_item.data_content_type 
_pdbx_audit_revision_item.item 
1 3 'Structure model' '_database_2.pdbx_DOI'                
2 3 'Structure model' '_database_2.pdbx_database_accession' 
3 3 'Structure model' '_struct_ref_seq_dif.details'         
4 3 'Structure model' '_struct_site.pdbx_auth_asym_id'      
5 3 'Structure model' '_struct_site.pdbx_auth_comp_id'      
6 3 'Structure model' '_struct_site.pdbx_auth_seq_id'       
# 
loop_
_software.name 
_software.version 
_software.date 
_software.type 
_software.contact_author 
_software.contact_author_email 
_software.classification 
_software.location 
_software.language 
_software.citation_id 
_software.pdbx_ordinal 
REFMAC      5.2.0005 ?                program 'Murshudov, G.N.' ccp4@dl.ac.uk            refinement        
http://www.ccp4.ac.uk/main.html  Fortran_77 ? 1 
PDB_EXTRACT 2.000    'April. 3, 2006' package PDB               sw-help@rcsb.rutgers.edu 'data extraction' 
http://pdb.rutgers.edu/software/ C++        ? 2 
Best        .        ?                ?       ?                 ?                        'data collection' ? ?          ? 3 
DENZO       .        ?                ?       ?                 ?                        'data reduction'  ? ?          ? 4 
SCALEPACK   .        ?                ?       ?                 ?                        'data scaling'    ? ?          ? 5 
MOLREP      .        ?                ?       ?                 ?                        phasing           ? ?          ? 6 
# 
_pdbx_validate_close_contact.id               1 
_pdbx_validate_close_contact.PDB_model_num    1 
_pdbx_validate_close_contact.auth_atom_id_1   OD1 
_pdbx_validate_close_contact.auth_asym_id_1   A 
_pdbx_validate_close_contact.auth_comp_id_1   ASN 
_pdbx_validate_close_contact.auth_seq_id_1    124 
_pdbx_validate_close_contact.PDB_ins_code_1   ? 
_pdbx_validate_close_contact.label_alt_id_1   B 
_pdbx_validate_close_contact.auth_atom_id_2   O 
_pdbx_validate_close_contact.auth_asym_id_2   A 
_pdbx_validate_close_contact.auth_comp_id_2   HOH 
_pdbx_validate_close_contact.auth_seq_id_2    275 
_pdbx_validate_close_contact.PDB_ins_code_2   ? 
_pdbx_validate_close_contact.label_alt_id_2   ? 
_pdbx_validate_close_contact.dist             2.04 
# 
_pdbx_validate_torsion.id              1 
_pdbx_validate_torsion.PDB_model_num   1 
_pdbx_validate_torsion.auth_comp_id    LEU 
_pdbx_validate_torsion.auth_asym_id    A 
_pdbx_validate_torsion.auth_seq_id     185 
_pdbx_validate_torsion.PDB_ins_code    ? 
_pdbx_validate_torsion.label_alt_id    ? 
_pdbx_validate_torsion.phi             -109.73 
_pdbx_validate_torsion.psi             -97.61 
# 
loop_
_pdbx_unobs_or_zero_occ_residues.id 
_pdbx_unobs_or_zero_occ_residues.PDB_model_num 
_pdbx_unobs_or_zero_occ_residues.polymer_flag 
_pdbx_unobs_or_zero_occ_residues.occupancy_flag 
_pdbx_unobs_or_zero_occ_residues.auth_asym_id 
_pdbx_unobs_or_zero_occ_residues.auth_comp_id 
_pdbx_unobs_or_zero_occ_residues.auth_seq_id 
_pdbx_unobs_or_zero_occ_residues.PDB_ins_code 
_pdbx_unobs_or_zero_occ_residues.label_asym_id 
_pdbx_unobs_or_zero_occ_residues.label_comp_id 
_pdbx_unobs_or_zero_occ_residues.label_seq_id 
1 1 Y 1 A HIS 187 ? A HIS 187 
2 1 Y 1 A HIS 188 ? A HIS 188 
3 1 Y 1 A HIS 189 ? A HIS 189 
4 1 Y 1 A HIS 190 ? A HIS 190 
5 1 Y 1 A HIS 191 ? A HIS 191 
6 1 Y 1 A HIS 192 ? A HIS 192 
# 
loop_
_chem_comp_atom.comp_id 
_chem_comp_atom.atom_id 
_chem_comp_atom.type_symbol 
_chem_comp_atom.pdbx_aromatic_flag 
_chem_comp_atom.pdbx_stereo_config 
_chem_comp_atom.pdbx_ordinal 
ALA N    N N N 1   
ALA CA   C N S 2   
ALA C    C N N 3   
ALA O    O N N 4   
ALA CB   C N N 5   
ALA OXT  O N N 6   
ALA H    H N N 7   
ALA H2   H N N 8   
ALA HA   H N N 9   
ALA HB1  H N N 10  
ALA HB2  H N N 11  
ALA HB3  H N N 12  
ALA HXT  H N N 13  
ARG N    N N N 14  
ARG CA   C N S 15  
ARG C    C N N 16  
ARG O    O N N 17  
ARG CB   C N N 18  
ARG CG   C N N 19  
ARG CD   C N N 20  
ARG NE   N N N 21  
ARG CZ   C N N 22  
ARG NH1  N N N 23  
ARG NH2  N N N 24  
ARG OXT  O N N 25  
ARG H    H N N 26  
ARG H2   H N N 27  
ARG HA   H N N 28  
ARG HB2  H N N 29  
ARG HB3  H N N 30  
ARG HG2  H N N 31  
ARG HG3  H N N 32  
ARG HD2  H N N 33  
ARG HD3  H N N 34  
ARG HE   H N N 35  
ARG HH11 H N N 36  
ARG HH12 H N N 37  
ARG HH21 H N N 38  
ARG HH22 H N N 39  
ARG HXT  H N N 40  
ASN N    N N N 41  
ASN CA   C N S 42  
ASN C    C N N 43  
ASN O    O N N 44  
ASN CB   C N N 45  
ASN CG   C N N 46  
ASN OD1  O N N 47  
ASN ND2  N N N 48  
ASN OXT  O N N 49  
ASN H    H N N 50  
ASN H2   H N N 51  
ASN HA   H N N 52  
ASN HB2  H N N 53  
ASN HB3  H N N 54  
ASN HD21 H N N 55  
ASN HD22 H N N 56  
ASN HXT  H N N 57  
ASP N    N N N 58  
ASP CA   C N S 59  
ASP C    C N N 60  
ASP O    O N N 61  
ASP CB   C N N 62  
ASP CG   C N N 63  
ASP OD1  O N N 64  
ASP OD2  O N N 65  
ASP OXT  O N N 66  
ASP H    H N N 67  
ASP H2   H N N 68  
ASP HA   H N N 69  
ASP HB2  H N N 70  
ASP HB3  H N N 71  
ASP HD2  H N N 72  
ASP HXT  H N N 73  
CYS N    N N N 74  
CYS CA   C N R 75  
CYS C    C N N 76  
CYS O    O N N 77  
CYS CB   C N N 78  
CYS SG   S N N 79  
CYS OXT  O N N 80  
CYS H    H N N 81  
CYS H2   H N N 82  
CYS HA   H N N 83  
CYS HB2  H N N 84  
CYS HB3  H N N 85  
CYS HG   H N N 86  
CYS HXT  H N N 87  
GLN N    N N N 88  
GLN CA   C N S 89  
GLN C    C N N 90  
GLN O    O N N 91  
GLN CB   C N N 92  
GLN CG   C N N 93  
GLN CD   C N N 94  
GLN OE1  O N N 95  
GLN NE2  N N N 96  
GLN OXT  O N N 97  
GLN H    H N N 98  
GLN H2   H N N 99  
GLN HA   H N N 100 
GLN HB2  H N N 101 
GLN HB3  H N N 102 
GLN HG2  H N N 103 
GLN HG3  H N N 104 
GLN HE21 H N N 105 
GLN HE22 H N N 106 
GLN HXT  H N N 107 
GLU N    N N N 108 
GLU CA   C N S 109 
GLU C    C N N 110 
GLU O    O N N 111 
GLU CB   C N N 112 
GLU CG   C N N 113 
GLU CD   C N N 114 
GLU OE1  O N N 115 
GLU OE2  O N N 116 
GLU OXT  O N N 117 
GLU H    H N N 118 
GLU H2   H N N 119 
GLU HA   H N N 120 
GLU HB2  H N N 121 
GLU HB3  H N N 122 
GLU HG2  H N N 123 
GLU HG3  H N N 124 
GLU HE2  H N N 125 
GLU HXT  H N N 126 
GLY N    N N N 127 
GLY CA   C N N 128 
GLY C    C N N 129 
GLY O    O N N 130 
GLY OXT  O N N 131 
GLY H    H N N 132 
GLY H2   H N N 133 
GLY HA2  H N N 134 
GLY HA3  H N N 135 
GLY HXT  H N N 136 
GOL C1   C N N 137 
GOL O1   O N N 138 
GOL C2   C N N 139 
GOL O2   O N N 140 
GOL C3   C N N 141 
GOL O3   O N N 142 
GOL H11  H N N 143 
GOL H12  H N N 144 
GOL HO1  H N N 145 
GOL H2   H N N 146 
GOL HO2  H N N 147 
GOL H31  H N N 148 
GOL H32  H N N 149 
GOL HO3  H N N 150 
HIS N    N N N 151 
HIS CA   C N S 152 
HIS C    C N N 153 
HIS O    O N N 154 
HIS CB   C N N 155 
HIS CG   C Y N 156 
HIS ND1  N Y N 157 
HIS CD2  C Y N 158 
HIS CE1  C Y N 159 
HIS NE2  N Y N 160 
HIS OXT  O N N 161 
HIS H    H N N 162 
HIS H2   H N N 163 
HIS HA   H N N 164 
HIS HB2  H N N 165 
HIS HB3  H N N 166 
HIS HD1  H N N 167 
HIS HD2  H N N 168 
HIS HE1  H N N 169 
HIS HE2  H N N 170 
HIS HXT  H N N 171 
HOH O    O N N 172 
HOH H1   H N N 173 
HOH H2   H N N 174 
ILE N    N N N 175 
ILE CA   C N S 176 
ILE C    C N N 177 
ILE O    O N N 178 
ILE CB   C N S 179 
ILE CG1  C N N 180 
ILE CG2  C N N 181 
ILE CD1  C N N 182 
ILE OXT  O N N 183 
ILE H    H N N 184 
ILE H2   H N N 185 
ILE HA   H N N 186 
ILE HB   H N N 187 
ILE HG12 H N N 188 
ILE HG13 H N N 189 
ILE HG21 H N N 190 
ILE HG22 H N N 191 
ILE HG23 H N N 192 
ILE HD11 H N N 193 
ILE HD12 H N N 194 
ILE HD13 H N N 195 
ILE HXT  H N N 196 
LEU N    N N N 197 
LEU CA   C N S 198 
LEU C    C N N 199 
LEU O    O N N 200 
LEU CB   C N N 201 
LEU CG   C N N 202 
LEU CD1  C N N 203 
LEU CD2  C N N 204 
LEU OXT  O N N 205 
LEU H    H N N 206 
LEU H2   H N N 207 
LEU HA   H N N 208 
LEU HB2  H N N 209 
LEU HB3  H N N 210 
LEU HG   H N N 211 
LEU HD11 H N N 212 
LEU HD12 H N N 213 
LEU HD13 H N N 214 
LEU HD21 H N N 215 
LEU HD22 H N N 216 
LEU HD23 H N N 217 
LEU HXT  H N N 218 
LYS N    N N N 219 
LYS CA   C N S 220 
LYS C    C N N 221 
LYS O    O N N 222 
LYS CB   C N N 223 
LYS CG   C N N 224 
LYS CD   C N N 225 
LYS CE   C N N 226 
LYS NZ   N N N 227 
LYS OXT  O N N 228 
LYS H    H N N 229 
LYS H2   H N N 230 
LYS HA   H N N 231 
LYS HB2  H N N 232 
LYS HB3  H N N 233 
LYS HG2  H N N 234 
LYS HG3  H N N 235 
LYS HD2  H N N 236 
LYS HD3  H N N 237 
LYS HE2  H N N 238 
LYS HE3  H N N 239 
LYS HZ1  H N N 240 
LYS HZ2  H N N 241 
LYS HZ3  H N N 242 
LYS HXT  H N N 243 
MET N    N N N 244 
MET CA   C N S 245 
MET C    C N N 246 
MET O    O N N 247 
MET CB   C N N 248 
MET CG   C N N 249 
MET SD   S N N 250 
MET CE   C N N 251 
MET OXT  O N N 252 
MET H    H N N 253 
MET H2   H N N 254 
MET HA   H N N 255 
MET HB2  H N N 256 
MET HB3  H N N 257 
MET HG2  H N N 258 
MET HG3  H N N 259 
MET HE1  H N N 260 
MET HE2  H N N 261 
MET HE3  H N N 262 
MET HXT  H N N 263 
PHE N    N N N 264 
PHE CA   C N S 265 
PHE C    C N N 266 
PHE O    O N N 267 
PHE CB   C N N 268 
PHE CG   C Y N 269 
PHE CD1  C Y N 270 
PHE CD2  C Y N 271 
PHE CE1  C Y N 272 
PHE CE2  C Y N 273 
PHE CZ   C Y N 274 
PHE OXT  O N N 275 
PHE H    H N N 276 
PHE H2   H N N 277 
PHE HA   H N N 278 
PHE HB2  H N N 279 
PHE HB3  H N N 280 
PHE HD1  H N N 281 
PHE HD2  H N N 282 
PHE HE1  H N N 283 
PHE HE2  H N N 284 
PHE HZ   H N N 285 
PHE HXT  H N N 286 
PRO N    N N N 287 
PRO CA   C N S 288 
PRO C    C N N 289 
PRO O    O N N 290 
PRO CB   C N N 291 
PRO CG   C N N 292 
PRO CD   C N N 293 
PRO OXT  O N N 294 
PRO H    H N N 295 
PRO HA   H N N 296 
PRO HB2  H N N 297 
PRO HB3  H N N 298 
PRO HG2  H N N 299 
PRO HG3  H N N 300 
PRO HD2  H N N 301 
PRO HD3  H N N 302 
PRO HXT  H N N 303 
SER N    N N N 304 
SER CA   C N S 305 
SER C    C N N 306 
SER O    O N N 307 
SER CB   C N N 308 
SER OG   O N N 309 
SER OXT  O N N 310 
SER H    H N N 311 
SER H2   H N N 312 
SER HA   H N N 313 
SER HB2  H N N 314 
SER HB3  H N N 315 
SER HG   H N N 316 
SER HXT  H N N 317 
SO4 S    S N N 318 
SO4 O1   O N N 319 
SO4 O2   O N N 320 
SO4 O3   O N N 321 
SO4 O4   O N N 322 
THR N    N N N 323 
THR CA   C N S 324 
THR C    C N N 325 
THR O    O N N 326 
THR CB   C N R 327 
THR OG1  O N N 328 
THR CG2  C N N 329 
THR OXT  O N N 330 
THR H    H N N 331 
THR H2   H N N 332 
THR HA   H N N 333 
THR HB   H N N 334 
THR HG1  H N N 335 
THR HG21 H N N 336 
THR HG22 H N N 337 
THR HG23 H N N 338 
THR HXT  H N N 339 
TRP N    N N N 340 
TRP CA   C N S 341 
TRP C    C N N 342 
TRP O    O N N 343 
TRP CB   C N N 344 
TRP CG   C Y N 345 
TRP CD1  C Y N 346 
TRP CD2  C Y N 347 
TRP NE1  N Y N 348 
TRP CE2  C Y N 349 
TRP CE3  C Y N 350 
TRP CZ2  C Y N 351 
TRP CZ3  C Y N 352 
TRP CH2  C Y N 353 
TRP OXT  O N N 354 
TRP H    H N N 355 
TRP H2   H N N 356 
TRP HA   H N N 357 
TRP HB2  H N N 358 
TRP HB3  H N N 359 
TRP HD1  H N N 360 
TRP HE1  H N N 361 
TRP HE3  H N N 362 
TRP HZ2  H N N 363 
TRP HZ3  H N N 364 
TRP HH2  H N N 365 
TRP HXT  H N N 366 
TYR N    N N N 367 
TYR CA   C N S 368 
TYR C    C N N 369 
TYR O    O N N 370 
TYR CB   C N N 371 
TYR CG   C Y N 372 
TYR CD1  C Y N 373 
TYR CD2  C Y N 374 
TYR CE1  C Y N 375 
TYR CE2  C Y N 376 
TYR CZ   C Y N 377 
TYR OH   O N N 378 
TYR OXT  O N N 379 
TYR H    H N N 380 
TYR H2   H N N 381 
TYR HA   H N N 382 
TYR HB2  H N N 383 
TYR HB3  H N N 384 
TYR HD1  H N N 385 
TYR HD2  H N N 386 
TYR HE1  H N N 387 
TYR HE2  H N N 388 
TYR HH   H N N 389 
TYR HXT  H N N 390 
VAL N    N N N 391 
VAL CA   C N S 392 
VAL C    C N N 393 
VAL O    O N N 394 
VAL CB   C N N 395 
VAL CG1  C N N 396 
VAL CG2  C N N 397 
VAL OXT  O N N 398 
VAL H    H N N 399 
VAL H2   H N N 400 
VAL HA   H N N 401 
VAL HB   H N N 402 
VAL HG11 H N N 403 
VAL HG12 H N N 404 
VAL HG13 H N N 405 
VAL HG21 H N N 406 
VAL HG22 H N N 407 
VAL HG23 H N N 408 
VAL HXT  H N N 409 
# 
loop_
_chem_comp_bond.comp_id 
_chem_comp_bond.atom_id_1 
_chem_comp_bond.atom_id_2 
_chem_comp_bond.value_order 
_chem_comp_bond.pdbx_aromatic_flag 
_chem_comp_bond.pdbx_stereo_config 
_chem_comp_bond.pdbx_ordinal 
ALA N   CA   sing N N 1   
ALA N   H    sing N N 2   
ALA N   H2   sing N N 3   
ALA CA  C    sing N N 4   
ALA CA  CB   sing N N 5   
ALA CA  HA   sing N N 6   
ALA C   O    doub N N 7   
ALA C   OXT  sing N N 8   
ALA CB  HB1  sing N N 9   
ALA CB  HB2  sing N N 10  
ALA CB  HB3  sing N N 11  
ALA OXT HXT  sing N N 12  
ARG N   CA   sing N N 13  
ARG N   H    sing N N 14  
ARG N   H2   sing N N 15  
ARG CA  C    sing N N 16  
ARG CA  CB   sing N N 17  
ARG CA  HA   sing N N 18  
ARG C   O    doub N N 19  
ARG C   OXT  sing N N 20  
ARG CB  CG   sing N N 21  
ARG CB  HB2  sing N N 22  
ARG CB  HB3  sing N N 23  
ARG CG  CD   sing N N 24  
ARG CG  HG2  sing N N 25  
ARG CG  HG3  sing N N 26  
ARG CD  NE   sing N N 27  
ARG CD  HD2  sing N N 28  
ARG CD  HD3  sing N N 29  
ARG NE  CZ   sing N N 30  
ARG NE  HE   sing N N 31  
ARG CZ  NH1  sing N N 32  
ARG CZ  NH2  doub N N 33  
ARG NH1 HH11 sing N N 34  
ARG NH1 HH12 sing N N 35  
ARG NH2 HH21 sing N N 36  
ARG NH2 HH22 sing N N 37  
ARG OXT HXT  sing N N 38  
ASN N   CA   sing N N 39  
ASN N   H    sing N N 40  
ASN N   H2   sing N N 41  
ASN CA  C    sing N N 42  
ASN CA  CB   sing N N 43  
ASN CA  HA   sing N N 44  
ASN C   O    doub N N 45  
ASN C   OXT  sing N N 46  
ASN CB  CG   sing N N 47  
ASN CB  HB2  sing N N 48  
ASN CB  HB3  sing N N 49  
ASN CG  OD1  doub N N 50  
ASN CG  ND2  sing N N 51  
ASN ND2 HD21 sing N N 52  
ASN ND2 HD22 sing N N 53  
ASN OXT HXT  sing N N 54  
ASP N   CA   sing N N 55  
ASP N   H    sing N N 56  
ASP N   H2   sing N N 57  
ASP CA  C    sing N N 58  
ASP CA  CB   sing N N 59  
ASP CA  HA   sing N N 60  
ASP C   O    doub N N 61  
ASP C   OXT  sing N N 62  
ASP CB  CG   sing N N 63  
ASP CB  HB2  sing N N 64  
ASP CB  HB3  sing N N 65  
ASP CG  OD1  doub N N 66  
ASP CG  OD2  sing N N 67  
ASP OD2 HD2  sing N N 68  
ASP OXT HXT  sing N N 69  
CYS N   CA   sing N N 70  
CYS N   H    sing N N 71  
CYS N   H2   sing N N 72  
CYS CA  C    sing N N 73  
CYS CA  CB   sing N N 74  
CYS CA  HA   sing N N 75  
CYS C   O    doub N N 76  
CYS C   OXT  sing N N 77  
CYS CB  SG   sing N N 78  
CYS CB  HB2  sing N N 79  
CYS CB  HB3  sing N N 80  
CYS SG  HG   sing N N 81  
CYS OXT HXT  sing N N 82  
GLN N   CA   sing N N 83  
GLN N   H    sing N N 84  
GLN N   H2   sing N N 85  
GLN CA  C    sing N N 86  
GLN CA  CB   sing N N 87  
GLN CA  HA   sing N N 88  
GLN C   O    doub N N 89  
GLN C   OXT  sing N N 90  
GLN CB  CG   sing N N 91  
GLN CB  HB2  sing N N 92  
GLN CB  HB3  sing N N 93  
GLN CG  CD   sing N N 94  
GLN CG  HG2  sing N N 95  
GLN CG  HG3  sing N N 96  
GLN CD  OE1  doub N N 97  
GLN CD  NE2  sing N N 98  
GLN NE2 HE21 sing N N 99  
GLN NE2 HE22 sing N N 100 
GLN OXT HXT  sing N N 101 
GLU N   CA   sing N N 102 
GLU N   H    sing N N 103 
GLU N   H2   sing N N 104 
GLU CA  C    sing N N 105 
GLU CA  CB   sing N N 106 
GLU CA  HA   sing N N 107 
GLU C   O    doub N N 108 
GLU C   OXT  sing N N 109 
GLU CB  CG   sing N N 110 
GLU CB  HB2  sing N N 111 
GLU CB  HB3  sing N N 112 
GLU CG  CD   sing N N 113 
GLU CG  HG2  sing N N 114 
GLU CG  HG3  sing N N 115 
GLU CD  OE1  doub N N 116 
GLU CD  OE2  sing N N 117 
GLU OE2 HE2  sing N N 118 
GLU OXT HXT  sing N N 119 
GLY N   CA   sing N N 120 
GLY N   H    sing N N 121 
GLY N   H2   sing N N 122 
GLY CA  C    sing N N 123 
GLY CA  HA2  sing N N 124 
GLY CA  HA3  sing N N 125 
GLY C   O    doub N N 126 
GLY C   OXT  sing N N 127 
GLY OXT HXT  sing N N 128 
GOL C1  O1   sing N N 129 
GOL C1  C2   sing N N 130 
GOL C1  H11  sing N N 131 
GOL C1  H12  sing N N 132 
GOL O1  HO1  sing N N 133 
GOL C2  O2   sing N N 134 
GOL C2  C3   sing N N 135 
GOL C2  H2   sing N N 136 
GOL O2  HO2  sing N N 137 
GOL C3  O3   sing N N 138 
GOL C3  H31  sing N N 139 
GOL C3  H32  sing N N 140 
GOL O3  HO3  sing N N 141 
HIS N   CA   sing N N 142 
HIS N   H    sing N N 143 
HIS N   H2   sing N N 144 
HIS CA  C    sing N N 145 
HIS CA  CB   sing N N 146 
HIS CA  HA   sing N N 147 
HIS C   O    doub N N 148 
HIS C   OXT  sing N N 149 
HIS CB  CG   sing N N 150 
HIS CB  HB2  sing N N 151 
HIS CB  HB3  sing N N 152 
HIS CG  ND1  sing Y N 153 
HIS CG  CD2  doub Y N 154 
HIS ND1 CE1  doub Y N 155 
HIS ND1 HD1  sing N N 156 
HIS CD2 NE2  sing Y N 157 
HIS CD2 HD2  sing N N 158 
HIS CE1 NE2  sing Y N 159 
HIS CE1 HE1  sing N N 160 
HIS NE2 HE2  sing N N 161 
HIS OXT HXT  sing N N 162 
HOH O   H1   sing N N 163 
HOH O   H2   sing N N 164 
ILE N   CA   sing N N 165 
ILE N   H    sing N N 166 
ILE N   H2   sing N N 167 
ILE CA  C    sing N N 168 
ILE CA  CB   sing N N 169 
ILE CA  HA   sing N N 170 
ILE C   O    doub N N 171 
ILE C   OXT  sing N N 172 
ILE CB  CG1  sing N N 173 
ILE CB  CG2  sing N N 174 
ILE CB  HB   sing N N 175 
ILE CG1 CD1  sing N N 176 
ILE CG1 HG12 sing N N 177 
ILE CG1 HG13 sing N N 178 
ILE CG2 HG21 sing N N 179 
ILE CG2 HG22 sing N N 180 
ILE CG2 HG23 sing N N 181 
ILE CD1 HD11 sing N N 182 
ILE CD1 HD12 sing N N 183 
ILE CD1 HD13 sing N N 184 
ILE OXT HXT  sing N N 185 
LEU N   CA   sing N N 186 
LEU N   H    sing N N 187 
LEU N   H2   sing N N 188 
LEU CA  C    sing N N 189 
LEU CA  CB   sing N N 190 
LEU CA  HA   sing N N 191 
LEU C   O    doub N N 192 
LEU C   OXT  sing N N 193 
LEU CB  CG   sing N N 194 
LEU CB  HB2  sing N N 195 
LEU CB  HB3  sing N N 196 
LEU CG  CD1  sing N N 197 
LEU CG  CD2  sing N N 198 
LEU CG  HG   sing N N 199 
LEU CD1 HD11 sing N N 200 
LEU CD1 HD12 sing N N 201 
LEU CD1 HD13 sing N N 202 
LEU CD2 HD21 sing N N 203 
LEU CD2 HD22 sing N N 204 
LEU CD2 HD23 sing N N 205 
LEU OXT HXT  sing N N 206 
LYS N   CA   sing N N 207 
LYS N   H    sing N N 208 
LYS N   H2   sing N N 209 
LYS CA  C    sing N N 210 
LYS CA  CB   sing N N 211 
LYS CA  HA   sing N N 212 
LYS C   O    doub N N 213 
LYS C   OXT  sing N N 214 
LYS CB  CG   sing N N 215 
LYS CB  HB2  sing N N 216 
LYS CB  HB3  sing N N 217 
LYS CG  CD   sing N N 218 
LYS CG  HG2  sing N N 219 
LYS CG  HG3  sing N N 220 
LYS CD  CE   sing N N 221 
LYS CD  HD2  sing N N 222 
LYS CD  HD3  sing N N 223 
LYS CE  NZ   sing N N 224 
LYS CE  HE2  sing N N 225 
LYS CE  HE3  sing N N 226 
LYS NZ  HZ1  sing N N 227 
LYS NZ  HZ2  sing N N 228 
LYS NZ  HZ3  sing N N 229 
LYS OXT HXT  sing N N 230 
MET N   CA   sing N N 231 
MET N   H    sing N N 232 
MET N   H2   sing N N 233 
MET CA  C    sing N N 234 
MET CA  CB   sing N N 235 
MET CA  HA   sing N N 236 
MET C   O    doub N N 237 
MET C   OXT  sing N N 238 
MET CB  CG   sing N N 239 
MET CB  HB2  sing N N 240 
MET CB  HB3  sing N N 241 
MET CG  SD   sing N N 242 
MET CG  HG2  sing N N 243 
MET CG  HG3  sing N N 244 
MET SD  CE   sing N N 245 
MET CE  HE1  sing N N 246 
MET CE  HE2  sing N N 247 
MET CE  HE3  sing N N 248 
MET OXT HXT  sing N N 249 
PHE N   CA   sing N N 250 
PHE N   H    sing N N 251 
PHE N   H2   sing N N 252 
PHE CA  C    sing N N 253 
PHE CA  CB   sing N N 254 
PHE CA  HA   sing N N 255 
PHE C   O    doub N N 256 
PHE C   OXT  sing N N 257 
PHE CB  CG   sing N N 258 
PHE CB  HB2  sing N N 259 
PHE CB  HB3  sing N N 260 
PHE CG  CD1  doub Y N 261 
PHE CG  CD2  sing Y N 262 
PHE CD1 CE1  sing Y N 263 
PHE CD1 HD1  sing N N 264 
PHE CD2 CE2  doub Y N 265 
PHE CD2 HD2  sing N N 266 
PHE CE1 CZ   doub Y N 267 
PHE CE1 HE1  sing N N 268 
PHE CE2 CZ   sing Y N 269 
PHE CE2 HE2  sing N N 270 
PHE CZ  HZ   sing N N 271 
PHE OXT HXT  sing N N 272 
PRO N   CA   sing N N 273 
PRO N   CD   sing N N 274 
PRO N   H    sing N N 275 
PRO CA  C    sing N N 276 
PRO CA  CB   sing N N 277 
PRO CA  HA   sing N N 278 
PRO C   O    doub N N 279 
PRO C   OXT  sing N N 280 
PRO CB  CG   sing N N 281 
PRO CB  HB2  sing N N 282 
PRO CB  HB3  sing N N 283 
PRO CG  CD   sing N N 284 
PRO CG  HG2  sing N N 285 
PRO CG  HG3  sing N N 286 
PRO CD  HD2  sing N N 287 
PRO CD  HD3  sing N N 288 
PRO OXT HXT  sing N N 289 
SER N   CA   sing N N 290 
SER N   H    sing N N 291 
SER N   H2   sing N N 292 
SER CA  C    sing N N 293 
SER CA  CB   sing N N 294 
SER CA  HA   sing N N 295 
SER C   O    doub N N 296 
SER C   OXT  sing N N 297 
SER CB  OG   sing N N 298 
SER CB  HB2  sing N N 299 
SER CB  HB3  sing N N 300 
SER OG  HG   sing N N 301 
SER OXT HXT  sing N N 302 
SO4 S   O1   doub N N 303 
SO4 S   O2   doub N N 304 
SO4 S   O3   sing N N 305 
SO4 S   O4   sing N N 306 
THR N   CA   sing N N 307 
THR N   H    sing N N 308 
THR N   H2   sing N N 309 
THR CA  C    sing N N 310 
THR CA  CB   sing N N 311 
THR CA  HA   sing N N 312 
THR C   O    doub N N 313 
THR C   OXT  sing N N 314 
THR CB  OG1  sing N N 315 
THR CB  CG2  sing N N 316 
THR CB  HB   sing N N 317 
THR OG1 HG1  sing N N 318 
THR CG2 HG21 sing N N 319 
THR CG2 HG22 sing N N 320 
THR CG2 HG23 sing N N 321 
THR OXT HXT  sing N N 322 
TRP N   CA   sing N N 323 
TRP N   H    sing N N 324 
TRP N   H2   sing N N 325 
TRP CA  C    sing N N 326 
TRP CA  CB   sing N N 327 
TRP CA  HA   sing N N 328 
TRP C   O    doub N N 329 
TRP C   OXT  sing N N 330 
TRP CB  CG   sing N N 331 
TRP CB  HB2  sing N N 332 
TRP CB  HB3  sing N N 333 
TRP CG  CD1  doub Y N 334 
TRP CG  CD2  sing Y N 335 
TRP CD1 NE1  sing Y N 336 
TRP CD1 HD1  sing N N 337 
TRP CD2 CE2  doub Y N 338 
TRP CD2 CE3  sing Y N 339 
TRP NE1 CE2  sing Y N 340 
TRP NE1 HE1  sing N N 341 
TRP CE2 CZ2  sing Y N 342 
TRP CE3 CZ3  doub Y N 343 
TRP CE3 HE3  sing N N 344 
TRP CZ2 CH2  doub Y N 345 
TRP CZ2 HZ2  sing N N 346 
TRP CZ3 CH2  sing Y N 347 
TRP CZ3 HZ3  sing N N 348 
TRP CH2 HH2  sing N N 349 
TRP OXT HXT  sing N N 350 
TYR N   CA   sing N N 351 
TYR N   H    sing N N 352 
TYR N   H2   sing N N 353 
TYR CA  C    sing N N 354 
TYR CA  CB   sing N N 355 
TYR CA  HA   sing N N 356 
TYR C   O    doub N N 357 
TYR C   OXT  sing N N 358 
TYR CB  CG   sing N N 359 
TYR CB  HB2  sing N N 360 
TYR CB  HB3  sing N N 361 
TYR CG  CD1  doub Y N 362 
TYR CG  CD2  sing Y N 363 
TYR CD1 CE1  sing Y N 364 
TYR CD1 HD1  sing N N 365 
TYR CD2 CE2  doub Y N 366 
TYR CD2 HD2  sing N N 367 
TYR CE1 CZ   doub Y N 368 
TYR CE1 HE1  sing N N 369 
TYR CE2 CZ   sing Y N 370 
TYR CE2 HE2  sing N N 371 
TYR CZ  OH   sing N N 372 
TYR OH  HH   sing N N 373 
TYR OXT HXT  sing N N 374 
VAL N   CA   sing N N 375 
VAL N   H    sing N N 376 
VAL N   H2   sing N N 377 
VAL CA  C    sing N N 378 
VAL CA  CB   sing N N 379 
VAL CA  HA   sing N N 380 
VAL C   O    doub N N 381 
VAL C   OXT  sing N N 382 
VAL CB  CG1  sing N N 383 
VAL CB  CG2  sing N N 384 
VAL CB  HB   sing N N 385 
VAL CG1 HG11 sing N N 386 
VAL CG1 HG12 sing N N 387 
VAL CG1 HG13 sing N N 388 
VAL CG2 HG21 sing N N 389 
VAL CG2 HG22 sing N N 390 
VAL CG2 HG23 sing N N 391 
VAL OXT HXT  sing N N 392 
# 
loop_
_pdbx_entity_nonpoly.entity_id 
_pdbx_entity_nonpoly.name 
_pdbx_entity_nonpoly.comp_id 
2 'SULFATE ION' SO4 
3 GLYCEROL      GOL 
4 water         HOH 
# 
_pdbx_initial_refinement_model.id               1 
_pdbx_initial_refinement_model.entity_id_list   ? 
_pdbx_initial_refinement_model.type             'experimental model' 
_pdbx_initial_refinement_model.source_name      PDB 
_pdbx_initial_refinement_model.accession_code   2EWF 
_pdbx_initial_refinement_model.details          'PDB ENTRY 2ewf' 
# 
